data_2HLO
#
_entry.id   2HLO
#
_cell.length_a   54.690
_cell.length_b   149.480
_cell.length_c   232.930
_cell.angle_alpha   90.00
_cell.angle_beta   90.00
_cell.angle_gamma   90.00
#
_symmetry.space_group_name_H-M   'P 21 21 21'
#
loop_
_entity.id
_entity.type
_entity.pdbx_description
1 polymer 'Fibrinogen alpha chain'
2 polymer 'Fibrinogen beta chain'
3 polymer 'Isoform Gamma-A of Fibrinogen gamma chain'
4 polymer 'GLY-HYP-ARG-PRO-AMIDE PEPTIDE LIGAND'
5 branched 2-acetamido-2-deoxy-beta-D-glucopyranose-(1-4)-2-acetamido-2-deoxy-beta-D-glucopyranose
6 branched 2-acetamido-2-deoxy-alpha-D-glucopyranose-(1-4)-2-acetamido-2-deoxy-beta-D-glucopyranose
7 non-polymer 'CALCIUM ION'
8 water water
#
loop_
_entity_poly.entity_id
_entity_poly.type
_entity_poly.pdbx_seq_one_letter_code
_entity_poly.pdbx_strand_id
1 'polypeptide(L)'
;VSEDLRSRIEVLKRKVIEKVQHIQLLQKNVRAQLVDMKRLEVDIDIKIRSCRGSCSRALAREVDLKDYEDQQKQLEQVIA
KDLLPSR
;
A,D
2 'polypeptide(L)'
;DNENVVNEYSSELEKHQLYIDETVNSNIPTNLRVLRSILENLRSKIQKLESDVSAQMEYCRTPCTVSCNIPVVSGKECEE
IIRKGGETSEMYLIQPDSSVKPYRVYCDMNTENGGWTVIQNRQDGSVDFGRKWDPYKQGFGNVATNTDGKNYCGLPGEYW
LGNDKISQLTRMGPTELLIEMEDWKGDKVKAHYGGFTVQNEANKYQISVNKYRGTAGNALMDGASQLMGENRTMTIHNGM
FFSTYDRDNDGWLTSDPRKQCSKEDGGGWWYNRCHAANPNGRYYWGGQYTWDMAKHGTDDGVVWMNWKGSWYSMRKMSMK
IRPFFPQQ
;
B,E
3 'polypeptide(L)'
;KMLEEIMKYEASILTHDSSIRYLQEIYNSNNQKIVNLKEKVAQLEAQCQEPCKDTVQIHDITGKDCQDIANKGAKQSGLY
FIKPLKANQQFLVYCEIDGSGNGWTVFQKRLDGSVDFKKNWIQYKEGFGHLSPTGTTEFWLGNEKIHLISTQSAIPYALR
VELEDWNGRTSTADYAMFKVGPEADKYRLTYAYFAGGDAGDAFDGFDFGDDPSDKFFTSHNGMQFSTWDNDNDKFEGNCA
EQDGSGWWMNKCHAGHLNGVYYQGGTYSKASTPNGYDNGIIWATWKTRWYSMKKTTMKIIPFNRLTIGEGQQHHLGGAKQ
AGDV
;
C,F
4 'polypeptide(L)' G(HYP)RP(NH2) G,H
#
loop_
_chem_comp.id
_chem_comp.type
_chem_comp.name
_chem_comp.formula
CA non-polymer 'CALCIUM ION' 'Ca 2'
NAG D-saccharide, beta linking 2-acetamido-2-deoxy-beta-D-glucopyranose 'C8 H15 N O6'
NDG D-saccharide, alpha linking 2-acetamido-2-deoxy-alpha-D-glucopyranose 'C8 H15 N O6'
NH2 non-polymer 'AMINO GROUP' 'H2 N'
#
# COMPACT_ATOMS: atom_id res chain seq x y z
N VAL A 16 -51.86 37.33 93.95
CA VAL A 16 -50.98 36.64 94.93
C VAL A 16 -50.12 35.57 94.26
N ILE A 17 -50.66 34.95 93.21
CA ILE A 17 -49.95 33.91 92.47
C ILE A 17 -48.58 34.35 92.00
N GLU A 18 -47.95 33.50 91.18
CA GLU A 18 -46.63 33.78 90.65
C GLU A 18 -46.25 32.71 89.63
N LYS A 19 -47.26 32.02 89.12
CA LYS A 19 -47.03 30.95 88.15
C LYS A 19 -47.63 31.21 86.76
N VAL A 20 -48.85 31.74 86.72
CA VAL A 20 -49.52 31.99 85.45
C VAL A 20 -48.80 32.93 84.48
N GLN A 21 -48.33 34.07 84.97
CA GLN A 21 -47.64 35.03 84.12
C GLN A 21 -46.40 34.42 83.45
N HIS A 22 -45.83 33.40 84.08
CA HIS A 22 -44.65 32.71 83.56
C HIS A 22 -45.11 31.64 82.58
N ILE A 23 -46.16 30.93 82.96
CA ILE A 23 -46.72 29.87 82.10
C ILE A 23 -47.10 30.43 80.73
N GLN A 24 -48.01 31.39 80.72
CA GLN A 24 -48.46 31.98 79.47
C GLN A 24 -47.34 32.50 78.59
N LEU A 25 -46.15 32.71 79.16
CA LEU A 25 -45.00 33.18 78.39
C LEU A 25 -44.23 31.96 77.88
N LEU A 26 -44.15 30.93 78.72
CA LEU A 26 -43.46 29.70 78.35
C LEU A 26 -44.14 29.04 77.16
N GLN A 27 -45.47 29.09 77.14
CA GLN A 27 -46.20 28.46 76.04
C GLN A 27 -46.08 29.26 74.75
N LYS A 28 -45.59 30.50 74.87
CA LYS A 28 -45.40 31.32 73.70
C LYS A 28 -44.09 30.83 73.07
N ASN A 29 -43.14 30.44 73.92
CA ASN A 29 -41.85 29.95 73.44
C ASN A 29 -41.95 28.54 72.88
N VAL A 30 -42.85 27.74 73.45
CA VAL A 30 -43.03 26.37 72.97
C VAL A 30 -43.67 26.42 71.59
N ARG A 31 -44.48 27.44 71.36
CA ARG A 31 -45.11 27.61 70.06
C ARG A 31 -44.00 27.82 69.02
N ALA A 32 -43.14 28.79 69.30
CA ALA A 32 -42.04 29.11 68.40
C ALA A 32 -41.14 27.90 68.17
N GLN A 33 -40.87 27.15 69.23
CA GLN A 33 -40.03 25.97 69.11
C GLN A 33 -40.68 24.96 68.16
N LEU A 34 -42.00 24.85 68.19
CA LEU A 34 -42.70 23.93 67.30
C LEU A 34 -42.41 24.36 65.87
N VAL A 35 -42.71 25.62 65.58
CA VAL A 35 -42.47 26.17 64.26
C VAL A 35 -41.03 25.95 63.83
N ASP A 36 -40.07 26.21 64.72
CA ASP A 36 -38.67 26.04 64.35
C ASP A 36 -38.35 24.57 64.11
N MET A 37 -39.05 23.69 64.83
CA MET A 37 -38.85 22.26 64.69
C MET A 37 -39.43 21.78 63.36
N LYS A 38 -40.55 22.37 62.97
CA LYS A 38 -41.20 22.02 61.71
C LYS A 38 -40.26 22.39 60.56
N ARG A 39 -39.75 23.62 60.59
CA ARG A 39 -38.85 24.07 59.55
C ARG A 39 -37.59 23.22 59.50
N LEU A 40 -37.08 22.87 60.67
CA LEU A 40 -35.89 22.06 60.75
C LEU A 40 -36.17 20.66 60.22
N GLU A 41 -37.29 20.08 60.63
CA GLU A 41 -37.69 18.74 60.17
C GLU A 41 -37.68 18.72 58.64
N VAL A 42 -38.27 19.74 58.03
CA VAL A 42 -38.32 19.84 56.57
C VAL A 42 -36.97 20.08 55.93
N ASP A 43 -36.17 20.97 56.52
CA ASP A 43 -34.83 21.29 55.99
C ASP A 43 -33.94 20.04 55.94
N ILE A 44 -33.95 19.27 57.01
CA ILE A 44 -33.13 18.07 57.05
C ILE A 44 -33.61 17.07 56.01
N ASP A 45 -34.91 17.07 55.74
CA ASP A 45 -35.51 16.16 54.76
C ASP A 45 -35.03 16.50 53.35
N ILE A 46 -34.93 17.78 53.06
CA ILE A 46 -34.47 18.24 51.76
C ILE A 46 -32.96 18.03 51.59
N LYS A 47 -32.19 18.39 52.62
CA LYS A 47 -30.73 18.25 52.59
C LYS A 47 -30.31 16.78 52.42
N ILE A 48 -30.96 15.88 53.14
CA ILE A 48 -30.61 14.47 53.05
C ILE A 48 -30.88 13.91 51.66
N ARG A 49 -31.96 14.37 51.03
CA ARG A 49 -32.27 13.90 49.70
C ARG A 49 -31.22 14.45 48.72
N SER A 50 -30.65 15.61 49.04
CA SER A 50 -29.62 16.26 48.20
C SER A 50 -28.34 15.42 48.06
N CYS A 51 -28.12 14.52 49.01
CA CYS A 51 -26.92 13.69 48.98
C CYS A 51 -27.04 12.53 48.02
N ARG A 52 -28.27 12.21 47.64
CA ARG A 52 -28.53 11.12 46.73
C ARG A 52 -27.71 11.27 45.45
N GLY A 53 -27.49 12.52 45.02
CA GLY A 53 -26.73 12.75 43.80
C GLY A 53 -25.25 12.96 44.05
N SER A 54 -24.82 12.77 45.29
CA SER A 54 -23.42 12.94 45.65
C SER A 54 -22.81 11.74 46.36
N CYS A 55 -23.53 11.21 47.35
CA CYS A 55 -23.05 10.08 48.13
C CYS A 55 -23.46 8.72 47.54
N SER A 56 -22.83 7.66 48.02
CA SER A 56 -23.07 6.29 47.57
C SER A 56 -24.53 5.87 47.68
N ARG A 57 -25.20 6.36 48.71
CA ARG A 57 -26.60 6.05 48.96
C ARG A 57 -27.22 7.12 49.87
N ALA A 58 -28.55 7.22 49.85
CA ALA A 58 -29.25 8.19 50.69
C ALA A 58 -30.22 7.48 51.62
N LEU A 59 -30.42 8.06 52.81
CA LEU A 59 -31.31 7.49 53.81
C LEU A 59 -32.78 7.65 53.45
N ALA A 60 -33.52 6.54 53.49
CA ALA A 60 -34.94 6.57 53.19
C ALA A 60 -35.69 7.04 54.45
N ARG A 61 -36.56 8.03 54.29
CA ARG A 61 -37.31 8.55 55.43
C ARG A 61 -38.57 9.29 55.03
N GLU A 62 -39.62 9.13 55.84
CA GLU A 62 -40.92 9.77 55.59
C GLU A 62 -41.23 10.80 56.67
N VAL A 63 -41.10 12.08 56.34
CA VAL A 63 -41.39 13.13 57.32
C VAL A 63 -42.86 13.05 57.71
N ASP A 64 -43.16 13.31 58.99
CA ASP A 64 -44.54 13.25 59.47
C ASP A 64 -45.05 14.63 59.91
N LEU A 65 -45.56 15.40 58.96
CA LEU A 65 -46.09 16.72 59.25
C LEU A 65 -47.34 16.65 60.11
N LYS A 66 -48.21 15.70 59.81
CA LYS A 66 -49.46 15.51 60.56
C LYS A 66 -49.24 15.58 62.07
N ASP A 67 -48.14 14.99 62.55
CA ASP A 67 -47.87 15.03 63.98
C ASP A 67 -47.73 16.47 64.45
N TYR A 68 -46.89 17.26 63.80
CA TYR A 68 -46.69 18.67 64.17
C TYR A 68 -48.02 19.40 64.07
N GLU A 69 -48.73 19.17 62.97
CA GLU A 69 -50.03 19.79 62.72
C GLU A 69 -50.93 19.73 63.95
N ASP A 70 -51.12 18.53 64.49
CA ASP A 70 -51.98 18.33 65.65
C ASP A 70 -51.49 19.11 66.88
N GLN A 71 -50.25 18.86 67.29
CA GLN A 71 -49.70 19.57 68.46
C GLN A 71 -49.77 21.07 68.25
N GLN A 72 -49.55 21.50 67.01
CA GLN A 72 -49.60 22.90 66.67
C GLN A 72 -51.04 23.40 66.85
N LYS A 73 -52.02 22.59 66.44
CA LYS A 73 -53.43 22.94 66.59
C LYS A 73 -53.84 22.96 68.06
N GLN A 74 -53.31 21.99 68.81
CA GLN A 74 -53.61 21.85 70.23
C GLN A 74 -53.11 23.01 71.07
N LEU A 75 -51.81 23.29 70.97
CA LEU A 75 -51.22 24.39 71.73
C LEU A 75 -51.95 25.70 71.50
N GLU A 76 -52.57 25.85 70.33
CA GLU A 76 -53.30 27.07 70.00
C GLU A 76 -54.63 27.14 70.74
N GLN A 77 -54.94 26.09 71.49
CA GLN A 77 -56.16 26.04 72.27
C GLN A 77 -55.93 26.72 73.62
N VAL A 78 -54.81 26.40 74.25
CA VAL A 78 -54.44 26.96 75.55
C VAL A 78 -54.19 28.46 75.46
N ILE A 79 -53.47 28.88 74.42
CA ILE A 79 -53.17 30.30 74.23
C ILE A 79 -54.46 31.10 74.04
N ALA A 80 -55.58 30.39 73.98
CA ALA A 80 -56.88 31.01 73.81
C ALA A 80 -57.51 31.37 75.15
N LYS A 81 -57.03 30.72 76.21
CA LYS A 81 -57.53 30.96 77.56
C LYS A 81 -57.13 32.34 78.07
N ASP A 82 -56.10 32.37 78.93
CA ASP A 82 -55.61 33.62 79.51
C ASP A 82 -54.53 34.25 78.65
N VAL B 24 -58.18 33.06 93.85
CA VAL B 24 -58.94 31.95 93.22
C VAL B 24 -58.15 30.64 93.37
N ASN B 25 -58.75 29.53 92.98
CA ASN B 25 -58.10 28.22 93.09
C ASN B 25 -57.31 27.78 91.84
N SER B 26 -56.75 26.57 91.90
CA SER B 26 -55.97 26.03 90.79
C SER B 26 -56.93 25.31 89.85
N ASN B 27 -57.75 26.10 89.14
CA ASN B 27 -58.73 25.56 88.20
C ASN B 27 -57.99 24.74 87.14
N ILE B 28 -57.52 25.42 86.10
CA ILE B 28 -56.80 24.79 85.02
C ILE B 28 -55.28 25.09 85.02
N PRO B 29 -54.80 25.91 85.97
CA PRO B 29 -53.35 26.16 85.97
C PRO B 29 -52.55 24.87 86.11
N THR B 30 -53.27 23.81 86.47
CA THR B 30 -52.66 22.48 86.65
C THR B 30 -53.03 21.61 85.45
N ASN B 31 -53.87 22.15 84.58
CA ASN B 31 -54.30 21.44 83.38
C ASN B 31 -53.27 21.59 82.26
N LEU B 32 -52.57 22.71 82.25
CA LEU B 32 -51.55 22.97 81.24
C LEU B 32 -50.36 22.04 81.40
N ARG B 33 -50.62 20.75 81.34
CA ARG B 33 -49.60 19.73 81.45
C ARG B 33 -49.45 19.17 80.04
N VAL B 34 -50.28 19.71 79.14
CA VAL B 34 -50.25 19.33 77.74
C VAL B 34 -48.99 19.99 77.21
N LEU B 35 -48.50 20.97 77.98
CA LEU B 35 -47.30 21.70 77.65
C LEU B 35 -46.11 20.74 77.84
N ARG B 36 -46.29 19.75 78.70
CA ARG B 36 -45.25 18.77 78.98
C ARG B 36 -45.13 17.72 77.87
N SER B 37 -46.25 17.31 77.28
CA SER B 37 -46.20 16.30 76.22
C SER B 37 -45.64 16.89 74.92
N ILE B 38 -45.91 18.18 74.68
CA ILE B 38 -45.40 18.86 73.49
C ILE B 38 -43.88 18.93 73.58
N LEU B 39 -43.38 19.32 74.75
CA LEU B 39 -41.95 19.42 74.97
C LEU B 39 -41.31 18.03 74.87
N GLU B 40 -41.90 17.06 75.55
CA GLU B 40 -41.39 15.69 75.55
C GLU B 40 -41.27 15.19 74.11
N ASN B 41 -42.38 15.30 73.38
CA ASN B 41 -42.44 14.86 71.99
C ASN B 41 -41.36 15.55 71.14
N LEU B 42 -41.28 16.87 71.24
CA LEU B 42 -40.28 17.61 70.49
C LEU B 42 -38.88 17.10 70.81
N ARG B 43 -38.63 16.81 72.08
CA ARG B 43 -37.33 16.30 72.48
C ARG B 43 -37.08 14.95 71.84
N SER B 44 -38.17 14.23 71.55
CA SER B 44 -38.07 12.93 70.91
C SER B 44 -37.84 13.11 69.42
N LYS B 45 -38.43 14.16 68.86
CA LYS B 45 -38.27 14.47 67.44
C LYS B 45 -36.81 14.82 67.15
N ILE B 46 -36.19 15.55 68.06
CA ILE B 46 -34.79 15.95 67.90
C ILE B 46 -33.83 14.77 67.94
N GLN B 47 -34.11 13.79 68.79
CA GLN B 47 -33.27 12.61 68.89
C GLN B 47 -33.28 11.91 67.52
N LYS B 48 -34.48 11.71 66.97
CA LYS B 48 -34.60 11.06 65.68
C LYS B 48 -33.84 11.79 64.58
N LEU B 49 -33.98 13.12 64.56
CA LEU B 49 -33.30 13.93 63.56
C LEU B 49 -31.79 13.78 63.59
N GLU B 50 -31.21 13.85 64.78
CA GLU B 50 -29.76 13.70 64.89
C GLU B 50 -29.31 12.34 64.35
N SER B 51 -30.07 11.29 64.67
CA SER B 51 -29.74 9.95 64.18
C SER B 51 -29.70 9.89 62.65
N ASP B 52 -30.69 10.49 62.01
CA ASP B 52 -30.75 10.51 60.55
C ASP B 52 -29.55 11.23 59.93
N VAL B 53 -29.28 12.44 60.40
CA VAL B 53 -28.15 13.23 59.91
C VAL B 53 -26.85 12.45 60.11
N SER B 54 -26.76 11.73 61.21
CA SER B 54 -25.57 10.93 61.50
C SER B 54 -25.43 9.76 60.52
N ALA B 55 -26.53 9.08 60.23
CA ALA B 55 -26.47 7.96 59.29
C ALA B 55 -26.12 8.47 57.88
N GLN B 56 -26.74 9.55 57.45
CA GLN B 56 -26.44 10.08 56.12
C GLN B 56 -24.98 10.46 56.04
N MET B 57 -24.44 11.01 57.12
CA MET B 57 -23.03 11.39 57.17
C MET B 57 -22.17 10.15 56.84
N GLU B 58 -22.57 9.00 57.38
CA GLU B 58 -21.84 7.75 57.11
C GLU B 58 -21.91 7.34 55.65
N TYR B 59 -23.11 7.21 55.11
CA TYR B 59 -23.27 6.83 53.71
C TYR B 59 -22.44 7.71 52.79
N CYS B 60 -22.07 8.90 53.26
CA CYS B 60 -21.29 9.81 52.43
C CYS B 60 -19.77 9.60 52.40
N ARG B 61 -19.28 8.54 53.03
CA ARG B 61 -17.85 8.27 53.02
C ARG B 61 -17.40 7.90 51.61
N THR B 62 -18.33 7.41 50.81
CA THR B 62 -18.06 7.06 49.42
C THR B 62 -19.08 7.73 48.53
N PRO B 63 -18.63 8.25 47.38
CA PRO B 63 -19.52 8.93 46.43
C PRO B 63 -20.16 7.98 45.43
N CYS B 64 -21.19 8.47 44.74
CA CYS B 64 -21.86 7.70 43.69
C CYS B 64 -20.94 7.83 42.49
N THR B 65 -21.01 6.86 41.58
CA THR B 65 -20.17 6.89 40.39
C THR B 65 -20.96 6.58 39.14
N VAL B 66 -20.41 7.00 38.01
CA VAL B 66 -21.04 6.78 36.73
C VAL B 66 -19.97 6.46 35.72
N SER B 67 -20.33 5.71 34.69
CA SER B 67 -19.41 5.36 33.62
C SER B 67 -20.10 5.76 32.34
N CYS B 68 -19.96 7.03 32.00
CA CYS B 68 -20.56 7.58 30.82
C CYS B 68 -19.57 7.54 29.67
N ASN B 69 -19.55 6.41 28.98
CA ASN B 69 -18.67 6.27 27.83
C ASN B 69 -19.19 7.26 26.81
N ILE B 70 -18.27 7.94 26.16
CA ILE B 70 -18.64 8.98 25.23
C ILE B 70 -19.03 8.56 23.83
N PRO B 71 -20.17 9.09 23.34
CA PRO B 71 -20.65 8.76 21.99
C PRO B 71 -19.64 9.29 20.96
N VAL B 72 -19.47 8.58 19.86
CA VAL B 72 -18.53 9.01 18.83
C VAL B 72 -18.98 10.30 18.17
N VAL B 73 -20.23 10.34 17.74
CA VAL B 73 -20.77 11.50 17.07
C VAL B 73 -20.71 12.74 17.97
N SER B 74 -20.29 13.86 17.40
CA SER B 74 -20.19 15.11 18.15
C SER B 74 -20.33 16.34 17.27
N GLY B 75 -20.65 17.47 17.90
CA GLY B 75 -20.83 18.71 17.17
C GLY B 75 -20.83 19.96 18.04
N LYS B 76 -21.36 21.05 17.49
CA LYS B 76 -21.44 22.33 18.19
C LYS B 76 -22.44 22.25 19.31
N GLU B 77 -23.49 21.48 19.09
CA GLU B 77 -24.55 21.31 20.07
C GLU B 77 -25.51 20.22 19.59
N CYS B 78 -26.53 19.91 20.38
CA CYS B 78 -27.47 18.84 20.05
C CYS B 78 -28.22 18.87 18.71
N GLU B 79 -28.40 20.05 18.12
CA GLU B 79 -29.10 20.14 16.83
C GLU B 79 -28.21 19.57 15.74
N GLU B 80 -26.95 20.00 15.74
CA GLU B 80 -25.97 19.55 14.76
C GLU B 80 -25.73 18.05 14.96
N ILE B 81 -25.88 17.59 16.19
CA ILE B 81 -25.66 16.19 16.45
C ILE B 81 -26.82 15.34 15.94
N ILE B 82 -28.05 15.81 16.07
CA ILE B 82 -29.14 14.98 15.57
C ILE B 82 -29.15 14.94 14.04
N ARG B 83 -28.51 15.91 13.40
CA ARG B 83 -28.42 15.92 11.94
C ARG B 83 -27.23 15.05 11.47
N LYS B 84 -26.34 14.72 12.39
CA LYS B 84 -25.20 13.88 12.09
C LYS B 84 -25.51 12.44 12.46
N GLY B 85 -26.78 12.11 12.63
CA GLY B 85 -27.14 10.74 12.95
C GLY B 85 -27.40 10.34 14.40
N GLY B 86 -27.12 11.21 15.36
CA GLY B 86 -27.36 10.87 16.76
C GLY B 86 -28.86 10.83 17.04
N GLU B 87 -29.43 9.62 17.05
CA GLU B 87 -30.87 9.46 17.25
C GLU B 87 -31.36 9.24 18.68
N THR B 88 -30.53 8.68 19.55
CA THR B 88 -30.96 8.43 20.91
C THR B 88 -30.61 9.51 21.94
N SER B 89 -31.56 9.77 22.85
CA SER B 89 -31.38 10.75 23.91
C SER B 89 -30.40 10.21 24.93
N GLU B 90 -29.32 10.95 25.15
CA GLU B 90 -28.30 10.54 26.10
C GLU B 90 -27.30 11.66 26.25
N MET B 91 -26.23 11.38 26.98
CA MET B 91 -25.19 12.35 27.19
C MET B 91 -24.23 12.41 26.01
N TYR B 92 -23.93 13.63 25.56
CA TYR B 92 -23.02 13.86 24.44
C TYR B 92 -21.95 14.89 24.81
N LEU B 93 -20.89 14.89 24.03
CA LEU B 93 -19.78 15.82 24.22
C LEU B 93 -19.93 16.85 23.10
N ILE B 94 -19.99 18.13 23.44
CA ILE B 94 -20.12 19.13 22.40
C ILE B 94 -19.02 20.17 22.47
N GLN B 95 -18.81 20.87 21.36
CA GLN B 95 -17.82 21.91 21.31
C GLN B 95 -18.42 23.06 20.50
N PRO B 96 -19.10 23.99 21.19
CA PRO B 96 -19.73 25.16 20.56
C PRO B 96 -18.78 25.97 19.71
N ASP B 97 -17.54 26.11 20.19
CA ASP B 97 -16.54 26.90 19.48
C ASP B 97 -15.17 26.25 19.57
N SER B 98 -14.31 26.59 18.61
CA SER B 98 -12.96 26.06 18.56
C SER B 98 -12.11 26.48 19.76
N SER B 99 -12.48 27.58 20.41
CA SER B 99 -11.73 28.08 21.56
C SER B 99 -12.24 27.56 22.90
N VAL B 100 -13.37 26.84 22.89
CA VAL B 100 -13.93 26.29 24.13
C VAL B 100 -13.55 24.83 24.30
N LYS B 101 -13.31 24.42 25.54
CA LYS B 101 -12.96 23.04 25.84
C LYS B 101 -14.22 22.18 25.73
N PRO B 102 -14.20 21.12 24.93
CA PRO B 102 -15.37 20.25 24.77
C PRO B 102 -15.94 19.84 26.11
N TYR B 103 -17.25 19.92 26.25
CA TYR B 103 -17.89 19.56 27.50
C TYR B 103 -19.11 18.67 27.34
N ARG B 104 -19.51 18.04 28.43
CA ARG B 104 -20.65 17.14 28.45
C ARG B 104 -21.98 17.83 28.69
N VAL B 105 -23.02 17.34 28.03
CA VAL B 105 -24.35 17.90 28.17
C VAL B 105 -25.37 16.81 27.81
N TYR B 106 -26.59 16.95 28.30
CA TYR B 106 -27.59 15.95 27.98
C TYR B 106 -28.45 16.44 26.82
N CYS B 107 -28.49 15.66 25.75
CA CYS B 107 -29.27 15.97 24.55
C CYS B 107 -30.60 15.20 24.54
N ASP B 108 -31.70 15.89 24.31
CA ASP B 108 -33.00 15.21 24.24
C ASP B 108 -33.37 15.13 22.78
N MET B 109 -33.34 13.91 22.25
CA MET B 109 -33.63 13.69 20.85
C MET B 109 -35.04 13.18 20.55
N ASN B 110 -35.96 13.30 21.51
CA ASN B 110 -37.31 12.80 21.29
C ASN B 110 -38.45 13.78 21.46
N THR B 111 -38.26 14.81 22.26
CA THR B 111 -39.31 15.81 22.48
C THR B 111 -39.45 16.76 21.30
N GLU B 112 -40.66 16.82 20.73
CA GLU B 112 -40.97 17.70 19.60
C GLU B 112 -39.81 17.97 18.65
N ASN B 113 -39.47 16.97 17.83
CA ASN B 113 -38.39 17.08 16.85
C ASN B 113 -36.97 16.89 17.36
N GLY B 114 -36.79 16.82 18.68
CA GLY B 114 -35.46 16.61 19.24
C GLY B 114 -34.44 17.69 18.97
N GLY B 115 -33.17 17.38 19.26
CA GLY B 115 -32.11 18.34 19.06
C GLY B 115 -32.07 19.39 20.16
N TRP B 116 -32.64 19.05 21.31
CA TRP B 116 -32.67 19.95 22.46
C TRP B 116 -31.49 19.76 23.40
N THR B 117 -30.80 20.85 23.72
CA THR B 117 -29.69 20.80 24.65
C THR B 117 -30.24 21.15 26.03
N VAL B 118 -30.22 20.18 26.94
CA VAL B 118 -30.72 20.40 28.31
C VAL B 118 -29.76 21.32 29.07
N ILE B 119 -30.33 22.35 29.67
CA ILE B 119 -29.56 23.33 30.41
C ILE B 119 -29.83 23.27 31.89
N GLN B 120 -31.03 22.83 32.24
CA GLN B 120 -31.43 22.73 33.64
C GLN B 120 -32.42 21.56 33.81
N ASN B 121 -32.31 20.83 34.91
CA ASN B 121 -33.21 19.71 35.13
C ASN B 121 -33.47 19.35 36.58
N ARG B 122 -34.75 19.15 36.90
CA ARG B 122 -35.21 18.76 38.25
C ARG B 122 -36.15 17.57 38.07
N GLN B 123 -36.06 16.58 38.96
CA GLN B 123 -36.91 15.39 38.85
C GLN B 123 -36.94 14.49 40.09
N ASP B 124 -36.06 14.73 41.06
CA ASP B 124 -36.01 13.88 42.24
C ASP B 124 -35.33 14.49 43.46
N GLY B 125 -34.99 15.77 43.40
CA GLY B 125 -34.36 16.45 44.53
C GLY B 125 -33.00 15.93 44.91
N SER B 126 -32.37 15.20 44.00
CA SER B 126 -31.05 14.62 44.27
C SER B 126 -29.87 15.57 44.32
N VAL B 127 -30.07 16.82 43.91
CA VAL B 127 -28.99 17.80 43.91
C VAL B 127 -29.37 19.11 44.57
N ASP B 128 -28.40 19.71 45.26
CA ASP B 128 -28.58 20.98 45.96
C ASP B 128 -28.57 22.12 44.96
N PHE B 129 -29.58 22.99 44.99
CA PHE B 129 -29.61 24.12 44.07
C PHE B 129 -29.37 25.46 44.74
N GLY B 130 -29.21 25.46 46.07
CA GLY B 130 -28.96 26.71 46.77
C GLY B 130 -27.47 26.95 46.81
N ARG B 131 -26.89 27.37 45.71
CA ARG B 131 -25.44 27.59 45.71
C ARG B 131 -25.06 29.03 45.41
N LYS B 132 -23.79 29.35 45.63
CA LYS B 132 -23.30 30.71 45.39
C LYS B 132 -23.15 31.06 43.93
N TRP B 133 -22.63 32.26 43.68
CA TRP B 133 -22.40 32.81 42.35
C TRP B 133 -21.45 31.95 41.50
N ASP B 134 -20.33 31.56 42.10
CA ASP B 134 -19.32 30.77 41.40
C ASP B 134 -19.84 29.43 40.85
N PRO B 135 -20.46 28.60 41.70
CA PRO B 135 -20.97 27.32 41.19
C PRO B 135 -22.00 27.51 40.06
N TYR B 136 -22.85 28.53 40.17
CA TYR B 136 -23.86 28.79 39.15
C TYR B 136 -23.23 29.26 37.85
N LYS B 137 -22.01 29.77 37.96
CA LYS B 137 -21.27 30.25 36.80
C LYS B 137 -20.54 29.10 36.11
N GLN B 138 -20.01 28.17 36.91
CA GLN B 138 -19.26 27.01 36.41
C GLN B 138 -20.18 25.85 36.05
N GLY B 139 -21.31 25.76 36.73
CA GLY B 139 -22.23 24.67 36.49
C GLY B 139 -22.04 23.65 37.59
N PHE B 140 -23.09 22.88 37.88
CA PHE B 140 -22.98 21.87 38.92
C PHE B 140 -24.07 20.82 38.74
N GLY B 141 -23.94 19.72 39.47
CA GLY B 141 -24.91 18.65 39.40
C GLY B 141 -24.50 17.54 38.47
N ASN B 142 -25.40 16.57 38.30
CA ASN B 142 -25.14 15.41 37.44
C ASN B 142 -25.79 15.51 36.09
N VAL B 143 -24.98 15.44 35.05
CA VAL B 143 -25.48 15.54 33.68
C VAL B 143 -26.26 14.30 33.29
N ALA B 144 -25.74 13.13 33.63
CA ALA B 144 -26.43 11.89 33.29
C ALA B 144 -25.98 10.71 34.10
N THR B 145 -26.85 9.71 34.19
CA THR B 145 -26.55 8.50 34.94
C THR B 145 -26.75 7.28 34.05
N ASN B 146 -26.14 6.16 34.43
CA ASN B 146 -26.23 4.93 33.65
C ASN B 146 -27.63 4.34 33.67
N THR B 147 -28.04 3.77 32.53
CA THR B 147 -29.35 3.16 32.42
C THR B 147 -29.26 1.70 32.86
N ASP B 148 -30.37 1.17 33.37
CA ASP B 148 -30.44 -0.23 33.82
C ASP B 148 -29.17 -1.07 33.56
N GLY B 149 -29.06 -1.63 32.36
CA GLY B 149 -27.90 -2.44 32.03
C GLY B 149 -27.25 -2.09 30.70
N LYS B 150 -26.71 -0.88 30.61
CA LYS B 150 -26.06 -0.39 29.40
C LYS B 150 -24.72 0.25 29.72
N ASN B 151 -23.90 0.47 28.70
CA ASN B 151 -22.58 1.08 28.91
C ASN B 151 -22.58 2.58 28.66
N TYR B 152 -23.75 3.16 28.40
CA TYR B 152 -23.84 4.59 28.17
C TYR B 152 -24.86 5.19 29.13
N CYS B 153 -24.77 6.50 29.34
CA CYS B 153 -25.67 7.21 30.24
C CYS B 153 -26.84 7.79 29.47
N GLY B 154 -27.98 7.10 29.54
CA GLY B 154 -29.18 7.54 28.83
C GLY B 154 -30.24 8.19 29.71
N LEU B 155 -29.90 8.41 30.98
CA LEU B 155 -30.84 9.07 31.90
C LEU B 155 -30.25 10.40 32.35
N PRO B 156 -31.02 11.48 32.21
CA PRO B 156 -30.49 12.77 32.63
C PRO B 156 -30.55 12.86 34.14
N GLY B 157 -29.61 13.55 34.75
CA GLY B 157 -29.64 13.72 36.19
C GLY B 157 -30.13 15.12 36.46
N GLU B 158 -29.88 15.63 37.67
CA GLU B 158 -30.28 16.99 37.98
C GLU B 158 -29.05 17.85 37.81
N TYR B 159 -29.18 18.99 37.16
CA TYR B 159 -28.04 19.86 36.97
C TYR B 159 -28.32 21.23 36.41
N TRP B 160 -27.33 22.10 36.56
CA TRP B 160 -27.40 23.45 36.03
C TRP B 160 -26.12 23.53 35.20
N LEU B 161 -26.28 23.67 33.90
CA LEU B 161 -25.17 23.70 32.95
C LEU B 161 -24.08 24.72 33.23
N GLY B 162 -24.48 25.91 33.70
CA GLY B 162 -23.50 26.94 33.99
C GLY B 162 -23.76 28.19 33.17
N ASN B 163 -23.72 29.34 33.82
CA ASN B 163 -23.97 30.62 33.16
C ASN B 163 -23.01 30.98 32.02
N ASP B 164 -21.71 30.76 32.18
CA ASP B 164 -20.82 31.09 31.07
C ASP B 164 -21.17 30.29 29.83
N LYS B 165 -21.41 29.00 30.02
CA LYS B 165 -21.76 28.12 28.92
C LYS B 165 -23.13 28.44 28.31
N ILE B 166 -24.14 28.68 29.16
CA ILE B 166 -25.47 28.98 28.65
C ILE B 166 -25.41 30.27 27.83
N SER B 167 -24.71 31.27 28.37
CA SER B 167 -24.55 32.55 27.70
C SER B 167 -23.95 32.37 26.31
N GLN B 168 -22.81 31.70 26.23
CA GLN B 168 -22.15 31.51 24.96
C GLN B 168 -23.04 30.76 23.96
N LEU B 169 -23.80 29.78 24.42
CA LEU B 169 -24.68 29.00 23.54
C LEU B 169 -25.82 29.82 22.93
N THR B 170 -26.44 30.68 23.73
CA THR B 170 -27.55 31.48 23.24
C THR B 170 -27.11 32.63 22.34
N ARG B 171 -25.81 32.92 22.32
CA ARG B 171 -25.30 34.00 21.49
C ARG B 171 -24.68 33.56 20.18
N MET B 172 -24.69 32.26 19.90
CA MET B 172 -24.13 31.77 18.65
C MET B 172 -25.07 32.14 17.48
N GLY B 173 -26.32 32.42 17.82
CA GLY B 173 -27.32 32.78 16.83
C GLY B 173 -28.69 32.64 17.46
N PRO B 174 -29.78 32.95 16.74
CA PRO B 174 -31.14 32.83 17.30
C PRO B 174 -31.33 31.49 18.02
N THR B 175 -31.84 31.56 19.26
CA THR B 175 -32.03 30.39 20.10
C THR B 175 -33.40 30.36 20.81
N GLU B 176 -34.06 29.21 20.82
CA GLU B 176 -35.34 29.09 21.50
C GLU B 176 -35.22 28.31 22.80
N LEU B 177 -36.21 28.46 23.66
CA LEU B 177 -36.24 27.83 24.97
C LEU B 177 -37.53 27.07 25.24
N LEU B 178 -37.41 25.87 25.79
CA LEU B 178 -38.58 25.07 26.13
C LEU B 178 -38.52 24.68 27.60
N ILE B 179 -39.57 25.01 28.34
CA ILE B 179 -39.64 24.68 29.75
C ILE B 179 -40.82 23.75 29.98
N GLU B 180 -40.54 22.56 30.51
CA GLU B 180 -41.57 21.56 30.78
C GLU B 180 -41.61 21.33 32.28
N MET B 181 -42.77 20.97 32.79
CA MET B 181 -42.93 20.73 34.22
C MET B 181 -44.08 19.77 34.47
N GLU B 182 -44.01 19.08 35.61
CA GLU B 182 -45.01 18.10 35.96
C GLU B 182 -45.36 18.25 37.44
N ASP B 183 -46.61 18.01 37.81
CA ASP B 183 -46.99 18.13 39.21
C ASP B 183 -47.02 16.74 39.88
N TRP B 184 -47.49 16.68 41.11
CA TRP B 184 -47.52 15.40 41.81
C TRP B 184 -48.71 14.50 41.51
N LYS B 185 -49.50 14.90 40.53
CA LYS B 185 -50.67 14.13 40.11
C LYS B 185 -50.38 13.48 38.76
N GLY B 186 -49.26 13.84 38.14
CA GLY B 186 -48.92 13.28 36.84
C GLY B 186 -49.20 14.22 35.67
N ASP B 187 -49.99 15.27 35.91
CA ASP B 187 -50.32 16.26 34.89
C ASP B 187 -49.09 17.11 34.51
N LYS B 188 -49.04 17.58 33.26
CA LYS B 188 -47.94 18.43 32.84
C LYS B 188 -48.32 19.54 31.88
N VAL B 189 -47.47 20.55 31.82
CA VAL B 189 -47.65 21.70 30.94
C VAL B 189 -46.28 22.17 30.47
N LYS B 190 -46.26 23.09 29.51
CA LYS B 190 -45.00 23.60 28.99
C LYS B 190 -45.05 25.08 28.63
N ALA B 191 -43.88 25.71 28.63
CA ALA B 191 -43.78 27.11 28.26
C ALA B 191 -42.69 27.22 27.21
N HIS B 192 -43.10 27.57 25.99
CA HIS B 192 -42.20 27.71 24.86
C HIS B 192 -41.86 29.18 24.64
N TYR B 193 -40.58 29.49 24.50
CA TYR B 193 -40.14 30.86 24.25
C TYR B 193 -39.28 30.86 22.99
N GLY B 194 -39.88 31.26 21.87
CA GLY B 194 -39.18 31.30 20.60
C GLY B 194 -37.87 32.07 20.61
N GLY B 195 -37.70 32.96 21.57
CA GLY B 195 -36.47 33.73 21.65
C GLY B 195 -35.87 33.69 23.05
N PHE B 196 -34.58 33.39 23.13
CA PHE B 196 -33.92 33.29 24.42
C PHE B 196 -32.44 33.71 24.37
N THR B 197 -32.05 34.62 25.26
CA THR B 197 -30.68 35.10 25.30
C THR B 197 -30.22 35.36 26.72
N VAL B 198 -28.93 35.13 26.97
CA VAL B 198 -28.34 35.34 28.29
C VAL B 198 -26.97 35.97 28.10
N GLN B 199 -26.86 37.25 28.45
CA GLN B 199 -25.60 37.97 28.29
C GLN B 199 -24.53 37.44 29.23
N ASN B 200 -23.29 37.84 28.99
CA ASN B 200 -22.17 37.39 29.81
C ASN B 200 -22.13 37.92 31.25
N GLU B 201 -21.06 37.59 31.97
CA GLU B 201 -20.89 37.96 33.37
C GLU B 201 -20.72 39.46 33.65
N ALA B 202 -20.05 40.18 32.76
CA ALA B 202 -19.87 41.61 32.96
C ALA B 202 -21.27 42.24 33.00
N ASN B 203 -22.18 41.65 32.24
CA ASN B 203 -23.54 42.13 32.19
C ASN B 203 -24.46 41.35 33.14
N LYS B 204 -23.87 40.63 34.09
CA LYS B 204 -24.62 39.87 35.09
C LYS B 204 -25.61 38.84 34.54
N TYR B 205 -25.28 38.23 33.42
CA TYR B 205 -26.12 37.20 32.83
C TYR B 205 -27.57 37.62 32.62
N GLN B 206 -27.77 38.91 32.34
CA GLN B 206 -29.10 39.45 32.10
C GLN B 206 -29.90 38.56 31.15
N ILE B 207 -31.17 38.34 31.45
CA ILE B 207 -31.99 37.47 30.62
C ILE B 207 -32.93 38.22 29.69
N SER B 208 -33.30 37.56 28.59
CA SER B 208 -34.22 38.12 27.60
C SER B 208 -34.98 36.97 26.93
N VAL B 209 -36.31 37.06 26.92
CA VAL B 209 -37.13 36.04 26.29
C VAL B 209 -38.33 36.64 25.56
N ASN B 210 -38.81 35.94 24.54
CA ASN B 210 -39.98 36.41 23.79
C ASN B 210 -40.65 35.29 22.98
N LYS B 211 -41.66 35.66 22.21
CA LYS B 211 -42.43 34.71 21.40
C LYS B 211 -42.88 33.50 22.22
N TYR B 212 -43.61 33.77 23.29
CA TYR B 212 -44.13 32.72 24.14
C TYR B 212 -45.31 31.97 23.53
N ARG B 213 -45.52 30.74 24.00
CA ARG B 213 -46.65 29.90 23.62
C ARG B 213 -46.61 28.65 24.47
N GLY B 214 -47.78 28.13 24.83
CA GLY B 214 -47.83 26.93 25.65
C GLY B 214 -49.06 26.70 26.52
N THR B 215 -48.91 25.89 27.56
CA THR B 215 -50.02 25.59 28.44
C THR B 215 -49.76 26.03 29.87
N ALA B 216 -48.51 26.33 30.17
CA ALA B 216 -48.18 26.84 31.51
C ALA B 216 -48.47 28.30 31.25
N GLY B 217 -48.44 29.13 32.28
CA GLY B 217 -48.69 30.54 32.01
C GLY B 217 -47.43 31.23 31.54
N ASN B 218 -47.56 32.36 30.86
CA ASN B 218 -46.38 33.07 30.40
C ASN B 218 -45.81 33.84 31.60
N ALA B 219 -45.25 33.09 32.54
CA ALA B 219 -44.69 33.67 33.76
C ALA B 219 -43.50 34.61 33.56
N LEU B 220 -42.56 34.21 32.71
CA LEU B 220 -41.37 35.01 32.50
C LEU B 220 -41.60 36.42 31.95
N MET B 221 -42.58 36.57 31.06
CA MET B 221 -42.87 37.86 30.46
C MET B 221 -44.00 38.68 31.09
N ASP B 222 -44.93 38.00 31.76
CA ASP B 222 -46.09 38.69 32.36
C ASP B 222 -46.21 38.69 33.90
N GLY B 223 -45.41 37.88 34.59
CA GLY B 223 -45.52 37.84 36.04
C GLY B 223 -46.71 37.04 36.50
N ALA B 224 -46.82 36.82 37.81
CA ALA B 224 -47.91 36.04 38.37
C ALA B 224 -49.27 36.56 37.91
N SER B 225 -50.09 35.66 37.39
CA SER B 225 -51.43 36.02 36.89
C SER B 225 -52.48 36.23 37.98
N GLN B 226 -52.16 35.92 39.23
CA GLN B 226 -53.14 36.10 40.32
C GLN B 226 -53.03 37.51 40.93
N LEU B 227 -52.05 38.29 40.46
CA LEU B 227 -51.82 39.63 40.98
C LEU B 227 -52.18 40.73 39.96
N MET B 228 -52.25 41.96 40.44
CA MET B 228 -52.57 43.11 39.59
C MET B 228 -51.57 44.24 39.86
N GLY B 229 -51.77 45.35 39.16
CA GLY B 229 -50.93 46.52 39.32
C GLY B 229 -49.44 46.28 39.34
N GLU B 230 -48.73 47.09 40.11
CA GLU B 230 -47.28 46.96 40.22
C GLU B 230 -46.92 45.70 41.01
N ASN B 231 -47.93 45.07 41.61
CA ASN B 231 -47.71 43.84 42.37
C ASN B 231 -47.36 42.73 41.40
N ARG B 232 -47.99 42.75 40.21
CA ARG B 232 -47.72 41.74 39.19
C ARG B 232 -46.50 42.08 38.37
N THR B 233 -46.40 43.34 37.94
CA THR B 233 -45.28 43.75 37.12
C THR B 233 -43.95 43.61 37.85
N MET B 234 -43.99 43.46 39.17
CA MET B 234 -42.74 43.28 39.91
C MET B 234 -42.30 41.81 39.98
N THR B 235 -43.12 40.92 39.42
CA THR B 235 -42.79 39.49 39.38
C THR B 235 -42.48 39.03 37.95
N ILE B 236 -42.06 39.96 37.09
CA ILE B 236 -41.70 39.67 35.71
C ILE B 236 -40.20 39.39 35.66
N HIS B 237 -39.81 38.35 34.94
CA HIS B 237 -38.41 37.93 34.86
C HIS B 237 -37.65 38.48 33.68
N ASN B 238 -38.34 38.64 32.56
CA ASN B 238 -37.73 39.17 31.37
C ASN B 238 -36.98 40.49 31.67
N GLY B 239 -35.70 40.57 31.33
CA GLY B 239 -34.94 41.78 31.57
C GLY B 239 -34.17 41.82 32.89
N MET B 240 -34.43 40.87 33.78
CA MET B 240 -33.76 40.81 35.09
C MET B 240 -32.33 40.31 35.04
N PHE B 241 -31.57 40.65 36.08
CA PHE B 241 -30.17 40.21 36.20
C PHE B 241 -30.21 38.92 37.01
N PHE B 242 -29.11 38.17 37.02
CA PHE B 242 -29.05 36.92 37.78
C PHE B 242 -28.61 37.20 39.22
N SER B 243 -29.28 36.59 40.19
CA SER B 243 -28.93 36.76 41.60
C SER B 243 -28.71 35.45 42.36
N THR B 244 -27.86 35.52 43.38
CA THR B 244 -27.55 34.40 44.24
C THR B 244 -27.48 34.96 45.64
N TYR B 245 -27.73 34.13 46.64
CA TYR B 245 -27.72 34.62 48.01
C TYR B 245 -26.41 35.27 48.47
N ASP B 246 -25.40 35.31 47.62
CA ASP B 246 -24.13 35.92 47.98
C ASP B 246 -23.77 37.00 46.96
N ARG B 247 -24.71 37.31 46.07
CA ARG B 247 -24.51 38.34 45.06
C ARG B 247 -25.88 38.86 44.67
N ASP B 248 -26.26 39.98 45.27
CA ASP B 248 -27.55 40.61 45.06
C ASP B 248 -27.62 41.51 43.81
N ASN B 249 -28.55 41.18 42.91
CA ASN B 249 -28.75 41.97 41.69
C ASN B 249 -30.23 41.98 41.35
N ASP B 250 -31.06 41.73 42.36
CA ASP B 250 -32.50 41.71 42.15
C ASP B 250 -33.08 43.11 41.96
N GLY B 251 -34.39 43.18 41.74
CA GLY B 251 -35.04 44.46 41.53
C GLY B 251 -35.53 45.11 42.81
N TRP B 252 -35.34 44.43 43.93
CA TRP B 252 -35.77 44.92 45.23
C TRP B 252 -34.73 45.91 45.75
N LEU B 253 -34.74 47.12 45.20
CA LEU B 253 -33.79 48.16 45.61
C LEU B 253 -34.05 48.61 47.05
N THR B 254 -33.05 48.41 47.91
CA THR B 254 -33.17 48.81 49.31
C THR B 254 -31.86 48.67 50.07
N SER B 255 -31.76 49.37 51.19
CA SER B 255 -30.56 49.33 52.01
C SER B 255 -30.53 48.10 52.91
N ASP B 256 -31.65 47.84 53.59
CA ASP B 256 -31.75 46.70 54.49
C ASP B 256 -31.07 45.46 53.92
N PRO B 257 -29.98 45.00 54.55
CA PRO B 257 -29.25 43.82 54.09
C PRO B 257 -30.01 42.52 54.34
N ARG B 258 -31.10 42.63 55.10
CA ARG B 258 -31.92 41.46 55.42
C ARG B 258 -33.18 41.37 54.56
N LYS B 259 -33.08 41.88 53.34
CA LYS B 259 -34.21 41.84 52.40
C LYS B 259 -33.69 41.66 50.98
N GLN B 260 -33.33 40.41 50.68
CA GLN B 260 -32.82 40.03 49.37
C GLN B 260 -33.72 38.91 48.85
N CYS B 261 -34.05 38.95 47.57
CA CYS B 261 -34.92 37.92 47.01
C CYS B 261 -34.34 36.52 47.20
N SER B 262 -33.03 36.42 47.03
CA SER B 262 -32.33 35.15 47.17
C SER B 262 -31.76 35.03 48.58
N LYS B 263 -32.43 34.25 49.42
CA LYS B 263 -32.01 34.05 50.80
C LYS B 263 -31.06 32.88 50.94
N GLU B 264 -30.66 32.62 52.17
CA GLU B 264 -29.76 31.52 52.49
C GLU B 264 -30.35 30.20 51.98
N ASP B 265 -29.63 29.53 51.08
CA ASP B 265 -30.05 28.25 50.51
C ASP B 265 -31.13 28.38 49.44
N GLY B 266 -31.38 29.61 49.00
CA GLY B 266 -32.37 29.82 47.96
C GLY B 266 -31.65 29.60 46.65
N GLY B 267 -32.38 29.35 45.58
CA GLY B 267 -31.73 29.10 44.30
C GLY B 267 -31.25 30.34 43.57
N GLY B 268 -30.39 30.13 42.58
CA GLY B 268 -29.92 31.24 41.78
C GLY B 268 -31.00 31.41 40.73
N TRP B 269 -31.31 32.65 40.35
CA TRP B 269 -32.34 32.91 39.36
C TRP B 269 -32.32 34.38 38.94
N TRP B 270 -33.16 34.71 37.98
CA TRP B 270 -33.28 36.07 37.48
C TRP B 270 -34.44 36.73 38.27
N TYR B 271 -34.22 36.92 39.56
CA TYR B 271 -35.21 37.54 40.44
C TYR B 271 -35.43 39.02 40.17
N ASN B 272 -36.66 39.45 40.36
CA ASN B 272 -37.04 40.84 40.21
C ASN B 272 -37.42 41.28 41.62
N ARG B 273 -38.69 41.13 41.98
CA ARG B 273 -39.11 41.50 43.32
C ARG B 273 -40.43 40.83 43.77
N CYS B 274 -40.45 39.50 43.82
CA CYS B 274 -39.30 38.68 43.51
C CYS B 274 -39.46 37.75 42.32
N HIS B 275 -40.58 37.02 42.25
CA HIS B 275 -40.75 36.06 41.17
C HIS B 275 -42.16 35.55 40.93
N ALA B 276 -42.36 35.01 39.73
CA ALA B 276 -43.64 34.42 39.36
C ALA B 276 -43.33 32.95 39.17
N ALA B 277 -42.04 32.68 38.98
CA ALA B 277 -41.56 31.32 38.78
C ALA B 277 -40.13 31.19 39.28
N ASN B 278 -39.76 29.98 39.65
CA ASN B 278 -38.42 29.71 40.12
C ASN B 278 -38.11 28.24 39.95
N PRO B 279 -37.50 27.88 38.81
CA PRO B 279 -37.15 26.48 38.54
C PRO B 279 -35.98 26.00 39.40
N ASN B 280 -35.22 26.93 39.96
CA ASN B 280 -34.10 26.57 40.78
C ASN B 280 -34.42 26.60 42.26
N GLY B 281 -35.72 26.54 42.58
CA GLY B 281 -36.14 26.56 43.98
C GLY B 281 -35.87 25.27 44.74
N ARG B 282 -36.25 25.26 46.02
CA ARG B 282 -36.05 24.10 46.91
C ARG B 282 -37.03 22.97 46.57
N TYR B 283 -36.52 21.75 46.50
CA TYR B 283 -37.37 20.63 46.15
C TYR B 283 -38.18 20.05 47.30
N TYR B 284 -39.38 20.60 47.50
CA TYR B 284 -40.31 20.13 48.53
C TYR B 284 -41.02 18.88 48.06
N TRP B 285 -40.90 17.81 48.82
CA TRP B 285 -41.55 16.55 48.46
C TRP B 285 -43.04 16.57 48.73
N GLY B 286 -43.83 16.23 47.71
CA GLY B 286 -45.27 16.21 47.89
C GLY B 286 -46.02 17.32 47.18
N GLY B 287 -45.34 18.44 46.94
CA GLY B 287 -45.97 19.54 46.24
C GLY B 287 -46.45 20.69 47.10
N GLN B 288 -47.54 20.46 47.82
CA GLN B 288 -48.14 21.48 48.68
C GLN B 288 -47.28 21.80 49.92
N TYR B 289 -46.84 23.05 50.05
CA TYR B 289 -46.08 23.45 51.24
C TYR B 289 -46.55 24.78 51.85
N THR B 290 -46.23 25.00 53.12
CA THR B 290 -46.64 26.21 53.84
C THR B 290 -45.49 27.11 54.27
N TRP B 291 -45.83 28.23 54.89
CA TRP B 291 -44.83 29.19 55.35
C TRP B 291 -44.03 28.69 56.55
N ASP B 292 -44.65 27.82 57.35
CA ASP B 292 -44.01 27.26 58.54
C ASP B 292 -43.11 26.08 58.21
N MET B 293 -42.96 25.82 56.92
CA MET B 293 -42.12 24.72 56.45
C MET B 293 -40.90 25.37 55.79
N ALA B 294 -41.09 26.58 55.28
CA ALA B 294 -40.06 27.33 54.61
C ALA B 294 -39.01 27.90 55.56
N LYS B 295 -37.74 27.63 55.27
CA LYS B 295 -36.63 28.11 56.10
C LYS B 295 -36.76 29.58 56.49
N HIS B 296 -37.20 30.41 55.55
CA HIS B 296 -37.34 31.84 55.84
C HIS B 296 -38.77 32.32 55.77
N GLY B 297 -39.73 31.41 55.66
CA GLY B 297 -41.12 31.83 55.59
C GLY B 297 -41.56 32.41 54.25
N THR B 298 -40.78 32.18 53.20
CA THR B 298 -41.12 32.67 51.86
C THR B 298 -41.27 31.45 50.95
N ASP B 299 -42.02 31.55 49.85
CA ASP B 299 -42.17 30.39 48.98
C ASP B 299 -40.94 30.24 48.10
N ASP B 300 -39.99 29.46 48.60
CA ASP B 300 -38.73 29.23 47.91
C ASP B 300 -38.66 27.86 47.23
N GLY B 301 -39.81 27.30 46.86
CA GLY B 301 -39.84 26.00 46.19
C GLY B 301 -39.79 26.10 44.69
N VAL B 302 -39.84 24.95 44.01
CA VAL B 302 -39.85 24.93 42.54
C VAL B 302 -41.24 25.37 42.13
N VAL B 303 -41.37 26.66 41.86
CA VAL B 303 -42.64 27.29 41.55
C VAL B 303 -42.88 27.85 40.16
N TRP B 304 -44.14 27.76 39.75
CA TRP B 304 -44.61 28.32 38.49
C TRP B 304 -46.04 28.75 38.81
N MET B 305 -46.15 29.89 39.47
CA MET B 305 -47.42 30.45 39.90
C MET B 305 -48.56 30.41 38.90
N ASN B 306 -48.29 30.83 37.66
CA ASN B 306 -49.30 30.88 36.63
C ASN B 306 -49.95 29.54 36.34
N TRP B 307 -49.55 28.50 37.06
CA TRP B 307 -50.15 27.20 36.88
C TRP B 307 -50.68 26.61 38.19
N LYS B 308 -49.81 26.41 39.17
CA LYS B 308 -50.26 25.81 40.43
C LYS B 308 -50.39 26.76 41.63
N GLY B 309 -50.08 28.04 41.45
CA GLY B 309 -50.16 28.96 42.57
C GLY B 309 -48.81 29.21 43.19
N SER B 310 -48.76 29.87 44.35
CA SER B 310 -47.49 30.19 44.98
C SER B 310 -46.92 29.22 46.01
N TRP B 311 -47.74 28.37 46.60
CA TRP B 311 -47.17 27.45 47.59
C TRP B 311 -47.21 26.00 47.12
N TYR B 312 -46.82 25.81 45.86
CA TYR B 312 -46.80 24.48 45.26
C TYR B 312 -45.47 24.23 44.51
N SER B 313 -44.79 23.16 44.88
CA SER B 313 -43.48 22.84 44.27
C SER B 313 -43.61 21.65 43.30
N MET B 314 -43.18 21.85 42.05
CA MET B 314 -43.27 20.82 41.00
C MET B 314 -42.53 19.51 41.25
N ARG B 315 -42.94 18.45 40.55
CA ARG B 315 -42.26 17.16 40.67
C ARG B 315 -41.17 17.10 39.62
N LYS B 316 -41.46 17.67 38.46
CA LYS B 316 -40.51 17.70 37.36
C LYS B 316 -40.47 19.09 36.77
N MET B 317 -39.27 19.55 36.47
CA MET B 317 -39.03 20.87 35.89
C MET B 317 -37.77 20.76 35.02
N SER B 318 -37.78 21.36 33.85
CA SER B 318 -36.61 21.30 32.96
C SER B 318 -36.54 22.47 31.98
N MET B 319 -35.32 22.77 31.54
CA MET B 319 -35.05 23.85 30.58
C MET B 319 -34.14 23.32 29.45
N LYS B 320 -34.60 23.48 28.21
CA LYS B 320 -33.87 23.01 27.03
C LYS B 320 -33.78 24.11 25.98
N ILE B 321 -32.63 24.22 25.31
CA ILE B 321 -32.48 25.24 24.28
C ILE B 321 -32.12 24.60 22.95
N ARG B 322 -32.25 25.39 21.89
CA ARG B 322 -31.99 24.90 20.55
C ARG B 322 -32.00 26.07 19.58
N PRO B 323 -31.22 25.96 18.49
CA PRO B 323 -31.19 27.03 17.49
C PRO B 323 -32.59 27.20 16.88
N PHE B 324 -32.97 28.46 16.62
CA PHE B 324 -34.27 28.78 16.05
C PHE B 324 -34.32 28.39 14.57
N PHE B 325 -33.18 28.57 13.89
CA PHE B 325 -32.98 28.26 12.46
C PHE B 325 -32.26 29.36 11.67
N PRO B 326 -32.67 30.63 11.83
CA PRO B 326 -32.06 31.77 11.12
C PRO B 326 -30.55 31.95 11.37
N THR C 15 -48.45 23.39 95.47
CA THR C 15 -47.85 24.42 94.56
C THR C 15 -47.02 23.76 93.47
N HIS C 16 -47.25 24.20 92.23
CA HIS C 16 -46.54 23.67 91.07
C HIS C 16 -45.11 24.21 91.05
N ASP C 17 -44.37 23.86 92.10
CA ASP C 17 -42.98 24.30 92.26
C ASP C 17 -42.14 23.92 91.05
N SER C 18 -41.52 22.75 91.15
CA SER C 18 -40.65 22.22 90.10
C SER C 18 -41.32 22.10 88.73
N SER C 19 -42.65 22.08 88.71
CA SER C 19 -43.36 21.96 87.44
C SER C 19 -42.83 22.95 86.41
N ILE C 20 -43.27 24.20 86.49
CA ILE C 20 -42.84 25.23 85.55
C ILE C 20 -41.31 25.34 85.49
N ARG C 21 -40.63 24.71 86.45
CA ARG C 21 -39.17 24.74 86.50
C ARG C 21 -38.61 23.62 85.63
N TYR C 22 -39.38 22.53 85.48
CA TYR C 22 -38.96 21.41 84.67
C TYR C 22 -39.20 21.72 83.20
N LEU C 23 -40.37 22.24 82.89
CA LEU C 23 -40.70 22.59 81.52
C LEU C 23 -39.74 23.63 80.96
N GLN C 24 -39.05 24.34 81.84
CA GLN C 24 -38.08 25.34 81.43
C GLN C 24 -36.76 24.65 81.08
N GLU C 25 -36.46 23.57 81.80
CA GLU C 25 -35.23 22.82 81.54
C GLU C 25 -35.36 22.15 80.18
N ILE C 26 -36.44 21.43 79.97
CA ILE C 26 -36.66 20.75 78.70
C ILE C 26 -36.57 21.76 77.55
N TYR C 27 -37.37 22.82 77.62
CA TYR C 27 -37.35 23.85 76.60
C TYR C 27 -35.94 24.35 76.32
N ASN C 28 -35.33 24.99 77.31
CA ASN C 28 -33.96 25.51 77.16
C ASN C 28 -33.02 24.46 76.62
N SER C 29 -33.22 23.21 77.05
CA SER C 29 -32.39 22.10 76.61
C SER C 29 -32.55 21.72 75.15
N ASN C 30 -33.75 21.30 74.74
CA ASN C 30 -33.88 20.91 73.35
C ASN C 30 -33.93 22.13 72.44
N ASN C 31 -33.39 23.24 72.95
CA ASN C 31 -33.30 24.48 72.20
C ASN C 31 -31.81 24.67 71.95
N GLN C 32 -31.01 23.94 72.73
CA GLN C 32 -29.56 23.98 72.61
C GLN C 32 -29.19 22.82 71.68
N LYS C 33 -30.04 21.78 71.70
CA LYS C 33 -29.85 20.61 70.86
C LYS C 33 -30.12 21.07 69.42
N ILE C 34 -31.17 21.86 69.25
CA ILE C 34 -31.53 22.38 67.93
C ILE C 34 -30.35 23.14 67.33
N VAL C 35 -29.75 24.01 68.13
CA VAL C 35 -28.59 24.77 67.66
C VAL C 35 -27.45 23.83 67.24
N ASN C 36 -27.22 22.79 68.02
CA ASN C 36 -26.16 21.84 67.70
C ASN C 36 -26.48 21.01 66.46
N LEU C 37 -27.71 20.54 66.34
CA LEU C 37 -28.13 19.74 65.19
C LEU C 37 -28.00 20.54 63.89
N LYS C 38 -28.19 21.86 63.97
CA LYS C 38 -28.07 22.70 62.79
C LYS C 38 -26.64 22.77 62.30
N GLU C 39 -25.69 22.82 63.23
CA GLU C 39 -24.28 22.87 62.86
C GLU C 39 -23.94 21.57 62.12
N LYS C 40 -24.42 20.45 62.66
CA LYS C 40 -24.19 19.14 62.06
C LYS C 40 -24.83 19.04 60.68
N VAL C 41 -25.95 19.73 60.50
CA VAL C 41 -26.63 19.72 59.20
C VAL C 41 -25.73 20.39 58.17
N ALA C 42 -25.26 21.59 58.49
CA ALA C 42 -24.37 22.33 57.60
C ALA C 42 -23.15 21.51 57.22
N GLN C 43 -22.65 20.71 58.16
CA GLN C 43 -21.48 19.89 57.86
C GLN C 43 -21.90 18.89 56.78
N LEU C 44 -23.11 18.34 56.91
CA LEU C 44 -23.62 17.39 55.94
C LEU C 44 -23.77 18.05 54.57
N GLU C 45 -24.37 19.23 54.56
CA GLU C 45 -24.56 19.94 53.30
C GLU C 45 -23.24 20.10 52.55
N ALA C 46 -22.16 20.29 53.29
CA ALA C 46 -20.84 20.47 52.70
C ALA C 46 -20.31 19.21 51.99
N GLN C 47 -20.78 18.04 52.42
CA GLN C 47 -20.33 16.79 51.80
C GLN C 47 -21.18 16.38 50.61
N CYS C 48 -22.24 17.14 50.34
CA CYS C 48 -23.13 16.81 49.23
C CYS C 48 -23.20 17.93 48.19
N GLN C 49 -22.03 18.46 47.85
CA GLN C 49 -21.93 19.53 46.86
C GLN C 49 -21.30 19.01 45.56
N GLU C 50 -20.48 17.98 45.67
CA GLU C 50 -19.83 17.40 44.51
C GLU C 50 -20.75 16.41 43.80
N PRO C 51 -20.58 16.27 42.48
CA PRO C 51 -21.37 15.36 41.64
C PRO C 51 -20.84 13.93 41.79
N CYS C 52 -21.44 12.97 41.09
CA CYS C 52 -20.96 11.58 41.15
C CYS C 52 -19.65 11.55 40.38
N LYS C 53 -18.72 10.71 40.83
CA LYS C 53 -17.43 10.59 40.17
C LYS C 53 -17.59 9.81 38.87
N ASP C 54 -17.11 10.38 37.77
CA ASP C 54 -17.19 9.72 36.47
C ASP C 54 -15.89 8.99 36.21
N THR C 55 -15.99 7.73 35.82
CA THR C 55 -14.80 6.92 35.55
C THR C 55 -14.13 7.25 34.22
N VAL C 56 -14.89 7.72 33.24
CA VAL C 56 -14.29 8.05 31.96
C VAL C 56 -13.72 9.45 31.97
N GLN C 57 -12.43 9.56 31.65
CA GLN C 57 -11.78 10.86 31.61
C GLN C 57 -10.93 10.97 30.36
N ILE C 58 -10.78 12.19 29.86
CA ILE C 58 -10.01 12.44 28.65
C ILE C 58 -8.60 12.94 29.01
N HIS C 59 -7.60 12.50 28.25
CA HIS C 59 -6.21 12.90 28.48
C HIS C 59 -5.85 14.24 27.85
N ASP C 60 -4.97 14.96 28.52
CA ASP C 60 -4.54 16.28 28.07
C ASP C 60 -3.72 16.31 26.79
N ILE C 61 -2.77 15.40 26.65
CA ILE C 61 -1.94 15.36 25.46
C ILE C 61 -2.78 15.24 24.19
N THR C 62 -2.27 15.80 23.09
CA THR C 62 -2.96 15.78 21.80
C THR C 62 -1.96 15.64 20.65
N GLY C 63 -2.45 15.57 19.41
CA GLY C 63 -1.56 15.43 18.27
C GLY C 63 -2.25 15.06 16.97
N LYS C 64 -1.45 14.74 15.95
CA LYS C 64 -1.91 14.36 14.61
C LYS C 64 -2.61 13.00 14.62
N ASP C 65 -2.05 12.07 15.39
CA ASP C 65 -2.59 10.71 15.50
C ASP C 65 -2.06 10.11 16.79
N CYS C 66 -2.49 8.88 17.07
CA CYS C 66 -2.05 8.22 18.29
C CYS C 66 -0.55 8.07 18.40
N GLN C 67 0.11 7.70 17.31
CA GLN C 67 1.55 7.52 17.33
C GLN C 67 2.24 8.83 17.70
N ASP C 68 1.68 9.95 17.25
CA ASP C 68 2.25 11.24 17.58
C ASP C 68 2.10 11.47 19.07
N ILE C 69 0.92 11.12 19.59
CA ILE C 69 0.64 11.27 21.01
C ILE C 69 1.56 10.34 21.80
N ALA C 70 1.86 9.18 21.23
CA ALA C 70 2.73 8.23 21.88
C ALA C 70 4.11 8.88 21.99
N ASN C 71 4.60 9.39 20.87
CA ASN C 71 5.92 10.03 20.83
C ASN C 71 6.08 11.24 21.75
N LYS C 72 4.98 11.75 22.27
CA LYS C 72 5.08 12.90 23.15
C LYS C 72 5.06 12.53 24.63
N GLY C 73 5.12 11.23 24.93
CA GLY C 73 5.11 10.80 26.31
C GLY C 73 3.94 9.95 26.78
N ALA C 74 2.82 10.00 26.06
CA ALA C 74 1.64 9.21 26.43
C ALA C 74 2.06 7.75 26.64
N LYS C 75 1.64 7.18 27.76
CA LYS C 75 2.01 5.82 28.10
C LYS C 75 0.84 4.86 28.23
N GLN C 76 -0.33 5.36 28.61
CA GLN C 76 -1.48 4.49 28.78
C GLN C 76 -2.55 4.58 27.69
N SER C 77 -3.23 3.48 27.44
CA SER C 77 -4.28 3.44 26.43
C SER C 77 -5.48 4.22 26.95
N GLY C 78 -6.17 4.92 26.06
CA GLY C 78 -7.33 5.69 26.48
C GLY C 78 -7.89 6.65 25.45
N LEU C 79 -8.58 7.68 25.93
CA LEU C 79 -9.19 8.67 25.06
C LEU C 79 -8.38 9.94 24.94
N TYR C 80 -8.09 10.32 23.70
CA TYR C 80 -7.33 11.53 23.41
C TYR C 80 -7.99 12.32 22.29
N PHE C 81 -7.67 13.61 22.20
CA PHE C 81 -8.22 14.42 21.12
C PHE C 81 -7.08 14.43 20.13
N ILE C 82 -7.39 14.39 18.84
CA ILE C 82 -6.37 14.45 17.81
C ILE C 82 -6.88 15.38 16.73
N LYS C 83 -5.95 15.96 15.98
CA LYS C 83 -6.33 16.85 14.90
C LYS C 83 -5.39 16.70 13.73
N PRO C 84 -5.79 15.85 12.76
CA PRO C 84 -4.96 15.63 11.58
C PRO C 84 -4.75 16.96 10.87
N LEU C 85 -3.66 17.06 10.13
CA LEU C 85 -3.31 18.28 9.40
C LEU C 85 -4.47 18.98 8.70
N LYS C 86 -5.10 18.29 7.74
CA LYS C 86 -6.20 18.87 7.00
C LYS C 86 -7.56 18.92 7.70
N ALA C 87 -7.62 18.45 8.95
CA ALA C 87 -8.88 18.47 9.69
C ALA C 87 -9.14 19.89 10.23
N ASN C 88 -10.38 20.36 10.10
CA ASN C 88 -10.74 21.70 10.56
C ASN C 88 -11.27 21.75 11.99
N GLN C 89 -11.30 20.59 12.66
CA GLN C 89 -11.80 20.50 14.02
C GLN C 89 -11.18 19.26 14.66
N GLN C 90 -11.02 19.27 15.98
CA GLN C 90 -10.43 18.12 16.65
C GLN C 90 -11.51 17.14 17.03
N PHE C 91 -11.16 15.87 17.16
CA PHE C 91 -12.12 14.86 17.55
C PHE C 91 -11.55 13.80 18.48
N LEU C 92 -12.42 13.19 19.27
CA LEU C 92 -12.02 12.18 20.23
C LEU C 92 -11.80 10.83 19.54
N VAL C 93 -10.79 10.10 20.00
CA VAL C 93 -10.47 8.79 19.46
C VAL C 93 -9.94 7.90 20.58
N TYR C 94 -9.86 6.60 20.34
CA TYR C 94 -9.34 5.66 21.32
C TYR C 94 -7.93 5.28 20.86
N CYS C 95 -6.94 5.51 21.71
CA CYS C 95 -5.57 5.17 21.35
C CYS C 95 -5.06 3.98 22.12
N GLU C 96 -4.53 3.01 21.39
CA GLU C 96 -3.99 1.81 22.00
C GLU C 96 -2.48 2.04 22.06
N ILE C 97 -1.94 2.07 23.27
CA ILE C 97 -0.52 2.30 23.45
C ILE C 97 0.13 1.21 24.30
N ASP C 98 1.11 0.53 23.71
CA ASP C 98 1.83 -0.54 24.40
C ASP C 98 3.19 -0.03 24.88
N GLY C 99 3.88 -0.85 25.66
CA GLY C 99 5.18 -0.44 26.20
C GLY C 99 6.31 -0.20 25.21
N SER C 100 6.20 -0.77 24.01
CA SER C 100 7.22 -0.60 22.99
C SER C 100 7.23 0.80 22.37
N GLY C 101 6.25 1.62 22.70
CA GLY C 101 6.19 2.97 22.17
C GLY C 101 5.33 3.11 20.93
N ASN C 102 4.56 2.07 20.61
CA ASN C 102 3.67 2.09 19.44
C ASN C 102 2.27 2.54 19.82
N GLY C 103 1.76 3.52 19.07
CA GLY C 103 0.43 4.01 19.34
C GLY C 103 -0.50 3.76 18.18
N TRP C 104 -1.55 2.96 18.42
CA TRP C 104 -2.52 2.66 17.37
C TRP C 104 -3.77 3.53 17.44
N THR C 105 -4.30 3.88 16.28
CA THR C 105 -5.53 4.66 16.25
C THR C 105 -6.64 3.72 15.75
N VAL C 106 -7.45 3.24 16.68
CA VAL C 106 -8.53 2.32 16.41
C VAL C 106 -9.76 2.98 15.80
N PHE C 107 -10.31 2.39 14.74
CA PHE C 107 -11.49 2.99 14.12
C PHE C 107 -12.71 2.05 14.05
N GLN C 108 -12.56 0.82 14.49
CA GLN C 108 -13.69 -0.11 14.49
C GLN C 108 -13.54 -1.16 15.59
N LYS C 109 -14.63 -1.42 16.32
CA LYS C 109 -14.63 -2.41 17.39
C LYS C 109 -15.96 -3.17 17.54
N ARG C 110 -15.87 -4.49 17.67
CA ARG C 110 -17.04 -5.34 17.88
C ARG C 110 -16.62 -6.30 18.99
N LEU C 111 -17.51 -6.54 19.96
CA LEU C 111 -17.20 -7.43 21.08
C LEU C 111 -18.40 -7.94 21.90
N ASP C 112 -19.60 -7.63 21.41
CA ASP C 112 -20.86 -8.03 22.03
C ASP C 112 -21.88 -7.30 21.17
N GLY C 113 -22.94 -7.96 20.75
CA GLY C 113 -23.88 -7.26 19.87
C GLY C 113 -24.71 -6.12 20.47
N SER C 114 -24.07 -5.25 21.23
CA SER C 114 -24.78 -4.14 21.89
C SER C 114 -25.11 -2.93 21.02
N VAL C 115 -24.39 -2.74 19.93
CA VAL C 115 -24.64 -1.61 19.07
C VAL C 115 -25.14 -2.08 17.71
N ASP C 116 -26.08 -1.34 17.14
CA ASP C 116 -26.63 -1.70 15.83
C ASP C 116 -25.79 -1.12 14.69
N PHE C 117 -25.32 -1.98 13.80
CA PHE C 117 -24.51 -1.53 12.69
C PHE C 117 -25.26 -1.37 11.39
N LYS C 118 -26.58 -1.46 11.45
CA LYS C 118 -27.40 -1.28 10.25
C LYS C 118 -27.65 0.23 10.22
N LYS C 119 -26.67 0.99 9.78
CA LYS C 119 -26.78 2.44 9.74
C LYS C 119 -26.78 3.02 8.34
N ASN C 120 -27.17 4.28 8.22
CA ASN C 120 -27.22 4.94 6.92
C ASN C 120 -25.92 5.67 6.60
N TRP C 121 -25.85 6.22 5.39
CA TRP C 121 -24.67 6.92 4.91
C TRP C 121 -24.12 7.99 5.85
N ILE C 122 -24.97 8.91 6.29
CA ILE C 122 -24.48 9.96 7.18
C ILE C 122 -23.92 9.42 8.48
N GLN C 123 -24.55 8.38 9.03
CA GLN C 123 -24.06 7.82 10.28
C GLN C 123 -22.70 7.17 10.12
N TYR C 124 -22.47 6.44 9.02
CA TYR C 124 -21.18 5.80 8.83
C TYR C 124 -20.12 6.85 8.52
N LYS C 125 -20.57 8.02 8.12
CA LYS C 125 -19.69 9.12 7.79
C LYS C 125 -19.21 9.84 9.04
N GLU C 126 -20.17 10.18 9.90
CA GLU C 126 -19.88 10.91 11.12
C GLU C 126 -19.45 10.00 12.27
N GLY C 127 -19.82 8.73 12.18
CA GLY C 127 -19.47 7.78 13.22
C GLY C 127 -20.64 7.50 14.15
N PHE C 128 -20.56 6.39 14.89
CA PHE C 128 -21.59 6.03 15.83
C PHE C 128 -21.06 5.02 16.83
N GLY C 129 -21.79 4.80 17.93
CA GLY C 129 -21.33 3.89 18.96
C GLY C 129 -20.72 4.72 20.09
N HIS C 130 -19.96 4.10 20.98
CA HIS C 130 -19.33 4.84 22.08
C HIS C 130 -17.85 4.51 22.25
N LEU C 131 -17.10 5.47 22.80
CA LEU C 131 -15.67 5.32 23.06
C LEU C 131 -15.46 5.15 24.56
N SER C 132 -14.71 4.14 24.96
CA SER C 132 -14.46 3.92 26.38
C SER C 132 -12.97 3.99 26.64
N PRO C 133 -12.57 4.33 27.88
CA PRO C 133 -11.15 4.43 28.21
C PRO C 133 -10.55 3.03 28.35
N THR C 134 -11.44 2.06 28.52
CA THR C 134 -11.04 0.67 28.69
C THR C 134 -11.10 -0.14 27.40
N GLY C 135 -11.57 0.48 26.33
CA GLY C 135 -11.68 -0.23 25.07
C GLY C 135 -12.64 -1.39 25.19
N THR C 136 -13.74 -1.20 25.90
CA THR C 136 -14.72 -2.24 26.10
C THR C 136 -16.06 -1.93 25.44
N THR C 137 -16.05 -1.02 24.48
CA THR C 137 -17.28 -0.63 23.82
C THR C 137 -17.23 -0.74 22.30
N GLU C 138 -18.38 -0.99 21.68
CA GLU C 138 -18.46 -1.12 20.23
C GLU C 138 -18.64 0.24 19.58
N PHE C 139 -18.03 0.41 18.41
CA PHE C 139 -18.14 1.67 17.69
C PHE C 139 -17.53 1.66 16.29
N TRP C 140 -17.85 2.71 15.57
CA TRP C 140 -17.34 2.94 14.23
C TRP C 140 -16.97 4.42 14.19
N LEU C 141 -15.68 4.73 14.21
CA LEU C 141 -15.25 6.12 14.12
C LEU C 141 -15.69 6.38 12.70
N GLY C 142 -16.11 7.58 12.37
CA GLY C 142 -16.57 7.81 11.00
C GLY C 142 -15.60 7.71 9.82
N ASN C 143 -16.17 7.58 8.62
CA ASN C 143 -15.38 7.49 7.41
C ASN C 143 -14.59 8.78 7.17
N GLU C 144 -15.21 9.90 7.52
CA GLU C 144 -14.58 11.21 7.34
C GLU C 144 -13.30 11.32 8.15
N LYS C 145 -13.35 10.82 9.38
CA LYS C 145 -12.18 10.84 10.25
C LYS C 145 -11.12 9.84 9.77
N ILE C 146 -11.55 8.65 9.37
CA ILE C 146 -10.62 7.64 8.90
C ILE C 146 -9.89 8.15 7.67
N HIS C 147 -10.57 8.98 6.89
CA HIS C 147 -9.97 9.57 5.70
C HIS C 147 -8.93 10.61 6.08
N LEU C 148 -9.32 11.54 6.94
CA LEU C 148 -8.43 12.61 7.40
C LEU C 148 -7.16 12.07 8.04
N ILE C 149 -7.30 10.99 8.80
CA ILE C 149 -6.15 10.42 9.46
C ILE C 149 -5.16 9.75 8.50
N SER C 150 -5.68 8.91 7.61
CA SER C 150 -4.84 8.16 6.68
C SER C 150 -4.29 8.89 5.45
N THR C 151 -4.73 10.11 5.22
CA THR C 151 -4.23 10.85 4.05
C THR C 151 -3.70 12.22 4.44
N GLN C 152 -3.54 12.45 5.75
CA GLN C 152 -3.07 13.74 6.23
C GLN C 152 -1.72 14.17 5.68
N SER C 153 -0.86 13.20 5.38
CA SER C 153 0.46 13.52 4.82
C SER C 153 0.87 12.41 3.86
N ALA C 154 2.15 12.41 3.48
CA ALA C 154 2.66 11.40 2.57
C ALA C 154 2.99 10.12 3.33
N ILE C 155 3.39 10.27 4.58
CA ILE C 155 3.73 9.14 5.43
C ILE C 155 2.66 8.05 5.33
N PRO C 156 3.02 6.89 4.77
CA PRO C 156 2.10 5.78 4.60
C PRO C 156 1.68 5.08 5.89
N TYR C 157 0.41 4.71 5.97
CA TYR C 157 -0.16 4.02 7.13
C TYR C 157 -0.43 2.55 6.83
N ALA C 158 -0.36 1.72 7.86
CA ALA C 158 -0.64 0.29 7.74
C ALA C 158 -1.96 0.01 8.47
N LEU C 159 -2.65 -1.05 8.05
CA LEU C 159 -3.91 -1.42 8.67
C LEU C 159 -3.82 -2.81 9.26
N ARG C 160 -4.26 -2.98 10.51
CA ARG C 160 -4.26 -4.28 11.15
C ARG C 160 -5.68 -4.65 11.58
N VAL C 161 -6.11 -5.83 11.15
CA VAL C 161 -7.43 -6.34 11.51
C VAL C 161 -7.23 -7.45 12.52
N GLU C 162 -7.85 -7.33 13.70
CA GLU C 162 -7.73 -8.38 14.72
C GLU C 162 -9.06 -9.09 14.91
N LEU C 163 -9.01 -10.42 14.99
CA LEU C 163 -10.22 -11.22 15.15
C LEU C 163 -10.11 -12.24 16.27
N GLU C 164 -11.23 -12.48 16.93
CA GLU C 164 -11.28 -13.46 18.01
C GLU C 164 -12.51 -14.31 17.81
N ASP C 165 -12.36 -15.63 17.88
CA ASP C 165 -13.49 -16.51 17.68
C ASP C 165 -14.14 -16.86 19.01
N TRP C 166 -15.13 -17.73 18.99
CA TRP C 166 -15.81 -18.09 20.22
C TRP C 166 -15.08 -19.14 21.06
N ASN C 167 -13.78 -19.29 20.84
CA ASN C 167 -12.98 -20.23 21.60
C ASN C 167 -11.64 -19.63 21.99
N GLY C 168 -11.63 -18.34 22.27
CA GLY C 168 -10.41 -17.66 22.68
C GLY C 168 -9.31 -17.45 21.65
N ARG C 169 -9.40 -18.09 20.50
CA ARG C 169 -8.37 -17.94 19.48
C ARG C 169 -8.43 -16.59 18.74
N THR C 170 -7.26 -15.98 18.57
CA THR C 170 -7.17 -14.71 17.88
C THR C 170 -6.30 -14.83 16.63
N SER C 171 -6.54 -13.96 15.66
CA SER C 171 -5.76 -13.98 14.43
C SER C 171 -5.67 -12.53 13.94
N THR C 172 -4.77 -12.27 13.00
CA THR C 172 -4.61 -10.91 12.49
C THR C 172 -4.42 -10.89 10.99
N ALA C 173 -4.53 -9.70 10.42
CA ALA C 173 -4.36 -9.47 8.99
C ALA C 173 -3.82 -8.05 8.83
N ASP C 174 -2.72 -7.90 8.10
CA ASP C 174 -2.10 -6.59 7.90
C ASP C 174 -2.04 -6.15 6.44
N TYR C 175 -2.32 -4.88 6.20
CA TYR C 175 -2.27 -4.32 4.86
C TYR C 175 -1.42 -3.05 4.89
N ALA C 176 -0.55 -2.89 3.91
CA ALA C 176 0.33 -1.72 3.84
C ALA C 176 -0.22 -0.64 2.93
N MET C 177 0.18 0.60 3.20
CA MET C 177 -0.26 1.73 2.40
C MET C 177 -1.78 1.85 2.44
N PHE C 178 -2.37 1.66 3.63
CA PHE C 178 -3.82 1.73 3.82
C PHE C 178 -4.33 3.18 3.74
N LYS C 179 -5.35 3.40 2.93
CA LYS C 179 -5.93 4.72 2.77
C LYS C 179 -7.41 4.65 2.41
N VAL C 180 -8.16 5.64 2.85
CA VAL C 180 -9.58 5.76 2.54
C VAL C 180 -9.74 7.11 1.85
N GLY C 181 -10.30 7.10 0.65
CA GLY C 181 -10.46 8.33 -0.08
C GLY C 181 -11.53 9.23 0.49
N PRO C 182 -11.76 10.39 -0.14
CA PRO C 182 -12.75 11.39 0.28
C PRO C 182 -14.18 10.94 -0.04
N GLU C 183 -15.16 11.67 0.48
CA GLU C 183 -16.56 11.37 0.22
C GLU C 183 -16.84 11.60 -1.26
N ALA C 184 -16.02 12.44 -1.89
CA ALA C 184 -16.19 12.73 -3.30
C ALA C 184 -16.03 11.45 -4.09
N ASP C 185 -15.25 10.51 -3.56
CA ASP C 185 -15.06 9.23 -4.22
C ASP C 185 -15.56 8.10 -3.31
N LYS C 186 -16.73 8.34 -2.74
CA LYS C 186 -17.40 7.38 -1.85
C LYS C 186 -16.50 6.69 -0.85
N TYR C 187 -15.54 7.44 -0.30
CA TYR C 187 -14.64 6.88 0.69
C TYR C 187 -14.08 5.53 0.28
N ARG C 188 -13.62 5.44 -0.97
CA ARG C 188 -13.05 4.21 -1.52
C ARG C 188 -11.94 3.64 -0.62
N LEU C 189 -11.84 2.32 -0.57
CA LEU C 189 -10.83 1.63 0.23
C LEU C 189 -9.64 1.30 -0.65
N THR C 190 -8.44 1.47 -0.12
CA THR C 190 -7.25 1.18 -0.90
C THR C 190 -6.07 0.76 -0.05
N TYR C 191 -5.25 -0.13 -0.60
CA TYR C 191 -4.05 -0.61 0.06
C TYR C 191 -3.13 -1.13 -1.05
N ALA C 192 -1.83 -1.12 -0.81
CA ALA C 192 -0.88 -1.58 -1.82
C ALA C 192 -0.81 -3.09 -1.91
N TYR C 193 -0.63 -3.76 -0.77
CA TYR C 193 -0.52 -5.21 -0.76
C TYR C 193 -0.80 -5.82 0.61
N PHE C 194 -1.11 -7.11 0.60
CA PHE C 194 -1.36 -7.84 1.84
C PHE C 194 0.04 -8.01 2.46
N ALA C 195 0.17 -7.70 3.75
CA ALA C 195 1.46 -7.82 4.43
C ALA C 195 1.59 -9.01 5.38
N GLY C 196 0.74 -10.01 5.22
CA GLY C 196 0.83 -11.19 6.08
C GLY C 196 -0.14 -11.23 7.26
N GLY C 197 -0.17 -12.39 7.91
CA GLY C 197 -1.05 -12.57 9.06
C GLY C 197 -1.76 -13.90 8.93
N ASP C 198 -2.00 -14.57 10.05
CA ASP C 198 -2.64 -15.88 10.02
C ASP C 198 -4.16 -15.91 9.80
N ALA C 199 -4.79 -14.76 9.62
CA ALA C 199 -6.23 -14.76 9.38
C ALA C 199 -6.46 -14.87 7.89
N GLY C 200 -5.39 -14.69 7.12
CA GLY C 200 -5.51 -14.78 5.67
C GLY C 200 -5.95 -13.49 5.03
N ASP C 201 -5.65 -13.35 3.73
CA ASP C 201 -5.99 -12.16 2.97
C ASP C 201 -7.40 -12.24 2.35
N ALA C 202 -8.41 -12.08 3.20
CA ALA C 202 -9.79 -12.14 2.74
C ALA C 202 -10.14 -10.99 1.81
N PHE C 203 -9.50 -9.83 1.99
CA PHE C 203 -9.76 -8.68 1.12
C PHE C 203 -9.35 -9.00 -0.32
N ASP C 204 -8.71 -10.16 -0.52
CA ASP C 204 -8.29 -10.59 -1.85
C ASP C 204 -9.41 -11.38 -2.54
N GLY C 205 -10.44 -11.74 -1.78
CA GLY C 205 -11.53 -12.49 -2.35
C GLY C 205 -11.38 -13.95 -1.98
N PHE C 206 -12.41 -14.73 -2.21
CA PHE C 206 -12.34 -16.14 -1.88
C PHE C 206 -13.06 -16.99 -2.92
N ASP C 207 -12.48 -18.14 -3.25
CA ASP C 207 -13.07 -19.04 -4.21
C ASP C 207 -14.09 -19.91 -3.46
N PHE C 208 -15.31 -19.41 -3.35
CA PHE C 208 -16.36 -20.12 -2.64
C PHE C 208 -16.85 -21.40 -3.32
N GLY C 209 -16.97 -21.38 -4.64
CA GLY C 209 -17.45 -22.56 -5.31
C GLY C 209 -17.26 -22.66 -6.82
N ASP C 210 -18.24 -23.30 -7.44
CA ASP C 210 -18.25 -23.55 -8.88
C ASP C 210 -18.07 -22.33 -9.78
N ASP C 211 -18.73 -21.22 -9.46
CA ASP C 211 -18.62 -20.02 -10.28
C ASP C 211 -17.17 -19.64 -10.56
N PRO C 212 -16.81 -19.47 -11.85
CA PRO C 212 -15.45 -19.10 -12.25
C PRO C 212 -15.01 -17.69 -11.86
N SER C 213 -15.90 -16.93 -11.23
CA SER C 213 -15.53 -15.57 -10.86
C SER C 213 -15.86 -15.17 -9.41
N ASP C 214 -16.00 -16.16 -8.53
CA ASP C 214 -16.29 -15.91 -7.13
C ASP C 214 -15.29 -14.90 -6.56
N LYS C 215 -14.02 -15.25 -6.70
CA LYS C 215 -12.90 -14.47 -6.21
C LYS C 215 -12.91 -13.03 -6.71
N PHE C 216 -13.12 -12.86 -8.01
CA PHE C 216 -13.14 -11.51 -8.58
C PHE C 216 -14.27 -10.67 -7.99
N PHE C 217 -15.41 -11.32 -7.75
CA PHE C 217 -16.57 -10.66 -7.19
C PHE C 217 -16.48 -10.37 -5.69
N THR C 218 -15.67 -11.11 -4.96
CA THR C 218 -15.60 -10.87 -3.52
C THR C 218 -14.34 -10.20 -2.97
N SER C 219 -13.54 -9.58 -3.82
CA SER C 219 -12.33 -8.89 -3.36
C SER C 219 -12.72 -7.49 -2.93
N HIS C 220 -11.91 -6.85 -2.08
CA HIS C 220 -12.27 -5.51 -1.61
C HIS C 220 -11.39 -4.32 -1.98
N ASN C 221 -10.10 -4.54 -2.20
CA ASN C 221 -9.25 -3.41 -2.55
C ASN C 221 -9.86 -2.67 -3.72
N GLY C 222 -9.94 -1.35 -3.62
CA GLY C 222 -10.51 -0.57 -4.71
C GLY C 222 -12.01 -0.32 -4.67
N MET C 223 -12.73 -1.02 -3.80
CA MET C 223 -14.17 -0.84 -3.72
C MET C 223 -14.54 0.45 -2.99
N GLN C 224 -15.73 0.98 -3.28
CA GLN C 224 -16.22 2.18 -2.64
C GLN C 224 -17.08 1.72 -1.46
N PHE C 225 -17.38 2.62 -0.54
CA PHE C 225 -18.18 2.27 0.64
C PHE C 225 -19.68 2.25 0.29
N SER C 226 -20.45 1.37 0.91
CA SER C 226 -21.88 1.29 0.63
C SER C 226 -22.74 1.14 1.87
N THR C 227 -23.92 1.74 1.83
CA THR C 227 -24.89 1.68 2.90
C THR C 227 -26.23 1.51 2.18
N TRP C 228 -27.25 1.02 2.87
CA TRP C 228 -28.54 0.82 2.21
C TRP C 228 -29.09 2.03 1.47
N ASP C 229 -28.73 3.24 1.91
CA ASP C 229 -29.23 4.46 1.27
C ASP C 229 -28.25 5.13 0.30
N ASN C 230 -27.16 4.44 0.00
CA ASN C 230 -26.16 4.97 -0.91
C ASN C 230 -25.38 3.78 -1.48
N ASP C 231 -25.94 3.21 -2.55
CA ASP C 231 -25.36 2.05 -3.22
C ASP C 231 -24.21 2.41 -4.13
N ASN C 232 -23.06 1.79 -3.89
CA ASN C 232 -21.86 2.03 -4.70
C ASN C 232 -21.13 0.71 -4.94
N ASP C 233 -21.88 -0.39 -4.96
CA ASP C 233 -21.26 -1.70 -5.17
C ASP C 233 -21.26 -2.12 -6.65
N LYS C 234 -20.83 -3.34 -6.92
CA LYS C 234 -20.75 -3.86 -8.30
C LYS C 234 -21.82 -4.91 -8.58
N PHE C 235 -22.85 -4.91 -7.75
CA PHE C 235 -23.97 -5.84 -7.87
C PHE C 235 -25.12 -5.05 -8.53
N GLU C 236 -26.16 -5.73 -9.00
CA GLU C 236 -27.28 -5.04 -9.62
C GLU C 236 -28.29 -4.72 -8.54
N GLY C 237 -28.18 -5.44 -7.43
CA GLY C 237 -29.06 -5.23 -6.29
C GLY C 237 -28.29 -4.41 -5.27
N ASN C 238 -28.71 -4.44 -4.01
CA ASN C 238 -28.03 -3.66 -2.99
C ASN C 238 -27.42 -4.50 -1.87
N CYS C 239 -26.12 -4.79 -1.99
CA CYS C 239 -25.42 -5.59 -0.99
C CYS C 239 -25.64 -5.07 0.43
N ALA C 240 -25.36 -3.79 0.66
CA ALA C 240 -25.52 -3.20 1.99
C ALA C 240 -26.93 -3.39 2.52
N GLU C 241 -27.91 -3.28 1.63
CA GLU C 241 -29.30 -3.44 2.01
C GLU C 241 -29.64 -4.88 2.39
N GLN C 242 -29.13 -5.82 1.62
CA GLN C 242 -29.38 -7.23 1.90
C GLN C 242 -28.68 -7.72 3.16
N ASP C 243 -27.35 -7.56 3.20
CA ASP C 243 -26.58 -7.99 4.36
C ASP C 243 -26.74 -7.04 5.54
N GLY C 244 -27.55 -5.99 5.35
CA GLY C 244 -27.84 -5.02 6.39
C GLY C 244 -26.64 -4.40 7.11
N SER C 245 -25.80 -3.68 6.38
CA SER C 245 -24.61 -3.07 6.99
C SER C 245 -24.03 -1.96 6.13
N GLY C 246 -22.89 -1.45 6.58
CA GLY C 246 -22.17 -0.42 5.85
C GLY C 246 -20.81 -1.02 5.59
N TRP C 247 -20.38 -1.08 4.33
CA TRP C 247 -19.09 -1.68 4.02
C TRP C 247 -18.63 -1.43 2.58
N TRP C 248 -17.40 -1.84 2.29
CA TRP C 248 -16.84 -1.69 0.96
C TRP C 248 -17.25 -2.92 0.12
N MET C 249 -18.52 -2.97 -0.29
CA MET C 249 -19.07 -4.09 -1.05
C MET C 249 -18.63 -4.23 -2.51
N ASN C 250 -18.75 -5.45 -3.05
CA ASN C 250 -18.36 -5.75 -4.43
C ASN C 250 -19.08 -6.95 -5.07
N LYS C 251 -20.32 -7.23 -4.66
CA LYS C 251 -21.10 -8.35 -5.22
C LYS C 251 -20.75 -9.75 -4.68
N CYS C 252 -20.56 -9.88 -3.37
CA CYS C 252 -20.66 -8.74 -2.47
C CYS C 252 -19.43 -8.61 -1.62
N HIS C 253 -19.12 -9.65 -0.85
CA HIS C 253 -17.98 -9.59 0.04
C HIS C 253 -17.43 -10.95 0.46
N ALA C 254 -16.25 -10.92 1.06
CA ALA C 254 -15.59 -12.13 1.57
C ALA C 254 -15.06 -11.77 2.96
N GLY C 255 -15.02 -10.46 3.24
CA GLY C 255 -14.59 -9.93 4.52
C GLY C 255 -15.66 -8.92 4.88
N HIS C 256 -16.37 -9.13 5.99
CA HIS C 256 -17.50 -8.27 6.38
C HIS C 256 -17.48 -8.03 7.89
N LEU C 257 -16.74 -7.02 8.33
CA LEU C 257 -16.62 -6.75 9.76
C LEU C 257 -17.72 -5.93 10.44
N ASN C 258 -18.55 -5.23 9.67
CA ASN C 258 -19.62 -4.44 10.23
C ASN C 258 -20.96 -5.19 10.09
N GLY C 259 -20.90 -6.52 9.99
CA GLY C 259 -22.10 -7.31 9.84
C GLY C 259 -22.95 -7.52 11.08
N VAL C 260 -23.93 -8.41 10.96
CA VAL C 260 -24.84 -8.75 12.05
C VAL C 260 -24.13 -9.65 13.07
N TYR C 261 -24.24 -9.29 14.33
CA TYR C 261 -23.61 -10.04 15.39
C TYR C 261 -24.46 -11.26 15.80
N TYR C 262 -23.90 -12.46 15.72
CA TYR C 262 -24.64 -13.65 16.11
C TYR C 262 -24.02 -14.30 17.34
N GLN C 263 -24.77 -14.27 18.43
CA GLN C 263 -24.33 -14.87 19.67
C GLN C 263 -23.89 -16.30 19.38
N GLY C 264 -22.63 -16.61 19.62
CA GLY C 264 -22.13 -17.95 19.40
C GLY C 264 -21.48 -18.24 18.06
N GLY C 265 -21.36 -17.22 17.21
CA GLY C 265 -20.72 -17.42 15.92
C GLY C 265 -21.47 -18.21 14.87
N THR C 266 -21.80 -19.47 15.16
CA THR C 266 -22.51 -20.30 14.19
C THR C 266 -23.93 -19.83 13.89
N TYR C 267 -24.24 -19.65 12.61
CA TYR C 267 -25.57 -19.23 12.20
C TYR C 267 -25.89 -19.87 10.84
N SER C 268 -27.15 -19.79 10.41
CA SER C 268 -27.51 -20.41 9.13
C SER C 268 -28.31 -19.49 8.22
N LYS C 269 -28.63 -20.01 7.04
CA LYS C 269 -29.39 -19.26 6.04
C LYS C 269 -30.78 -18.91 6.57
N ALA C 270 -31.30 -19.73 7.46
CA ALA C 270 -32.63 -19.50 8.03
C ALA C 270 -32.62 -18.36 9.05
N SER C 271 -31.44 -18.05 9.58
CA SER C 271 -31.31 -16.98 10.56
C SER C 271 -31.42 -15.62 9.88
N THR C 272 -30.99 -15.55 8.63
CA THR C 272 -31.02 -14.31 7.87
C THR C 272 -32.36 -14.11 7.19
N PRO C 273 -32.73 -12.85 6.90
CA PRO C 273 -34.00 -12.52 6.25
C PRO C 273 -33.98 -12.47 4.72
N ASN C 274 -32.79 -12.27 4.14
CA ASN C 274 -32.69 -12.19 2.68
C ASN C 274 -32.11 -13.47 2.10
N GLY C 275 -31.61 -14.33 2.98
CA GLY C 275 -31.04 -15.60 2.54
C GLY C 275 -29.53 -15.63 2.35
N TYR C 276 -28.84 -14.53 2.65
CA TYR C 276 -27.39 -14.51 2.48
C TYR C 276 -26.59 -14.36 3.78
N ASP C 277 -25.32 -14.79 3.73
CA ASP C 277 -24.46 -14.69 4.89
C ASP C 277 -24.27 -13.22 5.19
N ASN C 278 -24.85 -12.77 6.30
CA ASN C 278 -24.77 -11.36 6.71
C ASN C 278 -24.01 -11.15 8.01
N GLY C 279 -23.23 -12.16 8.40
CA GLY C 279 -22.47 -12.07 9.64
C GLY C 279 -21.15 -11.31 9.54
N ILE C 280 -20.38 -11.37 10.62
CA ILE C 280 -19.07 -10.74 10.74
C ILE C 280 -18.09 -11.82 10.31
N ILE C 281 -17.83 -11.90 9.00
CA ILE C 281 -16.98 -12.94 8.47
C ILE C 281 -15.61 -12.56 7.91
N TRP C 282 -14.77 -13.57 7.78
CA TRP C 282 -13.42 -13.43 7.26
C TRP C 282 -13.14 -14.82 6.71
N ALA C 283 -13.69 -15.05 5.51
CA ALA C 283 -13.60 -16.34 4.81
C ALA C 283 -12.26 -17.07 4.78
N THR C 284 -11.14 -16.35 4.75
CA THR C 284 -9.87 -17.04 4.71
C THR C 284 -9.53 -17.68 6.06
N TRP C 285 -10.33 -17.38 7.08
CA TRP C 285 -10.08 -17.91 8.40
C TRP C 285 -11.23 -18.78 8.93
N LYS C 286 -12.46 -18.50 8.48
CA LYS C 286 -13.61 -19.28 8.94
C LYS C 286 -14.70 -19.35 7.87
N THR C 287 -15.50 -20.41 7.89
CA THR C 287 -16.58 -20.54 6.93
C THR C 287 -17.45 -19.30 7.06
N ARG C 288 -18.10 -18.89 5.97
CA ARG C 288 -18.93 -17.70 6.02
C ARG C 288 -20.18 -17.84 6.88
N TRP C 289 -20.35 -18.99 7.51
CA TRP C 289 -21.50 -19.22 8.36
C TRP C 289 -21.09 -19.21 9.84
N TYR C 290 -19.95 -18.59 10.10
CA TYR C 290 -19.43 -18.46 11.46
C TYR C 290 -19.13 -16.97 11.65
N SER C 291 -19.71 -16.37 12.69
CA SER C 291 -19.52 -14.93 12.94
C SER C 291 -18.59 -14.64 14.12
N MET C 292 -17.64 -13.74 13.92
CA MET C 292 -16.67 -13.40 14.95
C MET C 292 -17.28 -12.94 16.27
N LYS C 293 -16.56 -13.16 17.37
CA LYS C 293 -17.03 -12.73 18.68
C LYS C 293 -16.41 -11.37 19.01
N LYS C 294 -15.27 -11.07 18.40
CA LYS C 294 -14.59 -9.80 18.58
C LYS C 294 -13.88 -9.40 17.30
N THR C 295 -13.85 -8.10 17.06
CA THR C 295 -13.24 -7.53 15.86
C THR C 295 -12.57 -6.20 16.21
N THR C 296 -11.52 -5.86 15.49
CA THR C 296 -10.82 -4.60 15.71
C THR C 296 -10.09 -4.15 14.45
N MET C 297 -10.29 -2.90 14.07
CA MET C 297 -9.60 -2.34 12.91
C MET C 297 -8.81 -1.10 13.38
N LYS C 298 -7.49 -1.11 13.17
CA LYS C 298 -6.65 -0.01 13.60
C LYS C 298 -5.52 0.27 12.63
N ILE C 299 -5.03 1.50 12.65
CA ILE C 299 -3.96 1.91 11.77
C ILE C 299 -2.83 2.60 12.53
N ILE C 300 -1.62 2.43 12.02
CA ILE C 300 -0.42 3.01 12.62
C ILE C 300 0.57 3.26 11.48
N PRO C 301 1.40 4.31 11.60
CA PRO C 301 2.37 4.59 10.54
C PRO C 301 3.16 3.33 10.17
N PHE C 302 3.17 2.98 8.88
CA PHE C 302 3.85 1.77 8.39
C PHE C 302 5.29 1.68 8.90
N ASN C 303 5.99 2.81 8.91
CA ASN C 303 7.37 2.87 9.35
C ASN C 303 7.49 2.54 10.83
N ARG C 304 6.46 1.92 11.39
CA ARG C 304 6.49 1.60 12.82
C ARG C 304 6.46 0.09 13.06
N LEU C 305 6.14 -0.66 12.00
CA LEU C 305 6.10 -2.12 12.09
C LEU C 305 7.40 -2.67 11.49
N THR C 306 7.92 -1.95 10.51
CA THR C 306 9.15 -2.34 9.81
C THR C 306 10.39 -1.86 10.57
N LEU D 25 66.70 -30.22 -74.56
CA LEU D 25 65.97 -30.88 -73.44
C LEU D 25 65.83 -29.99 -72.20
N LEU D 26 66.19 -28.72 -72.35
CA LEU D 26 66.09 -27.75 -71.26
C LEU D 26 64.65 -27.26 -71.20
N GLN D 27 64.00 -27.28 -72.36
CA GLN D 27 62.60 -26.86 -72.51
C GLN D 27 61.69 -27.72 -71.66
N LYS D 28 62.29 -28.68 -70.94
CA LYS D 28 61.52 -29.58 -70.10
C LYS D 28 61.41 -29.02 -68.67
N ASN D 29 62.35 -28.16 -68.30
CA ASN D 29 62.32 -27.56 -66.96
C ASN D 29 61.35 -26.40 -66.91
N VAL D 30 61.13 -25.73 -68.04
CA VAL D 30 60.21 -24.60 -68.10
C VAL D 30 58.78 -25.08 -67.97
N ARG D 31 58.59 -26.39 -67.91
CA ARG D 31 57.26 -26.96 -67.76
C ARG D 31 57.02 -27.10 -66.26
N ALA D 32 58.10 -27.13 -65.51
CA ALA D 32 58.04 -27.26 -64.06
C ALA D 32 57.90 -25.88 -63.40
N GLN D 33 58.74 -24.93 -63.81
CA GLN D 33 58.68 -23.57 -63.24
C GLN D 33 57.38 -22.91 -63.63
N LEU D 34 56.71 -23.46 -64.64
CA LEU D 34 55.44 -22.92 -65.10
C LEU D 34 54.36 -23.47 -64.18
N VAL D 35 54.43 -24.77 -63.93
CA VAL D 35 53.47 -25.44 -63.07
C VAL D 35 53.62 -25.02 -61.61
N ASP D 36 54.85 -24.81 -61.17
CA ASP D 36 55.09 -24.41 -59.79
C ASP D 36 54.62 -22.97 -59.60
N MET D 37 54.78 -22.17 -60.66
CA MET D 37 54.37 -20.77 -60.63
C MET D 37 52.86 -20.69 -60.65
N LYS D 38 52.21 -21.73 -61.18
CA LYS D 38 50.76 -21.74 -61.23
C LYS D 38 50.26 -22.11 -59.84
N ARG D 39 50.93 -23.05 -59.19
CA ARG D 39 50.53 -23.46 -57.85
C ARG D 39 50.78 -22.32 -56.86
N LEU D 40 51.92 -21.65 -56.98
CA LEU D 40 52.27 -20.55 -56.09
C LEU D 40 51.26 -19.39 -56.19
N GLU D 41 50.80 -19.12 -57.42
CA GLU D 41 49.84 -18.06 -57.67
C GLU D 41 48.55 -18.36 -56.93
N VAL D 42 48.00 -19.55 -57.16
CA VAL D 42 46.75 -19.94 -56.52
C VAL D 42 46.94 -19.96 -55.00
N ASP D 43 48.11 -20.40 -54.56
CA ASP D 43 48.41 -20.47 -53.13
C ASP D 43 48.36 -19.07 -52.51
N ILE D 44 49.07 -18.12 -53.11
CA ILE D 44 49.07 -16.76 -52.57
C ILE D 44 47.66 -16.18 -52.59
N ASP D 45 46.89 -16.50 -53.62
CA ASP D 45 45.53 -15.98 -53.71
C ASP D 45 44.73 -16.45 -52.50
N ILE D 46 44.86 -17.73 -52.14
CA ILE D 46 44.13 -18.25 -50.98
C ILE D 46 44.66 -17.69 -49.65
N LYS D 47 45.97 -17.72 -49.44
CA LYS D 47 46.52 -17.20 -48.19
C LYS D 47 46.19 -15.71 -47.98
N ILE D 48 46.40 -14.90 -49.02
CA ILE D 48 46.09 -13.49 -48.91
C ILE D 48 44.62 -13.28 -48.52
N ARG D 49 43.72 -13.94 -49.24
CA ARG D 49 42.29 -13.82 -48.96
C ARG D 49 41.91 -14.21 -47.53
N SER D 50 42.61 -15.19 -46.96
CA SER D 50 42.32 -15.63 -45.60
C SER D 50 42.83 -14.66 -44.52
N CYS D 51 43.30 -13.49 -44.93
CA CYS D 51 43.77 -12.51 -43.95
C CYS D 51 42.63 -11.56 -43.64
N ARG D 52 41.54 -11.70 -44.37
CA ARG D 52 40.40 -10.83 -44.16
C ARG D 52 39.77 -11.09 -42.79
N GLY D 53 39.99 -12.27 -42.22
CA GLY D 53 39.42 -12.55 -40.92
C GLY D 53 40.32 -12.13 -39.78
N SER D 54 41.53 -11.71 -40.09
CA SER D 54 42.48 -11.30 -39.06
C SER D 54 42.95 -9.85 -39.13
N CYS D 55 43.46 -9.46 -40.30
CA CYS D 55 44.00 -8.11 -40.50
C CYS D 55 42.97 -7.05 -40.87
N SER D 56 43.44 -5.81 -41.00
CA SER D 56 42.60 -4.67 -41.33
C SER D 56 41.86 -4.84 -42.67
N ARG D 57 42.49 -5.52 -43.62
CA ARG D 57 41.84 -5.75 -44.91
C ARG D 57 42.67 -6.68 -45.79
N ALA D 58 42.04 -7.23 -46.81
CA ALA D 58 42.72 -8.14 -47.72
C ALA D 58 42.80 -7.56 -49.14
N LEU D 59 44.01 -7.24 -49.57
CA LEU D 59 44.23 -6.70 -50.91
C LEU D 59 43.36 -7.40 -51.96
N ALA D 60 42.60 -6.61 -52.71
CA ALA D 60 41.73 -7.14 -53.75
C ALA D 60 42.57 -7.46 -54.98
N ARG D 61 42.41 -8.66 -55.53
CA ARG D 61 43.22 -9.04 -56.67
C ARG D 61 42.56 -10.09 -57.56
N GLU D 62 43.13 -10.27 -58.74
CA GLU D 62 42.62 -11.21 -59.73
C GLU D 62 43.72 -12.19 -60.12
N VAL D 63 43.38 -13.46 -60.20
CA VAL D 63 44.35 -14.47 -60.61
C VAL D 63 44.08 -14.80 -62.08
N ASP D 64 45.02 -14.44 -62.93
CA ASP D 64 44.87 -14.68 -64.36
C ASP D 64 45.55 -15.98 -64.75
N LEU D 65 44.92 -17.10 -64.41
CA LEU D 65 45.48 -18.40 -64.76
C LEU D 65 45.10 -18.75 -66.18
N LYS D 66 44.23 -17.94 -66.77
CA LYS D 66 43.82 -18.13 -68.16
C LYS D 66 45.05 -17.89 -69.02
N ASP D 67 46.08 -17.34 -68.39
CA ASP D 67 47.34 -17.04 -69.06
C ASP D 67 48.37 -18.12 -68.78
N TYR D 68 48.26 -18.77 -67.62
CA TYR D 68 49.19 -19.83 -67.25
C TYR D 68 48.90 -21.11 -68.04
N GLU D 69 47.64 -21.35 -68.35
CA GLU D 69 47.27 -22.54 -69.11
C GLU D 69 47.67 -22.40 -70.58
N ASP D 70 47.72 -21.16 -71.05
CA ASP D 70 48.10 -20.92 -72.44
C ASP D 70 49.55 -21.32 -72.66
N GLN D 71 50.47 -20.63 -72.00
CA GLN D 71 51.90 -20.91 -72.14
C GLN D 71 52.16 -22.38 -71.87
N GLN D 72 51.35 -22.98 -71.01
CA GLN D 72 51.50 -24.39 -70.68
C GLN D 72 51.25 -25.22 -71.92
N LYS D 73 50.20 -24.86 -72.68
CA LYS D 73 49.87 -25.56 -73.90
C LYS D 73 50.83 -25.18 -75.02
N GLN D 74 51.19 -23.90 -75.07
CA GLN D 74 52.11 -23.40 -76.09
C GLN D 74 53.46 -24.13 -76.00
N LEU D 75 53.71 -24.78 -74.87
CA LEU D 75 54.96 -25.51 -74.67
C LEU D 75 54.79 -27.00 -74.97
N GLU D 76 53.53 -27.45 -74.99
CA GLU D 76 53.21 -28.85 -75.28
C GLU D 76 53.36 -29.11 -76.78
N GLN D 77 53.00 -28.10 -77.58
CA GLN D 77 53.10 -28.20 -79.04
C GLN D 77 54.56 -28.06 -79.46
N VAL D 78 55.46 -28.08 -78.47
CA VAL D 78 56.90 -27.96 -78.73
C VAL D 78 57.64 -28.91 -77.78
N ASN E 31 64.48 -20.27 -84.48
CA ASN E 31 63.68 -19.23 -83.79
C ASN E 31 62.92 -19.85 -82.62
N LEU E 32 63.44 -20.97 -82.10
CA LEU E 32 62.82 -21.66 -80.97
C LEU E 32 63.05 -20.82 -79.72
N ARG E 33 62.74 -19.54 -79.81
CA ARG E 33 62.92 -18.59 -78.71
C ARG E 33 61.65 -18.44 -77.88
N VAL E 34 60.79 -19.45 -77.94
CA VAL E 34 59.55 -19.40 -77.17
C VAL E 34 59.89 -19.37 -75.69
N LEU E 35 60.95 -20.05 -75.31
CA LEU E 35 61.37 -20.09 -73.91
C LEU E 35 61.86 -18.72 -73.44
N ARG E 36 62.33 -17.90 -74.38
CA ARG E 36 62.81 -16.58 -74.00
C ARG E 36 61.64 -15.62 -73.77
N SER E 37 60.43 -16.08 -74.09
CA SER E 37 59.23 -15.27 -73.89
C SER E 37 58.51 -15.85 -72.67
N ILE E 38 58.50 -17.18 -72.58
CA ILE E 38 57.86 -17.88 -71.46
C ILE E 38 58.52 -17.44 -70.15
N LEU E 39 59.85 -17.38 -70.14
CA LEU E 39 60.59 -17.00 -68.95
C LEU E 39 60.53 -15.50 -68.68
N GLU E 40 60.65 -14.68 -69.72
CA GLU E 40 60.58 -13.24 -69.51
C GLU E 40 59.21 -12.94 -68.91
N ASN E 41 58.23 -13.77 -69.26
CA ASN E 41 56.86 -13.61 -68.79
C ASN E 41 56.78 -13.93 -67.30
N LEU E 42 57.32 -15.07 -66.91
CA LEU E 42 57.31 -15.47 -65.51
C LEU E 42 58.06 -14.46 -64.65
N ARG E 43 59.15 -13.91 -65.16
CA ARG E 43 59.92 -12.95 -64.38
C ARG E 43 59.07 -11.75 -63.97
N SER E 44 58.04 -11.47 -64.75
CA SER E 44 57.15 -10.35 -64.43
C SER E 44 56.06 -10.82 -63.46
N LYS E 45 55.58 -12.05 -63.65
CA LYS E 45 54.56 -12.62 -62.77
C LYS E 45 55.06 -12.63 -61.32
N ILE E 46 56.35 -12.87 -61.15
CA ILE E 46 56.99 -12.91 -59.83
C ILE E 46 57.07 -11.52 -59.20
N GLN E 47 57.47 -10.52 -59.97
CA GLN E 47 57.57 -9.15 -59.47
C GLN E 47 56.21 -8.71 -58.93
N LYS E 48 55.17 -9.08 -59.66
CA LYS E 48 53.79 -8.72 -59.32
C LYS E 48 53.43 -9.39 -57.99
N LEU E 49 53.69 -10.69 -57.88
CA LEU E 49 53.40 -11.43 -56.66
C LEU E 49 54.15 -10.90 -55.46
N GLU E 50 55.35 -10.37 -55.69
CA GLU E 50 56.11 -9.84 -54.56
C GLU E 50 55.54 -8.52 -54.06
N SER E 51 54.97 -7.73 -54.97
CA SER E 51 54.38 -6.46 -54.59
C SER E 51 53.11 -6.69 -53.78
N ASP E 52 52.34 -7.69 -54.19
CA ASP E 52 51.08 -8.01 -53.51
C ASP E 52 51.30 -8.57 -52.12
N VAL E 53 52.22 -9.53 -51.99
CA VAL E 53 52.47 -10.08 -50.66
C VAL E 53 53.02 -8.99 -49.76
N SER E 54 53.81 -8.10 -50.34
CA SER E 54 54.40 -7.00 -49.59
C SER E 54 53.29 -6.07 -49.11
N ALA E 55 52.30 -5.87 -49.98
CA ALA E 55 51.17 -5.01 -49.66
C ALA E 55 50.34 -5.61 -48.55
N GLN E 56 49.99 -6.88 -48.67
CA GLN E 56 49.19 -7.53 -47.65
C GLN E 56 49.91 -7.50 -46.29
N MET E 57 51.23 -7.69 -46.32
CA MET E 57 52.02 -7.67 -45.10
C MET E 57 51.80 -6.37 -44.32
N GLU E 58 51.76 -5.25 -45.04
CA GLU E 58 51.52 -3.95 -44.42
C GLU E 58 50.13 -3.87 -43.79
N TYR E 59 49.11 -4.45 -44.44
CA TYR E 59 47.77 -4.40 -43.87
C TYR E 59 47.69 -5.19 -42.57
N CYS E 60 48.55 -6.18 -42.42
CA CYS E 60 48.51 -6.99 -41.21
C CYS E 60 49.21 -6.37 -40.00
N ARG E 61 49.58 -5.10 -40.10
CA ARG E 61 50.23 -4.43 -38.98
C ARG E 61 49.11 -3.93 -38.06
N THR E 62 47.88 -4.00 -38.55
CA THR E 62 46.69 -3.59 -37.80
C THR E 62 45.62 -4.67 -37.99
N PRO E 63 44.88 -5.00 -36.92
CA PRO E 63 43.84 -6.04 -37.01
C PRO E 63 42.46 -5.57 -37.47
N CYS E 64 41.55 -6.52 -37.64
CA CYS E 64 40.17 -6.22 -37.99
C CYS E 64 39.48 -6.14 -36.65
N THR E 65 38.41 -5.38 -36.56
CA THR E 65 37.71 -5.26 -35.30
C THR E 65 36.20 -5.27 -35.46
N VAL E 66 35.53 -5.81 -34.46
CA VAL E 66 34.07 -5.85 -34.46
C VAL E 66 33.62 -5.37 -33.09
N SER E 67 32.34 -5.09 -32.98
CA SER E 67 31.76 -4.64 -31.72
C SER E 67 30.43 -5.34 -31.59
N CYS E 68 30.47 -6.53 -30.98
CA CYS E 68 29.26 -7.30 -30.81
C CYS E 68 28.69 -7.14 -29.42
N ASN E 69 27.72 -6.25 -29.30
CA ASN E 69 27.05 -6.05 -28.03
C ASN E 69 26.22 -7.30 -27.86
N ILE E 70 26.23 -7.86 -26.66
CA ILE E 70 25.51 -9.09 -26.39
C ILE E 70 24.02 -8.96 -26.13
N PRO E 71 23.22 -9.81 -26.80
CA PRO E 71 21.75 -9.81 -26.64
C PRO E 71 21.42 -10.27 -25.24
N VAL E 72 20.39 -9.69 -24.64
CA VAL E 72 19.97 -10.09 -23.31
C VAL E 72 19.41 -11.52 -23.25
N VAL E 73 18.51 -11.85 -24.17
CA VAL E 73 17.92 -13.18 -24.15
C VAL E 73 18.99 -14.25 -24.32
N SER E 74 18.86 -15.35 -23.59
CA SER E 74 19.87 -16.38 -23.66
C SER E 74 19.33 -17.74 -23.18
N GLY E 75 20.03 -18.82 -23.53
CA GLY E 75 19.60 -20.15 -23.14
C GLY E 75 20.62 -21.24 -23.37
N LYS E 76 20.15 -22.49 -23.42
CA LYS E 76 21.01 -23.67 -23.64
C LYS E 76 21.55 -23.74 -25.05
N GLU E 77 20.74 -23.32 -26.01
CA GLU E 77 21.13 -23.33 -27.41
C GLU E 77 20.10 -22.52 -28.15
N CYS E 78 20.27 -22.39 -29.46
CA CYS E 78 19.37 -21.56 -30.25
C CYS E 78 17.89 -21.91 -30.22
N GLU E 79 17.55 -23.18 -30.09
CA GLU E 79 16.14 -23.57 -30.06
C GLU E 79 15.45 -22.99 -28.82
N GLU E 80 16.08 -23.17 -27.67
CA GLU E 80 15.53 -22.64 -26.45
C GLU E 80 15.40 -21.13 -26.61
N ILE E 81 16.41 -20.50 -27.21
CA ILE E 81 16.38 -19.06 -27.40
C ILE E 81 15.23 -18.57 -28.29
N ILE E 82 14.92 -19.28 -29.37
CA ILE E 82 13.82 -18.85 -30.22
C ILE E 82 12.47 -18.97 -29.49
N ARG E 83 12.38 -19.89 -28.54
CA ARG E 83 11.13 -20.03 -27.77
C ARG E 83 11.08 -18.99 -26.65
N LYS E 84 12.21 -18.35 -26.38
CA LYS E 84 12.27 -17.33 -25.34
C LYS E 84 12.10 -15.94 -25.93
N GLY E 85 11.85 -15.87 -27.23
CA GLY E 85 11.65 -14.57 -27.85
C GLY E 85 12.71 -14.03 -28.81
N GLY E 86 13.88 -14.66 -28.87
CA GLY E 86 14.92 -14.21 -29.78
C GLY E 86 14.51 -14.56 -31.20
N GLU E 87 13.98 -13.58 -31.92
CA GLU E 87 13.48 -13.79 -33.28
C GLU E 87 14.45 -13.47 -34.40
N THR E 88 15.47 -12.68 -34.12
CA THR E 88 16.43 -12.31 -35.16
C THR E 88 17.73 -13.13 -35.18
N SER E 89 18.15 -13.51 -36.37
CA SER E 89 19.38 -14.26 -36.55
C SER E 89 20.54 -13.31 -36.30
N GLU E 90 21.36 -13.65 -35.33
CA GLU E 90 22.51 -12.83 -34.96
C GLU E 90 23.32 -13.61 -33.94
N MET E 91 24.33 -12.96 -33.38
CA MET E 91 25.16 -13.63 -32.40
C MET E 91 24.53 -13.60 -31.02
N TYR E 92 24.55 -14.75 -30.36
CA TYR E 92 24.00 -14.92 -29.03
C TYR E 92 25.02 -15.62 -28.15
N LEU E 93 24.70 -15.66 -26.87
CA LEU E 93 25.54 -16.30 -25.90
C LEU E 93 24.73 -17.51 -25.43
N ILE E 94 25.31 -18.71 -25.47
CA ILE E 94 24.57 -19.86 -24.98
C ILE E 94 25.38 -20.57 -23.90
N GLN E 95 24.69 -21.39 -23.13
CA GLN E 95 25.33 -22.15 -22.08
C GLN E 95 24.68 -23.52 -22.01
N PRO E 96 25.17 -24.47 -22.82
CA PRO E 96 24.69 -25.85 -22.91
C PRO E 96 24.65 -26.53 -21.56
N ASP E 97 25.67 -26.31 -20.74
CA ASP E 97 25.71 -26.92 -19.42
C ASP E 97 26.14 -25.96 -18.32
N SER E 98 25.68 -26.20 -17.11
CA SER E 98 26.00 -25.37 -15.96
C SER E 98 27.49 -25.31 -15.65
N SER E 99 28.20 -26.40 -15.92
CA SER E 99 29.63 -26.47 -15.66
C SER E 99 30.45 -25.75 -16.74
N VAL E 100 29.84 -25.54 -17.90
CA VAL E 100 30.52 -24.88 -19.02
C VAL E 100 30.34 -23.37 -18.96
N LYS E 101 31.35 -22.64 -19.40
CA LYS E 101 31.24 -21.20 -19.40
C LYS E 101 30.51 -20.81 -20.68
N PRO E 102 29.55 -19.88 -20.57
CA PRO E 102 28.74 -19.41 -21.71
C PRO E 102 29.62 -18.89 -22.84
N TYR E 103 29.38 -19.37 -24.05
CA TYR E 103 30.16 -18.93 -25.21
C TYR E 103 29.31 -18.34 -26.32
N ARG E 104 29.95 -17.67 -27.27
CA ARG E 104 29.26 -17.05 -28.38
C ARG E 104 29.05 -18.00 -29.53
N VAL E 105 27.92 -17.88 -30.21
CA VAL E 105 27.61 -18.72 -31.36
C VAL E 105 26.62 -17.96 -32.24
N TYR E 106 26.53 -18.31 -33.52
CA TYR E 106 25.58 -17.63 -34.37
C TYR E 106 24.30 -18.47 -34.46
N CYS E 107 23.15 -17.83 -34.27
CA CYS E 107 21.88 -18.55 -34.32
C CYS E 107 21.08 -18.18 -35.57
N ASP E 108 20.66 -19.19 -36.33
CA ASP E 108 19.87 -18.94 -37.54
C ASP E 108 18.40 -19.10 -37.15
N MET E 109 17.69 -17.99 -37.13
CA MET E 109 16.29 -18.00 -36.74
C MET E 109 15.33 -17.89 -37.91
N ASN E 110 15.85 -17.95 -39.13
CA ASN E 110 14.98 -17.84 -40.30
C ASN E 110 14.83 -19.11 -41.13
N THR E 111 15.91 -19.86 -41.29
CA THR E 111 15.89 -21.07 -42.08
C THR E 111 15.02 -22.16 -41.48
N GLU E 112 14.13 -22.71 -42.30
CA GLU E 112 13.22 -23.78 -41.89
C GLU E 112 12.81 -23.78 -40.42
N ASN E 113 12.06 -22.76 -40.03
CA ASN E 113 11.55 -22.63 -38.66
C ASN E 113 12.53 -22.06 -37.62
N GLY E 114 13.77 -21.84 -38.03
CA GLY E 114 14.76 -21.29 -37.12
C GLY E 114 15.13 -22.18 -35.95
N GLY E 115 15.98 -21.66 -35.07
CA GLY E 115 16.41 -22.42 -33.92
C GLY E 115 17.66 -23.24 -34.22
N TRP E 116 18.36 -22.89 -35.30
CA TRP E 116 19.57 -23.61 -35.68
C TRP E 116 20.84 -22.95 -35.11
N THR E 117 21.70 -23.79 -34.54
CA THR E 117 22.97 -23.35 -33.96
C THR E 117 24.08 -23.62 -34.99
N VAL E 118 24.58 -22.56 -35.61
CA VAL E 118 25.63 -22.72 -36.62
C VAL E 118 26.88 -23.25 -35.99
N ILE E 119 27.41 -24.31 -36.58
CA ILE E 119 28.62 -24.96 -36.07
C ILE E 119 29.79 -24.77 -37.02
N GLN E 120 29.48 -24.57 -38.30
CA GLN E 120 30.52 -24.38 -39.31
C GLN E 120 29.97 -23.49 -40.42
N ASN E 121 30.82 -22.65 -41.00
CA ASN E 121 30.35 -21.78 -42.07
C ASN E 121 31.44 -21.26 -42.99
N ARG E 122 31.20 -21.39 -44.29
CA ARG E 122 32.10 -20.94 -45.36
C ARG E 122 31.31 -20.02 -46.29
N GLN E 123 31.91 -18.94 -46.76
CA GLN E 123 31.18 -18.05 -47.65
C GLN E 123 32.06 -17.05 -48.39
N ASP E 124 33.30 -16.87 -47.97
CA ASP E 124 34.18 -15.90 -48.64
C ASP E 124 35.66 -16.16 -48.47
N GLY E 125 36.01 -17.31 -47.94
CA GLY E 125 37.42 -17.66 -47.76
C GLY E 125 38.25 -16.69 -46.92
N SER E 126 37.59 -15.97 -46.03
CA SER E 126 38.28 -15.00 -45.17
C SER E 126 39.02 -15.64 -43.99
N VAL E 127 38.80 -16.93 -43.77
CA VAL E 127 39.46 -17.62 -42.66
C VAL E 127 40.21 -18.88 -43.08
N ASP E 128 41.34 -19.13 -42.44
CA ASP E 128 42.19 -20.29 -42.71
C ASP E 128 41.63 -21.56 -42.07
N PHE E 129 41.32 -22.57 -42.87
CA PHE E 129 40.79 -23.82 -42.34
C PHE E 129 41.81 -24.95 -42.32
N GLY E 130 43.01 -24.67 -42.80
CA GLY E 130 44.05 -25.67 -42.79
C GLY E 130 44.75 -25.59 -41.44
N ARG E 131 44.11 -26.10 -40.40
CA ARG E 131 44.72 -26.02 -39.09
C ARG E 131 44.94 -27.37 -38.42
N LYS E 132 45.73 -27.34 -37.36
CA LYS E 132 46.06 -28.53 -36.60
C LYS E 132 44.95 -28.95 -35.65
N TRP E 133 45.19 -30.05 -34.95
CA TRP E 133 44.25 -30.64 -34.01
C TRP E 133 43.78 -29.72 -32.90
N ASP E 134 44.71 -29.03 -32.26
CA ASP E 134 44.34 -28.14 -31.16
C ASP E 134 43.32 -27.07 -31.57
N PRO E 135 43.62 -26.30 -32.62
CA PRO E 135 42.64 -25.29 -33.02
C PRO E 135 41.26 -25.91 -33.37
N TYR E 136 41.25 -27.03 -34.08
CA TYR E 136 39.99 -27.66 -34.44
C TYR E 136 39.22 -28.15 -33.21
N LYS E 137 39.94 -28.36 -32.11
CA LYS E 137 39.31 -28.81 -30.88
C LYS E 137 38.75 -27.60 -30.11
N GLN E 138 39.48 -26.49 -30.15
CA GLN E 138 39.09 -25.26 -29.47
C GLN E 138 38.09 -24.42 -30.24
N GLY E 139 38.15 -24.51 -31.57
CA GLY E 139 37.27 -23.72 -32.39
C GLY E 139 38.07 -22.54 -32.91
N PHE E 140 37.65 -21.95 -34.02
CA PHE E 140 38.39 -20.80 -34.55
C PHE E 140 37.60 -20.05 -35.60
N GLY E 141 38.10 -18.86 -35.92
CA GLY E 141 37.46 -18.04 -36.93
C GLY E 141 36.65 -16.95 -36.30
N ASN E 142 35.77 -16.32 -37.07
CA ASN E 142 34.93 -15.27 -36.55
C ASN E 142 33.47 -15.71 -36.54
N VAL E 143 32.85 -15.62 -35.36
CA VAL E 143 31.45 -16.02 -35.20
C VAL E 143 30.50 -15.06 -35.90
N ALA E 144 30.75 -13.76 -35.73
CA ALA E 144 29.89 -12.78 -36.37
C ALA E 144 30.58 -11.43 -36.56
N THR E 145 30.08 -10.67 -37.53
CA THR E 145 30.61 -9.35 -37.83
C THR E 145 29.45 -8.36 -37.81
N ASN E 146 29.77 -7.09 -37.61
CA ASN E 146 28.76 -6.04 -37.54
C ASN E 146 28.00 -5.81 -38.83
N THR E 147 26.69 -5.59 -38.70
CA THR E 147 25.85 -5.33 -39.85
C THR E 147 25.97 -3.85 -40.16
N ASP E 148 25.86 -3.51 -41.44
CA ASP E 148 25.94 -2.13 -41.93
C ASP E 148 26.08 -1.04 -40.85
N GLY E 149 24.95 -0.57 -40.34
CA GLY E 149 24.99 0.47 -39.32
C GLY E 149 24.15 0.17 -38.09
N LYS E 150 24.51 -0.90 -37.37
CA LYS E 150 23.80 -1.30 -36.16
C LYS E 150 24.81 -1.52 -35.04
N ASN E 151 24.31 -1.75 -33.83
CA ASN E 151 25.20 -1.97 -32.70
C ASN E 151 25.41 -3.45 -32.41
N TYR E 152 24.72 -4.32 -33.16
CA TYR E 152 24.86 -5.75 -32.96
C TYR E 152 25.46 -6.46 -34.20
N CYS E 153 25.91 -7.71 -33.99
CA CYS E 153 26.49 -8.50 -35.05
C CYS E 153 25.47 -9.49 -35.61
N GLY E 154 24.86 -9.11 -36.74
CA GLY E 154 23.86 -9.95 -37.36
C GLY E 154 24.33 -10.73 -38.58
N LEU E 155 25.60 -10.58 -38.93
CA LEU E 155 26.16 -11.29 -40.06
C LEU E 155 27.09 -12.37 -39.55
N PRO E 156 26.87 -13.62 -39.95
CA PRO E 156 27.77 -14.66 -39.46
C PRO E 156 29.10 -14.50 -40.18
N GLY E 157 30.16 -15.05 -39.61
CA GLY E 157 31.46 -15.00 -40.26
C GLY E 157 31.84 -16.44 -40.59
N GLU E 158 33.07 -16.68 -41.02
CA GLU E 158 33.49 -18.05 -41.29
C GLU E 158 34.06 -18.59 -39.97
N TYR E 159 33.72 -19.83 -39.62
CA TYR E 159 34.26 -20.40 -38.39
C TYR E 159 33.91 -21.86 -38.13
N TRP E 160 34.68 -22.45 -37.21
CA TRP E 160 34.49 -23.83 -36.79
C TRP E 160 34.31 -23.67 -35.28
N LEU E 161 33.12 -24.03 -34.81
CA LEU E 161 32.81 -23.90 -33.40
C LEU E 161 33.80 -24.59 -32.45
N GLY E 162 34.30 -25.75 -32.86
CA GLY E 162 35.23 -26.48 -32.02
C GLY E 162 34.66 -27.85 -31.70
N ASN E 163 35.51 -28.88 -31.76
CA ASN E 163 35.08 -30.25 -31.52
C ASN E 163 34.53 -30.55 -30.13
N ASP E 164 35.14 -30.01 -29.08
CA ASP E 164 34.61 -30.30 -27.74
C ASP E 164 33.21 -29.74 -27.63
N LYS E 165 33.03 -28.53 -28.14
CA LYS E 165 31.73 -27.88 -28.09
C LYS E 165 30.68 -28.62 -28.92
N ILE E 166 31.02 -28.97 -30.16
CA ILE E 166 30.09 -29.67 -31.04
C ILE E 166 29.69 -31.01 -30.44
N SER E 167 30.68 -31.73 -29.91
CA SER E 167 30.44 -33.03 -29.30
C SER E 167 29.44 -32.93 -28.16
N GLN E 168 29.67 -31.99 -27.24
CA GLN E 168 28.78 -31.83 -26.10
C GLN E 168 27.34 -31.47 -26.50
N LEU E 169 27.21 -30.62 -27.52
CA LEU E 169 25.91 -30.19 -28.01
C LEU E 169 25.06 -31.32 -28.59
N THR E 170 25.66 -32.15 -29.45
CA THR E 170 24.92 -33.24 -30.06
C THR E 170 24.54 -34.33 -29.08
N ARG E 171 25.25 -34.41 -27.97
CA ARG E 171 24.95 -35.45 -26.98
C ARG E 171 23.99 -35.04 -25.87
N MET E 172 23.40 -33.86 -25.97
CA MET E 172 22.46 -33.44 -24.93
C MET E 172 21.13 -34.17 -25.13
N GLY E 173 21.01 -34.81 -26.28
CA GLY E 173 19.79 -35.54 -26.60
C GLY E 173 19.71 -35.63 -28.11
N PRO E 174 18.67 -36.27 -28.66
CA PRO E 174 18.52 -36.41 -30.11
C PRO E 174 18.73 -35.05 -30.80
N THR E 175 19.69 -35.01 -31.73
CA THR E 175 20.04 -33.79 -32.46
C THR E 175 20.00 -33.98 -33.98
N GLU E 176 19.51 -32.99 -34.72
CA GLU E 176 19.46 -33.10 -36.18
C GLU E 176 20.47 -32.14 -36.84
N LEU E 177 20.92 -32.50 -38.04
CA LEU E 177 21.90 -31.73 -38.79
C LEU E 177 21.40 -31.30 -40.17
N LEU E 178 21.73 -30.06 -40.53
CA LEU E 178 21.36 -29.50 -41.82
C LEU E 178 22.61 -28.91 -42.48
N ILE E 179 22.91 -29.41 -43.68
CA ILE E 179 24.05 -28.91 -44.44
C ILE E 179 23.56 -28.20 -45.70
N GLU E 180 23.87 -26.91 -45.80
CA GLU E 180 23.49 -26.09 -46.94
C GLU E 180 24.73 -25.70 -47.70
N MET E 181 24.60 -25.60 -49.02
CA MET E 181 25.73 -25.24 -49.88
C MET E 181 25.26 -24.58 -51.17
N GLU E 182 26.16 -23.82 -51.80
CA GLU E 182 25.85 -23.09 -53.03
C GLU E 182 27.05 -23.12 -53.98
N ASP E 183 26.77 -23.12 -55.28
CA ASP E 183 27.86 -23.11 -56.25
C ASP E 183 28.10 -21.68 -56.72
N TRP E 184 28.99 -21.51 -57.69
CA TRP E 184 29.28 -20.18 -58.21
C TRP E 184 28.32 -19.71 -59.30
N LYS E 185 27.19 -20.38 -59.42
CA LYS E 185 26.16 -20.01 -60.38
C LYS E 185 24.94 -19.55 -59.59
N GLY E 186 25.01 -19.73 -58.28
CA GLY E 186 23.92 -19.31 -57.42
C GLY E 186 22.90 -20.39 -57.09
N ASP E 187 23.10 -21.60 -57.60
CA ASP E 187 22.17 -22.69 -57.31
C ASP E 187 22.41 -23.22 -55.90
N LYS E 188 21.36 -23.72 -55.26
CA LYS E 188 21.48 -24.24 -53.90
C LYS E 188 20.83 -25.61 -53.66
N VAL E 189 21.45 -26.39 -52.77
CA VAL E 189 20.94 -27.71 -52.40
C VAL E 189 21.22 -27.88 -50.92
N LYS E 190 20.71 -28.95 -50.33
CA LYS E 190 20.93 -29.19 -48.91
C LYS E 190 20.91 -30.67 -48.55
N ALA E 191 21.55 -31.02 -47.45
CA ALA E 191 21.56 -32.40 -46.96
C ALA E 191 21.08 -32.36 -45.53
N HIS E 192 19.94 -32.99 -45.29
CA HIS E 192 19.35 -33.04 -43.96
C HIS E 192 19.67 -34.38 -43.30
N TYR E 193 20.12 -34.37 -42.05
CA TYR E 193 20.39 -35.62 -41.35
C TYR E 193 19.62 -35.67 -40.04
N GLY E 194 18.54 -36.44 -40.05
CA GLY E 194 17.67 -36.57 -38.89
C GLY E 194 18.37 -36.88 -37.58
N GLY E 195 19.52 -37.55 -37.67
CA GLY E 195 20.28 -37.89 -36.49
C GLY E 195 21.76 -37.57 -36.68
N PHE E 196 22.34 -36.88 -35.70
CA PHE E 196 23.75 -36.49 -35.77
C PHE E 196 24.40 -36.49 -34.39
N THR E 197 25.53 -37.18 -34.28
CA THR E 197 26.24 -37.28 -33.00
C THR E 197 27.75 -37.25 -33.21
N VAL E 198 28.45 -36.63 -32.27
CA VAL E 198 29.90 -36.56 -32.31
C VAL E 198 30.43 -36.94 -30.92
N GLN E 199 31.21 -38.01 -30.83
CA GLN E 199 31.76 -38.47 -29.56
C GLN E 199 32.87 -37.55 -29.06
N ASN E 200 33.34 -37.78 -27.84
CA ASN E 200 34.38 -36.94 -27.27
C ASN E 200 35.77 -37.18 -27.84
N GLU E 201 36.71 -36.34 -27.43
CA GLU E 201 38.08 -36.43 -27.91
C GLU E 201 38.72 -37.78 -27.66
N ALA E 202 38.38 -38.40 -26.54
CA ALA E 202 38.92 -39.72 -26.24
C ALA E 202 38.55 -40.64 -27.39
N ASN E 203 37.27 -40.62 -27.77
CA ASN E 203 36.79 -41.44 -28.87
C ASN E 203 37.07 -40.82 -30.22
N LYS E 204 38.04 -39.91 -30.25
CA LYS E 204 38.44 -39.23 -31.48
C LYS E 204 37.33 -38.51 -32.24
N TYR E 205 36.36 -37.96 -31.51
CA TYR E 205 35.26 -37.24 -32.12
C TYR E 205 34.56 -38.04 -33.21
N GLN E 206 34.49 -39.35 -33.03
CA GLN E 206 33.83 -40.21 -34.00
C GLN E 206 32.46 -39.64 -34.40
N ILE E 207 32.15 -39.69 -35.70
CA ILE E 207 30.89 -39.15 -36.20
C ILE E 207 29.85 -40.23 -36.53
N SER E 208 28.57 -39.86 -36.42
CA SER E 208 27.47 -40.75 -36.70
C SER E 208 26.27 -39.93 -37.20
N VAL E 209 25.73 -40.29 -38.35
CA VAL E 209 24.59 -39.58 -38.93
C VAL E 209 23.59 -40.56 -39.54
N ASN E 210 22.33 -40.14 -39.65
CA ASN E 210 21.30 -40.98 -40.25
C ASN E 210 20.06 -40.18 -40.63
N LYS E 211 19.05 -40.88 -41.14
CA LYS E 211 17.78 -40.29 -41.57
C LYS E 211 18.01 -39.12 -42.49
N TYR E 212 18.66 -39.41 -43.61
CA TYR E 212 18.98 -38.42 -44.62
C TYR E 212 17.82 -38.07 -45.55
N ARG E 213 17.78 -36.81 -45.98
CA ARG E 213 16.81 -36.32 -46.93
C ARG E 213 17.36 -35.02 -47.47
N GLY E 214 17.10 -34.72 -48.73
CA GLY E 214 17.59 -33.50 -49.31
C GLY E 214 17.83 -33.56 -50.82
N THR E 215 18.48 -32.53 -51.34
CA THR E 215 18.75 -32.44 -52.77
C THR E 215 20.22 -32.62 -53.12
N ALA E 216 21.11 -32.46 -52.13
CA ALA E 216 22.52 -32.68 -52.40
C ALA E 216 22.54 -34.19 -52.24
N GLY E 217 23.59 -34.86 -52.67
CA GLY E 217 23.55 -36.29 -52.49
C GLY E 217 23.87 -36.67 -51.07
N ASN E 218 23.50 -37.88 -50.68
CA ASN E 218 23.78 -38.36 -49.34
C ASN E 218 25.25 -38.81 -49.34
N ALA E 219 26.16 -37.86 -49.43
CA ALA E 219 27.57 -38.17 -49.47
C ALA E 219 28.12 -38.81 -48.20
N LEU E 220 27.65 -38.33 -47.05
CA LEU E 220 28.13 -38.82 -45.77
C LEU E 220 27.87 -40.30 -45.50
N MET E 221 26.69 -40.80 -45.87
CA MET E 221 26.38 -42.20 -45.65
C MET E 221 26.69 -43.14 -46.81
N ASP E 222 26.53 -42.66 -48.04
CA ASP E 222 26.74 -43.53 -49.20
C ASP E 222 27.98 -43.33 -50.05
N GLY E 223 28.71 -42.24 -49.85
CA GLY E 223 29.91 -42.05 -50.65
C GLY E 223 29.61 -41.46 -52.01
N ALA E 224 30.66 -41.14 -52.74
CA ALA E 224 30.54 -40.53 -54.06
C ALA E 224 29.82 -41.45 -55.02
N SER E 225 28.67 -40.98 -55.53
CA SER E 225 27.86 -41.76 -56.46
C SER E 225 28.57 -42.07 -57.78
N GLN E 226 29.66 -41.38 -58.06
CA GLN E 226 30.41 -41.61 -59.30
C GLN E 226 31.35 -42.81 -59.19
N LEU E 227 31.69 -43.20 -57.97
CA LEU E 227 32.58 -44.33 -57.78
C LEU E 227 31.79 -45.63 -57.75
N MET E 228 32.48 -46.74 -57.97
CA MET E 228 31.85 -48.06 -57.99
C MET E 228 32.42 -49.10 -57.01
N GLY E 229 31.62 -50.12 -56.73
CA GLY E 229 32.05 -51.18 -55.84
C GLY E 229 32.64 -50.64 -54.55
N GLU E 230 33.66 -51.32 -54.04
CA GLU E 230 34.30 -50.90 -52.80
C GLU E 230 34.92 -49.50 -52.88
N ASN E 231 35.06 -48.96 -54.08
CA ASN E 231 35.63 -47.63 -54.22
C ASN E 231 34.75 -46.58 -53.62
N ARG E 232 33.43 -46.74 -53.73
CA ARG E 232 32.50 -45.78 -53.16
C ARG E 232 32.50 -45.96 -51.64
N THR E 233 32.44 -47.22 -51.22
CA THR E 233 32.45 -47.56 -49.80
C THR E 233 33.56 -46.83 -49.04
N MET E 234 34.78 -46.88 -49.58
CA MET E 234 35.87 -46.22 -48.88
C MET E 234 35.78 -44.71 -48.80
N THR E 235 34.66 -44.14 -49.23
CA THR E 235 34.47 -42.70 -49.15
C THR E 235 33.29 -42.33 -48.25
N ILE E 236 32.81 -43.30 -47.47
CA ILE E 236 31.71 -43.08 -46.54
C ILE E 236 32.29 -42.38 -45.31
N HIS E 237 31.56 -41.39 -44.80
CA HIS E 237 32.04 -40.63 -43.65
C HIS E 237 31.47 -41.15 -42.34
N ASN E 238 30.24 -41.63 -42.42
CA ASN E 238 29.57 -42.20 -41.27
C ASN E 238 30.52 -43.19 -40.57
N GLY E 239 30.62 -43.11 -39.25
CA GLY E 239 31.49 -44.02 -38.52
C GLY E 239 32.98 -43.70 -38.48
N MET E 240 33.41 -42.68 -39.22
CA MET E 240 34.83 -42.30 -39.26
C MET E 240 35.27 -41.42 -38.10
N PHE E 241 36.58 -41.23 -37.98
CA PHE E 241 37.16 -40.40 -36.92
C PHE E 241 37.68 -39.09 -37.52
N PHE E 242 37.88 -38.08 -36.68
CA PHE E 242 38.35 -36.79 -37.16
C PHE E 242 39.86 -36.82 -37.37
N SER E 243 40.32 -36.17 -38.44
CA SER E 243 41.75 -36.13 -38.75
C SER E 243 42.14 -34.73 -39.18
N THR E 244 43.34 -34.32 -38.79
CA THR E 244 43.88 -33.03 -39.19
C THR E 244 45.21 -33.41 -39.82
N TYR E 245 45.90 -32.45 -40.42
CA TYR E 245 47.17 -32.77 -41.08
C TYR E 245 48.33 -33.06 -40.14
N ASP E 246 48.09 -32.95 -38.83
CA ASP E 246 49.15 -33.26 -37.88
C ASP E 246 48.67 -34.35 -36.91
N ARG E 247 47.51 -34.91 -37.20
CA ARG E 247 46.94 -35.99 -36.39
C ARG E 247 46.16 -36.93 -37.31
N ASP E 248 46.81 -37.99 -37.75
CA ASP E 248 46.22 -38.96 -38.65
C ASP E 248 45.34 -39.99 -37.97
N ASN E 249 44.06 -40.02 -38.34
CA ASN E 249 43.10 -40.97 -37.79
C ASN E 249 42.23 -41.52 -38.90
N ASP E 250 42.70 -41.45 -40.14
CA ASP E 250 41.93 -41.91 -41.28
C ASP E 250 41.85 -43.42 -41.46
N GLY E 251 41.24 -43.85 -42.56
CA GLY E 251 41.09 -45.27 -42.84
C GLY E 251 42.23 -45.82 -43.67
N TRP E 252 43.21 -44.99 -43.96
CA TRP E 252 44.36 -45.40 -44.76
C TRP E 252 45.36 -46.12 -43.85
N LEU E 253 44.95 -47.24 -43.26
CA LEU E 253 45.85 -48.00 -42.39
C LEU E 253 47.14 -48.28 -43.15
N THR E 254 48.22 -47.59 -42.82
CA THR E 254 49.48 -47.81 -43.51
C THR E 254 50.69 -47.54 -42.63
N SER E 255 51.55 -48.55 -42.52
CA SER E 255 52.77 -48.43 -41.73
C SER E 255 53.70 -47.45 -42.43
N ASP E 256 53.16 -46.76 -43.45
CA ASP E 256 53.92 -45.79 -44.21
C ASP E 256 53.75 -44.39 -43.63
N PRO E 257 54.83 -43.81 -43.08
CA PRO E 257 54.77 -42.47 -42.51
C PRO E 257 54.83 -41.36 -43.57
N ARG E 258 54.10 -41.55 -44.67
CA ARG E 258 54.07 -40.56 -45.75
C ARG E 258 52.90 -40.80 -46.71
N LYS E 259 51.73 -41.06 -46.13
CA LYS E 259 50.51 -41.31 -46.89
C LYS E 259 49.33 -40.97 -45.96
N GLN E 260 48.65 -39.87 -46.26
CA GLN E 260 47.53 -39.42 -45.43
C GLN E 260 46.49 -38.68 -46.27
N CYS E 261 45.25 -38.63 -45.78
CA CYS E 261 44.19 -37.94 -46.50
C CYS E 261 44.30 -36.43 -46.33
N SER E 262 44.83 -35.99 -45.21
CA SER E 262 44.96 -34.57 -44.94
C SER E 262 46.42 -34.13 -44.94
N LYS E 263 46.85 -33.51 -46.04
CA LYS E 263 48.23 -33.05 -46.11
C LYS E 263 48.35 -31.61 -45.62
N GLU E 264 49.56 -31.06 -45.62
CA GLU E 264 49.75 -29.72 -45.11
C GLU E 264 48.78 -28.69 -45.64
N ASP E 265 48.23 -27.89 -44.74
CA ASP E 265 47.28 -26.84 -45.08
C ASP E 265 45.93 -27.44 -45.50
N GLY E 266 45.80 -28.75 -45.36
CA GLY E 266 44.54 -29.41 -45.70
C GLY E 266 43.57 -29.23 -44.55
N GLY E 267 42.28 -29.32 -44.85
CA GLY E 267 41.28 -29.14 -43.81
C GLY E 267 41.12 -30.33 -42.88
N GLY E 268 40.50 -30.08 -41.73
CA GLY E 268 40.25 -31.13 -40.77
C GLY E 268 38.86 -31.69 -41.07
N TRP E 269 38.73 -33.02 -41.10
CA TRP E 269 37.45 -33.63 -41.40
C TRP E 269 37.41 -35.12 -41.04
N TRP E 270 36.23 -35.71 -41.15
CA TRP E 270 36.07 -37.14 -40.85
C TRP E 270 36.39 -37.98 -42.09
N TYR E 271 37.67 -38.01 -42.46
CA TYR E 271 38.13 -38.76 -43.65
C TYR E 271 38.11 -40.27 -43.50
N ASN E 272 38.08 -40.94 -44.66
CA ASN E 272 38.08 -42.38 -44.76
C ASN E 272 39.22 -42.67 -45.73
N ARG E 273 38.88 -43.02 -46.97
CA ARG E 273 39.91 -43.29 -47.96
C ARG E 273 39.49 -42.84 -49.36
N CYS E 274 39.28 -41.54 -49.55
CA CYS E 274 39.46 -40.56 -48.50
C CYS E 274 38.20 -39.78 -48.15
N HIS E 275 37.44 -39.36 -49.17
CA HIS E 275 36.23 -38.59 -48.89
C HIS E 275 35.27 -38.42 -50.07
N ALA E 276 34.03 -38.10 -49.74
CA ALA E 276 33.00 -37.84 -50.76
C ALA E 276 32.62 -36.36 -50.59
N ALA E 277 32.93 -35.82 -49.42
CA ALA E 277 32.63 -34.43 -49.12
C ALA E 277 33.62 -33.88 -48.09
N ASN E 278 33.94 -32.59 -48.19
CA ASN E 278 34.87 -31.96 -47.25
C ASN E 278 34.55 -30.49 -47.12
N PRO E 279 33.62 -30.14 -46.22
CA PRO E 279 33.20 -28.76 -45.99
C PRO E 279 34.30 -27.86 -45.43
N ASN E 280 35.40 -28.46 -44.97
CA ASN E 280 36.50 -27.69 -44.41
C ASN E 280 37.72 -27.61 -45.34
N GLY E 281 37.51 -27.86 -46.63
CA GLY E 281 38.61 -27.80 -47.57
C GLY E 281 39.11 -26.39 -47.88
N ARG E 282 40.00 -26.29 -48.86
CA ARG E 282 40.57 -25.01 -49.26
C ARG E 282 39.58 -24.25 -50.15
N TYR E 283 39.47 -22.95 -49.92
CA TYR E 283 38.55 -22.12 -50.68
C TYR E 283 39.11 -21.75 -52.04
N TYR E 284 38.80 -22.56 -53.05
CA TYR E 284 39.25 -22.30 -54.41
C TYR E 284 38.27 -21.32 -55.04
N TRP E 285 38.76 -20.14 -55.40
CA TRP E 285 37.93 -19.13 -56.01
C TRP E 285 37.44 -19.54 -57.38
N GLY E 286 36.14 -19.41 -57.62
CA GLY E 286 35.59 -19.77 -58.91
C GLY E 286 34.96 -21.16 -59.01
N GLY E 287 35.31 -22.04 -58.08
CA GLY E 287 34.74 -23.37 -58.10
C GLY E 287 35.58 -24.45 -58.76
N GLN E 288 35.70 -24.38 -60.07
CA GLN E 288 36.48 -25.37 -60.80
C GLN E 288 37.99 -25.18 -60.59
N TYR E 289 38.70 -26.27 -60.30
CA TYR E 289 40.15 -26.20 -60.15
C TYR E 289 40.76 -27.52 -60.62
N THR E 290 42.07 -27.54 -60.86
CA THR E 290 42.73 -28.75 -61.33
C THR E 290 43.92 -29.18 -60.47
N TRP E 291 44.41 -30.40 -60.72
CA TRP E 291 45.53 -30.94 -59.96
C TRP E 291 46.78 -30.07 -59.96
N ASP E 292 47.07 -29.40 -61.07
CA ASP E 292 48.26 -28.56 -61.12
C ASP E 292 48.05 -27.22 -60.43
N MET E 293 46.93 -27.10 -59.72
CA MET E 293 46.62 -25.89 -58.98
C MET E 293 46.70 -26.16 -57.49
N ALA E 294 46.68 -27.44 -57.13
CA ALA E 294 46.73 -27.83 -55.72
C ALA E 294 48.13 -28.09 -55.20
N LYS E 295 48.37 -27.66 -53.96
CA LYS E 295 49.67 -27.81 -53.32
C LYS E 295 50.20 -29.24 -53.41
N HIS E 296 49.30 -30.20 -53.31
CA HIS E 296 49.71 -31.61 -53.35
C HIS E 296 49.10 -32.40 -54.50
N GLY E 297 48.41 -31.73 -55.41
CA GLY E 297 47.80 -32.43 -56.52
C GLY E 297 46.61 -33.31 -56.14
N THR E 298 45.91 -32.95 -55.08
CA THR E 298 44.73 -33.71 -54.62
C THR E 298 43.51 -32.79 -54.60
N ASP E 299 42.28 -33.32 -54.56
CA ASP E 299 41.13 -32.42 -54.55
C ASP E 299 40.80 -31.96 -53.13
N ASP E 300 41.56 -30.97 -52.68
CA ASP E 300 41.45 -30.44 -51.34
C ASP E 300 40.57 -29.21 -51.16
N GLY E 301 39.58 -29.02 -52.03
CA GLY E 301 38.71 -27.86 -51.89
C GLY E 301 37.43 -28.13 -51.12
N VAL E 302 36.53 -27.15 -51.07
CA VAL E 302 35.25 -27.32 -50.38
C VAL E 302 34.34 -28.15 -51.28
N VAL E 303 34.49 -29.46 -51.15
CA VAL E 303 33.78 -30.41 -52.00
C VAL E 303 32.57 -31.16 -51.49
N TRP E 304 31.71 -31.53 -52.43
CA TRP E 304 30.54 -32.35 -52.15
C TRP E 304 30.28 -33.14 -53.45
N MET E 305 31.17 -34.10 -53.71
CA MET E 305 31.13 -34.95 -54.90
C MET E 305 29.76 -35.34 -55.46
N ASN E 306 28.84 -35.75 -54.59
CA ASN E 306 27.53 -36.18 -55.06
C ASN E 306 26.74 -35.11 -55.78
N TRP E 307 27.22 -33.87 -55.74
CA TRP E 307 26.49 -32.81 -56.42
C TRP E 307 27.27 -32.21 -57.58
N LYS E 308 28.56 -31.95 -57.41
CA LYS E 308 29.33 -31.32 -58.47
C LYS E 308 30.63 -32.01 -58.91
N GLY E 309 30.84 -33.25 -58.50
CA GLY E 309 32.07 -33.90 -58.91
C GLY E 309 33.23 -33.56 -57.98
N SER E 310 34.42 -34.02 -58.33
CA SER E 310 35.58 -33.83 -57.51
C SER E 310 36.34 -32.50 -57.53
N TRP E 311 36.69 -32.01 -58.70
CA TRP E 311 37.47 -30.78 -58.72
C TRP E 311 36.64 -29.51 -58.80
N TYR E 312 35.77 -29.34 -57.80
CA TYR E 312 34.90 -28.18 -57.72
C TYR E 312 34.69 -27.74 -56.27
N SER E 313 35.18 -26.56 -55.92
CA SER E 313 35.05 -26.03 -54.57
C SER E 313 33.85 -25.07 -54.44
N MET E 314 32.96 -25.37 -53.50
CA MET E 314 31.73 -24.60 -53.23
C MET E 314 31.96 -23.11 -52.89
N ARG E 315 30.90 -22.31 -53.02
CA ARG E 315 30.98 -20.87 -52.71
C ARG E 315 30.45 -20.59 -51.30
N LYS E 316 29.38 -21.28 -50.93
CA LYS E 316 28.79 -21.14 -49.61
C LYS E 316 28.64 -22.56 -49.08
N MET E 317 28.87 -22.74 -47.79
CA MET E 317 28.77 -24.04 -47.19
C MET E 317 28.62 -23.85 -45.71
N SER E 318 27.67 -24.55 -45.10
CA SER E 318 27.48 -24.41 -43.65
C SER E 318 26.84 -25.64 -43.04
N MET E 319 27.07 -25.81 -41.74
CA MET E 319 26.53 -26.93 -40.99
C MET E 319 25.79 -26.37 -39.76
N LYS E 320 24.54 -26.79 -39.57
CA LYS E 320 23.72 -26.32 -38.45
C LYS E 320 23.07 -27.49 -37.69
N ILE E 321 22.86 -27.31 -36.39
CA ILE E 321 22.25 -28.36 -35.58
C ILE E 321 21.08 -27.86 -34.75
N ARG E 322 20.18 -28.77 -34.41
CA ARG E 322 19.00 -28.44 -33.64
C ARG E 322 18.42 -29.71 -33.01
N PRO E 323 17.86 -29.60 -31.81
CA PRO E 323 17.27 -30.77 -31.14
C PRO E 323 16.20 -31.38 -32.05
N PHE E 324 16.35 -32.66 -32.37
CA PHE E 324 15.41 -33.36 -33.25
C PHE E 324 13.95 -33.10 -32.98
N PHE E 325 13.57 -33.13 -31.70
CA PHE E 325 12.22 -32.88 -31.21
C PHE E 325 11.65 -34.08 -30.45
N PRO E 326 12.51 -34.82 -29.73
CA PRO E 326 12.08 -35.98 -28.96
C PRO E 326 11.49 -35.59 -27.60
N TYR F 22 69.24 -15.54 -70.25
CA TYR F 22 69.01 -15.76 -71.70
C TYR F 22 68.55 -17.19 -71.95
N LEU F 23 69.48 -18.06 -72.33
CA LEU F 23 69.15 -19.46 -72.59
C LEU F 23 68.56 -20.15 -71.36
N GLN F 24 69.33 -20.17 -70.27
CA GLN F 24 68.89 -20.78 -69.01
C GLN F 24 69.52 -20.04 -67.84
N GLU F 25 69.96 -18.82 -68.09
CA GLU F 25 70.58 -18.01 -67.04
C GLU F 25 69.49 -17.34 -66.22
N ILE F 26 68.46 -16.85 -66.92
CA ILE F 26 67.33 -16.19 -66.26
C ILE F 26 66.49 -17.20 -65.50
N TYR F 27 66.29 -18.38 -66.07
CA TYR F 27 65.52 -19.42 -65.40
C TYR F 27 66.13 -19.67 -64.03
N ASN F 28 67.45 -19.56 -63.96
CA ASN F 28 68.15 -19.77 -62.70
C ASN F 28 67.79 -18.69 -61.69
N SER F 29 67.69 -17.45 -62.16
CA SER F 29 67.35 -16.33 -61.29
C SER F 29 65.91 -16.45 -60.79
N ASN F 30 65.01 -16.91 -61.67
CA ASN F 30 63.61 -17.06 -61.29
C ASN F 30 63.43 -18.06 -60.16
N ASN F 31 64.12 -19.19 -60.26
CA ASN F 31 64.00 -20.20 -59.22
C ASN F 31 64.56 -19.68 -57.90
N GLN F 32 65.31 -18.59 -57.98
CA GLN F 32 65.90 -17.99 -56.79
C GLN F 32 64.88 -17.05 -56.15
N LYS F 33 64.24 -16.22 -56.98
CA LYS F 33 63.22 -15.30 -56.49
C LYS F 33 62.09 -16.08 -55.83
N ILE F 34 61.67 -17.17 -56.48
CA ILE F 34 60.58 -17.99 -55.96
C ILE F 34 60.92 -18.54 -54.58
N VAL F 35 62.13 -19.08 -54.45
CA VAL F 35 62.54 -19.60 -53.17
C VAL F 35 62.36 -18.51 -52.13
N ASN F 36 62.80 -17.31 -52.45
CA ASN F 36 62.69 -16.18 -51.55
C ASN F 36 61.25 -15.71 -51.34
N LEU F 37 60.42 -15.84 -52.36
CA LEU F 37 59.02 -15.43 -52.25
C LEU F 37 58.27 -16.39 -51.33
N LYS F 38 58.59 -17.67 -51.42
CA LYS F 38 57.91 -18.66 -50.57
C LYS F 38 58.25 -18.48 -49.11
N GLU F 39 59.36 -17.79 -48.84
CA GLU F 39 59.77 -17.52 -47.48
C GLU F 39 58.87 -16.47 -46.85
N LYS F 40 58.55 -15.43 -47.62
CA LYS F 40 57.67 -14.37 -47.14
C LYS F 40 56.21 -14.82 -47.03
N VAL F 41 55.78 -15.69 -47.94
CA VAL F 41 54.40 -16.18 -47.89
C VAL F 41 54.23 -16.98 -46.61
N ALA F 42 55.30 -17.61 -46.15
CA ALA F 42 55.23 -18.39 -44.92
C ALA F 42 55.10 -17.46 -43.72
N GLN F 43 55.69 -16.27 -43.82
CA GLN F 43 55.62 -15.31 -42.71
C GLN F 43 54.24 -14.68 -42.68
N LEU F 44 53.68 -14.46 -43.85
CA LEU F 44 52.36 -13.85 -43.98
C LEU F 44 51.29 -14.72 -43.32
N GLU F 45 51.36 -16.03 -43.59
CA GLU F 45 50.39 -16.97 -43.04
C GLU F 45 50.35 -16.90 -41.51
N ALA F 46 51.52 -16.80 -40.89
CA ALA F 46 51.62 -16.72 -39.43
C ALA F 46 50.95 -15.47 -38.89
N GLN F 47 50.83 -14.45 -39.73
CA GLN F 47 50.20 -13.19 -39.35
C GLN F 47 48.68 -13.26 -39.46
N CYS F 48 48.16 -14.26 -40.18
CA CYS F 48 46.71 -14.37 -40.37
C CYS F 48 46.09 -15.63 -39.78
N GLN F 49 46.26 -15.82 -38.48
CA GLN F 49 45.70 -16.98 -37.79
C GLN F 49 44.72 -16.61 -36.69
N GLU F 50 44.79 -15.37 -36.22
CA GLU F 50 43.91 -14.94 -35.14
C GLU F 50 42.61 -14.31 -35.64
N PRO F 51 41.59 -14.28 -34.77
CA PRO F 51 40.27 -13.73 -35.08
C PRO F 51 40.27 -12.21 -34.89
N CYS F 52 39.20 -11.54 -35.31
CA CYS F 52 39.13 -10.09 -35.14
C CYS F 52 39.06 -9.79 -33.66
N LYS F 53 39.61 -8.64 -33.27
CA LYS F 53 39.58 -8.22 -31.89
C LYS F 53 38.20 -7.62 -31.70
N ASP F 54 37.48 -8.05 -30.67
CA ASP F 54 36.15 -7.53 -30.39
C ASP F 54 36.25 -6.48 -29.29
N THR F 55 35.58 -5.35 -29.49
CA THR F 55 35.61 -4.28 -28.49
C THR F 55 34.94 -4.65 -27.19
N VAL F 56 33.78 -5.31 -27.26
CA VAL F 56 33.09 -5.68 -26.03
C VAL F 56 33.73 -6.90 -25.37
N GLN F 57 34.05 -6.75 -24.09
CA GLN F 57 34.67 -7.82 -23.33
C GLN F 57 33.91 -8.03 -22.04
N ILE F 58 33.87 -9.27 -21.57
CA ILE F 58 33.16 -9.61 -20.36
C ILE F 58 34.14 -9.87 -19.22
N HIS F 59 34.16 -8.97 -18.24
CA HIS F 59 35.06 -9.08 -17.09
C HIS F 59 34.99 -10.44 -16.41
N ASP F 60 36.04 -10.78 -15.67
CA ASP F 60 36.14 -12.06 -14.99
C ASP F 60 35.69 -12.09 -13.53
N ILE F 61 35.24 -10.97 -13.01
CA ILE F 61 34.77 -10.93 -11.62
C ILE F 61 33.29 -11.31 -11.58
N THR F 62 32.91 -12.18 -10.64
CA THR F 62 31.52 -12.64 -10.51
C THR F 62 30.93 -12.48 -9.09
N GLY F 63 29.61 -12.56 -8.98
CA GLY F 63 28.96 -12.42 -7.69
C GLY F 63 27.44 -12.54 -7.68
N LYS F 64 26.84 -12.26 -6.52
CA LYS F 64 25.39 -12.34 -6.35
C LYS F 64 24.72 -11.19 -7.10
N ASP F 65 25.37 -10.04 -7.08
CA ASP F 65 24.87 -8.85 -7.76
C ASP F 65 26.05 -7.89 -7.97
N CYS F 66 25.76 -6.76 -8.59
CA CYS F 66 26.77 -5.77 -8.87
C CYS F 66 27.51 -5.22 -7.65
N GLN F 67 26.79 -5.07 -6.55
CA GLN F 67 27.42 -4.56 -5.33
C GLN F 67 28.38 -5.59 -4.75
N ASP F 68 28.08 -6.87 -4.98
CA ASP F 68 28.95 -7.94 -4.49
C ASP F 68 30.22 -7.91 -5.35
N ILE F 69 30.05 -7.53 -6.61
CA ILE F 69 31.19 -7.46 -7.52
C ILE F 69 32.05 -6.25 -7.20
N ALA F 70 31.42 -5.19 -6.75
CA ALA F 70 32.15 -3.98 -6.38
C ALA F 70 32.96 -4.31 -5.13
N ASN F 71 32.34 -5.02 -4.20
CA ASN F 71 33.01 -5.40 -2.96
C ASN F 71 34.18 -6.35 -3.20
N LYS F 72 34.26 -6.94 -4.38
CA LYS F 72 35.35 -7.85 -4.67
C LYS F 72 36.49 -7.17 -5.41
N GLY F 73 36.36 -5.86 -5.62
CA GLY F 73 37.43 -5.13 -6.28
C GLY F 73 37.14 -4.50 -7.64
N ALA F 74 36.01 -4.82 -8.26
CA ALA F 74 35.69 -4.24 -9.56
C ALA F 74 35.78 -2.72 -9.45
N LYS F 75 36.46 -2.09 -10.39
CA LYS F 75 36.62 -0.65 -10.36
C LYS F 75 35.99 0.08 -11.54
N GLN F 76 35.63 -0.65 -12.58
CA GLN F 76 35.03 -0.02 -13.73
C GLN F 76 33.64 -0.59 -14.05
N SER F 77 32.85 0.21 -14.76
CA SER F 77 31.50 -0.19 -15.16
C SER F 77 31.60 -1.10 -16.39
N GLY F 78 30.71 -2.07 -16.49
CA GLY F 78 30.75 -2.97 -17.63
C GLY F 78 29.91 -4.21 -17.48
N LEU F 79 30.18 -5.21 -18.32
CA LEU F 79 29.43 -6.46 -18.29
C LEU F 79 30.06 -7.50 -17.40
N TYR F 80 29.24 -8.13 -16.56
CA TYR F 80 29.71 -9.16 -15.65
C TYR F 80 28.63 -10.23 -15.55
N PHE F 81 29.03 -11.41 -15.08
CA PHE F 81 28.08 -12.49 -14.89
C PHE F 81 27.78 -12.52 -13.42
N ILE F 82 26.51 -12.66 -13.10
CA ILE F 82 26.09 -12.74 -11.72
C ILE F 82 25.22 -13.98 -11.55
N LYS F 83 25.14 -14.47 -10.33
CA LYS F 83 24.33 -15.63 -10.04
C LYS F 83 23.72 -15.50 -8.67
N PRO F 84 22.53 -14.89 -8.59
CA PRO F 84 21.85 -14.72 -7.31
C PRO F 84 21.64 -16.11 -6.68
N LEU F 85 21.61 -16.16 -5.35
CA LEU F 85 21.42 -17.40 -4.62
C LEU F 85 20.44 -18.42 -5.22
N LYS F 86 19.17 -18.05 -5.32
CA LYS F 86 18.17 -18.98 -5.84
C LYS F 86 18.15 -19.13 -7.36
N ALA F 87 19.16 -18.63 -8.04
CA ALA F 87 19.25 -18.75 -9.49
C ALA F 87 19.95 -20.05 -9.88
N ASN F 88 19.34 -20.82 -10.77
CA ASN F 88 19.93 -22.09 -11.19
C ASN F 88 20.96 -21.94 -12.29
N GLN F 89 20.97 -20.76 -12.92
CA GLN F 89 21.89 -20.48 -14.01
C GLN F 89 22.40 -19.05 -13.79
N GLN F 90 23.57 -18.73 -14.35
CA GLN F 90 24.10 -17.37 -14.22
C GLN F 90 23.67 -16.63 -15.46
N PHE F 91 23.69 -15.30 -15.41
CA PHE F 91 23.32 -14.50 -16.57
C PHE F 91 24.11 -13.20 -16.59
N LEU F 92 24.21 -12.59 -17.76
CA LEU F 92 24.96 -11.35 -17.93
C LEU F 92 24.17 -10.11 -17.56
N VAL F 93 24.83 -9.14 -16.93
CA VAL F 93 24.20 -7.89 -16.54
C VAL F 93 25.17 -6.73 -16.73
N TYR F 94 24.64 -5.52 -16.73
CA TYR F 94 25.46 -4.31 -16.85
C TYR F 94 25.61 -3.70 -15.46
N CYS F 95 26.82 -3.68 -14.93
CA CYS F 95 27.05 -3.10 -13.61
C CYS F 95 27.58 -1.67 -13.66
N GLU F 96 26.87 -0.77 -12.98
CA GLU F 96 27.29 0.62 -12.93
C GLU F 96 28.08 0.80 -11.63
N ILE F 97 29.38 1.03 -11.77
CA ILE F 97 30.25 1.18 -10.61
C ILE F 97 30.91 2.55 -10.56
N ASP F 98 30.82 3.20 -9.41
CA ASP F 98 31.42 4.51 -9.21
C ASP F 98 32.57 4.38 -8.22
N GLY F 99 33.40 5.41 -8.15
CA GLY F 99 34.53 5.38 -7.25
C GLY F 99 34.20 5.25 -5.77
N SER F 100 32.97 5.61 -5.38
CA SER F 100 32.56 5.54 -3.97
C SER F 100 32.50 4.13 -3.42
N GLY F 101 32.42 3.14 -4.30
CA GLY F 101 32.36 1.77 -3.84
C GLY F 101 30.96 1.19 -4.01
N ASN F 102 30.08 1.96 -4.66
CA ASN F 102 28.72 1.50 -4.89
C ASN F 102 28.57 0.82 -6.24
N GLY F 103 27.93 -0.34 -6.24
CA GLY F 103 27.71 -1.09 -7.46
C GLY F 103 26.24 -1.28 -7.74
N TRP F 104 25.76 -0.71 -8.84
CA TRP F 104 24.35 -0.81 -9.21
C TRP F 104 24.08 -1.84 -10.29
N THR F 105 23.02 -2.63 -10.11
CA THR F 105 22.61 -3.61 -11.10
C THR F 105 21.50 -2.95 -11.91
N VAL F 106 21.78 -2.59 -13.16
CA VAL F 106 20.79 -1.92 -14.02
C VAL F 106 19.84 -2.92 -14.68
N PHE F 107 18.53 -2.65 -14.66
CA PHE F 107 17.62 -3.59 -15.30
C PHE F 107 16.73 -2.99 -16.41
N GLN F 108 16.82 -1.68 -16.61
CA GLN F 108 16.06 -1.01 -17.67
C GLN F 108 16.80 0.24 -18.12
N LYS F 109 16.84 0.48 -19.43
CA LYS F 109 17.55 1.63 -19.98
C LYS F 109 17.01 2.12 -21.31
N ARG F 110 16.74 3.42 -21.39
CA ARG F 110 16.25 4.04 -22.63
C ARG F 110 17.15 5.27 -22.90
N LEU F 111 17.47 5.52 -24.17
CA LEU F 111 18.30 6.67 -24.55
C LEU F 111 18.29 7.01 -26.05
N ASP F 112 17.34 6.45 -26.78
CA ASP F 112 17.16 6.67 -28.22
C ASP F 112 16.25 5.54 -28.68
N GLY F 113 15.07 5.89 -29.20
CA GLY F 113 14.10 4.89 -29.62
C GLY F 113 14.55 3.84 -30.63
N SER F 114 15.69 3.21 -30.35
CA SER F 114 16.26 2.20 -31.24
C SER F 114 15.74 0.78 -31.00
N VAL F 115 15.12 0.55 -29.84
CA VAL F 115 14.59 -0.77 -29.52
C VAL F 115 13.09 -0.71 -29.28
N ASP F 116 12.37 -1.69 -29.81
CA ASP F 116 10.92 -1.71 -29.65
C ASP F 116 10.54 -2.31 -28.30
N PHE F 117 9.72 -1.60 -27.54
CA PHE F 117 9.28 -2.10 -26.24
C PHE F 117 7.89 -2.73 -26.28
N LYS F 118 7.29 -2.79 -27.47
CA LYS F 118 5.99 -3.44 -27.61
C LYS F 118 6.29 -4.93 -27.76
N LYS F 119 6.46 -5.61 -26.64
CA LYS F 119 6.78 -7.03 -26.64
C LYS F 119 5.71 -7.82 -25.89
N ASN F 120 5.76 -9.14 -26.03
CA ASN F 120 4.81 -10.01 -25.35
C ASN F 120 5.36 -10.52 -24.00
N TRP F 121 4.53 -11.25 -23.29
CA TRP F 121 4.86 -11.79 -21.99
C TRP F 121 6.21 -12.47 -21.87
N ILE F 122 6.42 -13.51 -22.67
CA ILE F 122 7.66 -14.28 -22.64
C ILE F 122 8.92 -13.44 -22.88
N GLN F 123 8.79 -12.38 -23.66
CA GLN F 123 9.94 -11.53 -23.93
C GLN F 123 10.25 -10.63 -22.73
N TYR F 124 9.21 -10.08 -22.11
CA TYR F 124 9.42 -9.22 -20.96
C TYR F 124 9.86 -10.08 -19.79
N LYS F 125 9.65 -11.38 -19.93
CA LYS F 125 10.03 -12.32 -18.90
C LYS F 125 11.49 -12.71 -19.05
N GLU F 126 11.88 -13.02 -20.27
CA GLU F 126 13.24 -13.45 -20.58
C GLU F 126 14.22 -12.32 -20.82
N GLY F 127 13.70 -11.15 -21.14
CA GLY F 127 14.56 -9.99 -21.39
C GLY F 127 14.79 -9.74 -22.86
N PHE F 128 15.10 -8.50 -23.22
CA PHE F 128 15.35 -8.16 -24.61
C PHE F 128 16.21 -6.90 -24.77
N GLY F 129 16.71 -6.69 -25.98
CA GLY F 129 17.56 -5.54 -26.23
C GLY F 129 19.01 -5.99 -26.11
N HIS F 130 19.95 -5.06 -26.03
CA HIS F 130 21.35 -5.47 -25.92
C HIS F 130 22.12 -4.80 -24.79
N LEU F 131 23.12 -5.53 -24.28
CA LEU F 131 23.96 -5.05 -23.20
C LEU F 131 25.31 -4.56 -23.76
N SER F 132 25.66 -3.31 -23.50
CA SER F 132 26.94 -2.76 -23.97
C SER F 132 27.84 -2.45 -22.79
N PRO F 133 29.18 -2.48 -23.00
CA PRO F 133 30.14 -2.19 -21.92
C PRO F 133 30.18 -0.71 -21.56
N THR F 134 29.74 0.11 -22.51
CA THR F 134 29.71 1.55 -22.37
C THR F 134 28.37 2.07 -21.88
N GLY F 135 27.40 1.17 -21.68
CA GLY F 135 26.09 1.60 -21.21
C GLY F 135 25.39 2.51 -22.22
N THR F 136 25.56 2.24 -23.51
CA THR F 136 24.96 3.07 -24.54
C THR F 136 23.87 2.40 -25.35
N THR F 137 23.27 1.34 -24.80
CA THR F 137 22.24 0.63 -25.52
C THR F 137 20.98 0.42 -24.69
N GLU F 138 19.82 0.40 -25.35
CA GLU F 138 18.55 0.21 -24.66
C GLU F 138 18.28 -1.27 -24.42
N PHE F 139 17.69 -1.58 -23.28
CA PHE F 139 17.39 -2.97 -22.97
C PHE F 139 16.44 -3.16 -21.81
N TRP F 140 16.07 -4.41 -21.56
CA TRP F 140 15.20 -4.77 -20.46
C TRP F 140 15.65 -6.11 -19.95
N LEU F 141 16.29 -6.11 -18.79
CA LEU F 141 16.72 -7.35 -18.19
C LEU F 141 15.35 -7.97 -17.91
N GLY F 142 15.17 -9.25 -18.18
CA GLY F 142 13.85 -9.84 -17.95
C GLY F 142 13.27 -9.81 -16.54
N ASN F 143 11.95 -10.02 -16.44
CA ASN F 143 11.24 -10.04 -15.15
C ASN F 143 11.68 -11.15 -14.20
N GLU F 144 12.03 -12.30 -14.76
CA GLU F 144 12.46 -13.41 -13.94
C GLU F 144 13.79 -13.10 -13.24
N LYS F 145 14.69 -12.41 -13.95
CA LYS F 145 15.98 -12.01 -13.40
C LYS F 145 15.82 -10.96 -12.31
N ILE F 146 15.00 -9.95 -12.58
CA ILE F 146 14.78 -8.89 -11.60
C ILE F 146 14.27 -9.53 -10.31
N HIS F 147 13.38 -10.50 -10.45
CA HIS F 147 12.80 -11.22 -9.31
C HIS F 147 13.84 -12.00 -8.54
N LEU F 148 14.68 -12.74 -9.27
CA LEU F 148 15.72 -13.52 -8.63
C LEU F 148 16.71 -12.61 -7.89
N ILE F 149 17.00 -11.44 -8.47
CA ILE F 149 17.92 -10.48 -7.87
C ILE F 149 17.36 -9.79 -6.65
N SER F 150 16.11 -9.34 -6.76
CA SER F 150 15.47 -8.61 -5.67
C SER F 150 14.96 -9.44 -4.49
N THR F 151 14.84 -10.75 -4.65
CA THR F 151 14.34 -11.57 -3.55
C THR F 151 15.26 -12.70 -3.17
N GLN F 152 16.54 -12.61 -3.56
CA GLN F 152 17.50 -13.68 -3.24
C GLN F 152 17.72 -13.93 -1.75
N SER F 153 17.62 -12.89 -0.94
CA SER F 153 17.81 -13.02 0.50
C SER F 153 16.87 -12.07 1.23
N ALA F 154 17.11 -11.88 2.52
CA ALA F 154 16.29 -10.97 3.30
C ALA F 154 16.83 -9.55 3.19
N ILE F 155 18.12 -9.44 2.86
CA ILE F 155 18.75 -8.14 2.71
C ILE F 155 17.92 -7.37 1.68
N PRO F 156 17.29 -6.26 2.10
CA PRO F 156 16.47 -5.43 1.22
C PRO F 156 17.20 -4.63 0.15
N TYR F 157 16.54 -4.44 -0.98
CA TYR F 157 17.09 -3.67 -2.09
C TYR F 157 16.38 -2.33 -2.23
N ALA F 158 17.01 -1.43 -2.98
CA ALA F 158 16.44 -0.12 -3.22
C ALA F 158 16.44 0.14 -4.72
N LEU F 159 15.38 0.76 -5.20
CA LEU F 159 15.26 1.07 -6.61
C LEU F 159 15.46 2.55 -6.87
N ARG F 160 16.25 2.87 -7.87
CA ARG F 160 16.44 4.26 -8.22
C ARG F 160 16.05 4.45 -9.67
N VAL F 161 15.28 5.50 -9.92
CA VAL F 161 14.82 5.84 -11.26
C VAL F 161 15.49 7.16 -11.66
N GLU F 162 16.19 7.14 -12.79
CA GLU F 162 16.85 8.34 -13.28
C GLU F 162 16.22 8.78 -14.59
N LEU F 163 15.94 10.08 -14.70
CA LEU F 163 15.31 10.60 -15.90
C LEU F 163 16.06 11.81 -16.41
N GLU F 164 16.04 11.98 -17.74
CA GLU F 164 16.68 13.12 -18.34
C GLU F 164 15.69 13.67 -19.38
N ASP F 165 15.50 14.98 -19.38
CA ASP F 165 14.60 15.59 -20.34
C ASP F 165 15.42 15.98 -21.58
N TRP F 166 14.80 16.71 -22.50
CA TRP F 166 15.50 17.09 -23.71
C TRP F 166 16.27 18.39 -23.57
N ASN F 167 16.60 18.74 -22.32
CA ASN F 167 17.35 19.95 -22.01
C ASN F 167 18.44 19.70 -20.98
N GLY F 168 18.99 18.50 -21.01
CA GLY F 168 20.06 18.16 -20.08
C GLY F 168 19.73 18.02 -18.60
N ARG F 169 18.54 18.42 -18.20
CA ARG F 169 18.17 18.30 -16.80
C ARG F 169 17.93 16.84 -16.43
N THR F 170 18.45 16.44 -15.27
CA THR F 170 18.27 15.09 -14.78
C THR F 170 17.57 15.15 -13.43
N SER F 171 16.85 14.07 -13.10
CA SER F 171 16.13 13.98 -11.84
C SER F 171 16.17 12.54 -11.37
N THR F 172 15.81 12.29 -10.12
CA THR F 172 15.82 10.93 -9.59
C THR F 172 14.67 10.67 -8.64
N ALA F 173 14.38 9.40 -8.39
CA ALA F 173 13.33 8.99 -7.48
C ALA F 173 13.79 7.66 -6.89
N ASP F 174 13.69 7.53 -5.56
CA ASP F 174 14.12 6.30 -4.90
C ASP F 174 13.01 5.63 -4.10
N TYR F 175 13.04 4.30 -4.06
CA TYR F 175 12.04 3.52 -3.33
C TYR F 175 12.74 2.43 -2.53
N ALA F 176 12.49 2.39 -1.21
CA ALA F 176 13.13 1.40 -0.35
C ALA F 176 12.36 0.10 -0.33
N MET F 177 13.06 -1.00 -0.09
CA MET F 177 12.46 -2.33 -0.05
C MET F 177 11.80 -2.71 -1.37
N PHE F 178 12.50 -2.51 -2.48
CA PHE F 178 11.97 -2.83 -3.79
C PHE F 178 12.01 -4.34 -4.04
N LYS F 179 10.93 -4.89 -4.54
CA LYS F 179 10.87 -6.32 -4.80
C LYS F 179 9.90 -6.61 -5.95
N VAL F 180 10.18 -7.68 -6.69
CA VAL F 180 9.33 -8.12 -7.77
C VAL F 180 9.00 -9.57 -7.49
N GLY F 181 7.71 -9.89 -7.41
CA GLY F 181 7.30 -11.25 -7.14
C GLY F 181 7.52 -12.19 -8.29
N PRO F 182 7.35 -13.51 -8.06
CA PRO F 182 7.52 -14.57 -9.07
C PRO F 182 6.45 -14.56 -10.16
N GLU F 183 6.64 -15.37 -11.20
CA GLU F 183 5.69 -15.42 -12.30
C GLU F 183 4.33 -15.95 -11.87
N ALA F 184 4.30 -16.75 -10.81
CA ALA F 184 3.03 -17.27 -10.33
C ALA F 184 2.12 -16.11 -9.94
N ASP F 185 2.69 -15.07 -9.33
CA ASP F 185 1.90 -13.90 -8.93
C ASP F 185 2.11 -12.75 -9.93
N LYS F 186 2.39 -13.11 -11.18
CA LYS F 186 2.56 -12.13 -12.24
C LYS F 186 3.62 -11.07 -12.01
N TYR F 187 4.73 -11.43 -11.38
CA TYR F 187 5.82 -10.49 -11.14
C TYR F 187 5.31 -9.19 -10.55
N ARG F 188 4.59 -9.30 -9.44
CA ARG F 188 4.03 -8.13 -8.76
C ARG F 188 5.13 -7.21 -8.24
N LEU F 189 4.90 -5.91 -8.34
CA LEU F 189 5.86 -4.91 -7.87
C LEU F 189 5.43 -4.40 -6.50
N THR F 190 6.38 -4.30 -5.60
CA THR F 190 6.11 -3.82 -4.24
C THR F 190 7.28 -3.03 -3.65
N TYR F 191 6.97 -2.11 -2.75
CA TYR F 191 7.97 -1.31 -2.05
C TYR F 191 7.39 -0.77 -0.74
N ALA F 192 8.25 -0.54 0.24
CA ALA F 192 7.82 -0.05 1.54
C ALA F 192 7.46 1.44 1.54
N TYR F 193 8.29 2.26 0.91
CA TYR F 193 8.02 3.70 0.86
C TYR F 193 8.95 4.47 -0.06
N PHE F 194 8.49 5.66 -0.45
CA PHE F 194 9.25 6.54 -1.32
C PHE F 194 10.37 7.12 -0.45
N ALA F 195 11.62 7.00 -0.90
CA ALA F 195 12.75 7.50 -0.13
C ALA F 195 13.24 8.87 -0.58
N GLY F 196 12.40 9.59 -1.32
CA GLY F 196 12.78 10.92 -1.74
C GLY F 196 13.36 11.01 -3.13
N GLY F 197 13.56 12.25 -3.59
CA GLY F 197 14.10 12.47 -4.91
C GLY F 197 13.35 13.61 -5.58
N ASP F 198 14.08 14.45 -6.29
CA ASP F 198 13.53 15.61 -6.96
C ASP F 198 12.61 15.30 -8.15
N ALA F 199 12.49 14.03 -8.50
CA ALA F 199 11.61 13.65 -9.61
C ALA F 199 10.20 13.42 -9.07
N GLY F 200 10.10 13.25 -7.75
CA GLY F 200 8.81 13.03 -7.14
C GLY F 200 8.36 11.58 -7.12
N ASP F 201 7.32 11.30 -6.34
CA ASP F 201 6.82 9.95 -6.20
C ASP F 201 5.62 9.69 -7.13
N ALA F 202 5.89 9.16 -8.33
CA ALA F 202 4.83 8.86 -9.29
C ALA F 202 4.21 7.48 -9.07
N PHE F 203 4.94 6.60 -8.40
CA PHE F 203 4.43 5.27 -8.12
C PHE F 203 3.23 5.33 -7.17
N ASP F 204 3.09 6.46 -6.47
CA ASP F 204 1.99 6.64 -5.52
C ASP F 204 0.75 7.11 -6.26
N GLY F 205 0.90 7.42 -7.54
CA GLY F 205 -0.23 7.89 -8.32
C GLY F 205 -0.18 9.40 -8.41
N PHE F 206 -0.96 9.96 -9.33
CA PHE F 206 -0.98 11.40 -9.52
C PHE F 206 -2.41 11.86 -9.73
N ASP F 207 -2.76 12.97 -9.11
CA ASP F 207 -4.10 13.49 -9.24
C ASP F 207 -4.22 14.23 -10.57
N PHE F 208 -4.73 13.55 -11.59
CA PHE F 208 -4.87 14.15 -12.92
C PHE F 208 -6.01 15.16 -13.03
N GLY F 209 -7.01 15.03 -12.17
CA GLY F 209 -8.13 15.96 -12.20
C GLY F 209 -9.26 15.58 -13.13
N ASP F 210 -9.17 14.38 -13.69
CA ASP F 210 -10.19 13.90 -14.61
C ASP F 210 -11.31 13.25 -13.81
N ASP F 211 -10.99 12.87 -12.58
CA ASP F 211 -11.94 12.22 -11.69
C ASP F 211 -11.27 12.11 -10.32
N PRO F 212 -12.05 12.20 -9.23
CA PRO F 212 -11.43 12.10 -7.91
C PRO F 212 -10.69 10.79 -7.64
N SER F 213 -10.94 9.77 -8.47
CA SER F 213 -10.31 8.46 -8.30
C SER F 213 -8.98 8.29 -9.03
N ASP F 214 -8.58 9.30 -9.81
CA ASP F 214 -7.35 9.22 -10.58
C ASP F 214 -6.12 8.75 -9.80
N LYS F 215 -5.80 9.43 -8.72
CA LYS F 215 -4.64 9.08 -7.91
C LYS F 215 -4.61 7.59 -7.58
N PHE F 216 -5.66 7.07 -6.96
CA PHE F 216 -5.68 5.65 -6.61
C PHE F 216 -5.56 4.74 -7.81
N PHE F 217 -6.28 5.06 -8.88
CA PHE F 217 -6.21 4.22 -10.06
C PHE F 217 -4.92 4.37 -10.87
N THR F 218 -4.00 5.27 -10.50
CA THR F 218 -2.74 5.39 -11.24
C THR F 218 -1.54 5.08 -10.38
N SER F 219 -1.79 4.59 -9.17
CA SER F 219 -0.72 4.21 -8.26
C SER F 219 -0.16 2.92 -8.82
N HIS F 220 1.07 2.56 -8.46
CA HIS F 220 1.68 1.34 -8.98
C HIS F 220 2.08 0.32 -7.92
N ASN F 221 2.28 0.78 -6.69
CA ASN F 221 2.67 -0.13 -5.62
C ASN F 221 1.61 -1.23 -5.48
N GLY F 222 2.05 -2.47 -5.56
CA GLY F 222 1.14 -3.59 -5.43
C GLY F 222 0.59 -4.18 -6.73
N MET F 223 0.69 -3.45 -7.83
CA MET F 223 0.18 -3.96 -9.10
C MET F 223 1.00 -5.11 -9.70
N GLN F 224 0.36 -5.87 -10.60
CA GLN F 224 0.99 -6.99 -11.29
C GLN F 224 1.47 -6.50 -12.66
N PHE F 225 2.36 -7.27 -13.28
CA PHE F 225 2.88 -6.91 -14.60
C PHE F 225 1.90 -7.28 -15.70
N SER F 226 1.89 -6.51 -16.77
CA SER F 226 0.99 -6.81 -17.87
C SER F 226 1.56 -6.51 -19.25
N THR F 227 1.18 -7.32 -20.21
CA THR F 227 1.57 -7.17 -21.60
C THR F 227 0.28 -7.38 -22.37
N TRP F 228 0.28 -7.12 -23.66
CA TRP F 228 -0.95 -7.28 -24.43
C TRP F 228 -1.53 -8.70 -24.38
N ASP F 229 -0.67 -9.72 -24.35
CA ASP F 229 -1.17 -11.09 -24.32
C ASP F 229 -1.29 -11.70 -22.92
N ASN F 230 -1.26 -10.86 -21.89
CA ASN F 230 -1.38 -11.34 -20.51
C ASN F 230 -1.78 -10.15 -19.63
N ASP F 231 -3.07 -9.88 -19.64
CA ASP F 231 -3.68 -8.77 -18.89
C ASP F 231 -3.90 -9.06 -17.41
N ASN F 232 -3.37 -8.20 -16.55
CA ASN F 232 -3.55 -8.40 -15.12
C ASN F 232 -3.76 -7.06 -14.44
N ASP F 233 -4.27 -6.09 -15.20
CA ASP F 233 -4.50 -4.76 -14.68
C ASP F 233 -5.91 -4.60 -14.09
N LYS F 234 -6.22 -3.42 -13.58
CA LYS F 234 -7.51 -3.14 -12.97
C LYS F 234 -8.47 -2.38 -13.89
N PHE F 235 -8.27 -2.51 -15.20
CA PHE F 235 -9.11 -1.83 -16.20
C PHE F 235 -10.00 -2.87 -16.88
N GLU F 236 -11.20 -2.51 -17.31
CA GLU F 236 -12.05 -3.49 -17.99
C GLU F 236 -11.42 -3.80 -19.33
N GLY F 237 -10.74 -2.81 -19.88
CA GLY F 237 -10.04 -2.99 -21.14
C GLY F 237 -8.64 -3.51 -20.87
N ASN F 238 -7.74 -3.32 -21.83
CA ASN F 238 -6.37 -3.80 -21.70
C ASN F 238 -5.36 -2.63 -21.80
N CYS F 239 -4.80 -2.22 -20.67
CA CYS F 239 -3.85 -1.11 -20.62
C CYS F 239 -2.58 -1.32 -21.45
N ALA F 240 -1.95 -2.49 -21.29
CA ALA F 240 -0.72 -2.78 -22.01
C ALA F 240 -0.89 -2.77 -23.51
N GLU F 241 -2.00 -3.34 -23.98
CA GLU F 241 -2.26 -3.40 -25.42
C GLU F 241 -2.51 -1.99 -25.96
N GLN F 242 -3.27 -1.21 -25.23
CA GLN F 242 -3.57 0.14 -25.66
C GLN F 242 -2.40 1.12 -25.65
N ASP F 243 -1.50 1.00 -24.69
CA ASP F 243 -0.35 1.90 -24.61
C ASP F 243 0.90 1.29 -25.27
N GLY F 244 0.75 0.07 -25.78
CA GLY F 244 1.83 -0.60 -26.46
C GLY F 244 3.10 -0.95 -25.69
N SER F 245 2.97 -1.53 -24.51
CA SER F 245 4.16 -1.89 -23.74
C SER F 245 3.93 -2.99 -22.72
N GLY F 246 4.89 -3.10 -21.81
CA GLY F 246 4.82 -4.05 -20.73
C GLY F 246 5.11 -3.22 -19.50
N TRP F 247 4.25 -3.26 -18.50
CA TRP F 247 4.46 -2.47 -17.30
C TRP F 247 3.52 -2.90 -16.19
N TRP F 248 3.71 -2.34 -15.01
CA TRP F 248 2.87 -2.66 -13.86
C TRP F 248 1.62 -1.77 -13.89
N MET F 249 0.72 -2.10 -14.81
CA MET F 249 -0.50 -1.33 -15.01
C MET F 249 -1.54 -1.36 -13.88
N ASN F 250 -2.27 -0.26 -13.76
CA ASN F 250 -3.35 -0.06 -12.78
C ASN F 250 -4.23 1.03 -13.36
N LYS F 251 -5.27 0.64 -14.10
CA LYS F 251 -6.19 1.59 -14.73
C LYS F 251 -5.85 3.10 -14.86
N CYS F 252 -4.73 3.48 -15.46
CA CYS F 252 -3.71 2.59 -16.02
C CYS F 252 -2.34 2.96 -15.43
N HIS F 253 -1.90 4.21 -15.59
CA HIS F 253 -0.57 4.57 -15.05
C HIS F 253 -0.24 6.06 -14.83
N ALA F 254 0.82 6.29 -14.07
CA ALA F 254 1.28 7.65 -13.78
C ALA F 254 2.75 7.69 -14.12
N GLY F 255 3.40 6.53 -14.02
CA GLY F 255 4.81 6.38 -14.34
C GLY F 255 4.84 5.27 -15.37
N HIS F 256 5.45 5.53 -16.52
CA HIS F 256 5.48 4.56 -17.61
C HIS F 256 6.84 4.57 -18.33
N LEU F 257 7.86 4.00 -17.70
CA LEU F 257 9.20 3.99 -18.30
C LEU F 257 9.45 3.09 -19.53
N ASN F 258 8.55 2.14 -19.80
CA ASN F 258 8.69 1.26 -20.97
C ASN F 258 7.78 1.72 -22.10
N GLY F 259 7.46 3.01 -22.09
CA GLY F 259 6.57 3.56 -23.10
C GLY F 259 7.24 3.80 -24.43
N VAL F 260 6.48 4.36 -25.36
CA VAL F 260 6.96 4.67 -26.71
C VAL F 260 7.91 5.87 -26.70
N TYR F 261 9.06 5.70 -27.32
CA TYR F 261 10.05 6.76 -27.36
C TYR F 261 9.68 7.85 -28.35
N TYR F 262 9.46 9.07 -27.86
CA TYR F 262 9.13 10.19 -28.73
C TYR F 262 10.31 11.15 -28.74
N GLN F 263 10.87 11.37 -29.92
CA GLN F 263 12.02 12.25 -30.10
C GLN F 263 11.59 13.70 -29.81
N GLY F 264 12.37 14.40 -29.01
CA GLY F 264 12.05 15.79 -28.71
C GLY F 264 11.34 16.08 -27.39
N GLY F 265 10.70 15.08 -26.80
CA GLY F 265 10.01 15.28 -25.54
C GLY F 265 8.51 15.50 -25.60
N THR F 266 8.10 16.62 -26.17
CA THR F 266 6.68 16.92 -26.27
C THR F 266 6.00 16.13 -27.39
N TYR F 267 4.76 15.72 -27.13
CA TYR F 267 3.99 14.99 -28.12
C TYR F 267 2.51 15.19 -27.81
N SER F 268 1.66 14.99 -28.80
CA SER F 268 0.22 15.19 -28.63
C SER F 268 -0.52 13.87 -28.75
N LYS F 269 -1.79 13.87 -28.34
CA LYS F 269 -2.59 12.65 -28.40
C LYS F 269 -2.81 12.22 -29.85
N ALA F 270 -2.65 13.17 -30.78
CA ALA F 270 -2.82 12.90 -32.19
C ALA F 270 -1.72 11.96 -32.70
N SER F 271 -0.52 12.10 -32.15
CA SER F 271 0.60 11.25 -32.55
C SER F 271 0.54 9.89 -31.86
N THR F 272 -0.42 9.71 -30.97
CA THR F 272 -0.57 8.44 -30.27
C THR F 272 -1.54 7.59 -31.06
N PRO F 273 -1.34 6.26 -31.03
CA PRO F 273 -2.20 5.31 -31.74
C PRO F 273 -3.62 5.19 -31.23
N ASN F 274 -3.81 5.26 -29.92
CA ASN F 274 -5.15 5.12 -29.36
C ASN F 274 -5.70 6.30 -28.57
N GLY F 275 -5.08 7.47 -28.68
CA GLY F 275 -5.57 8.63 -27.95
C GLY F 275 -5.20 8.73 -26.48
N TYR F 276 -4.52 7.73 -25.93
CA TYR F 276 -4.11 7.78 -24.53
C TYR F 276 -2.62 8.01 -24.47
N ASP F 277 -2.18 8.85 -23.53
CA ASP F 277 -0.76 9.11 -23.38
C ASP F 277 -0.03 7.77 -23.19
N ASN F 278 0.96 7.48 -24.04
CA ASN F 278 1.70 6.23 -23.94
C ASN F 278 3.20 6.43 -24.12
N GLY F 279 3.66 7.65 -23.87
CA GLY F 279 5.08 7.94 -23.98
C GLY F 279 5.81 7.57 -22.69
N ILE F 280 7.08 7.94 -22.59
CA ILE F 280 7.89 7.65 -21.40
C ILE F 280 7.68 8.78 -20.38
N ILE F 281 6.56 8.69 -19.65
CA ILE F 281 6.19 9.70 -18.67
C ILE F 281 6.48 9.42 -17.20
N TRP F 282 6.39 10.49 -16.40
CA TRP F 282 6.59 10.45 -14.96
C TRP F 282 5.87 11.67 -14.41
N ALA F 283 4.55 11.55 -14.34
CA ALA F 283 3.65 12.60 -13.90
C ALA F 283 4.12 13.56 -12.80
N THR F 284 4.83 13.06 -11.79
CA THR F 284 5.26 13.96 -10.73
C THR F 284 6.38 14.92 -11.13
N TRP F 285 6.91 14.77 -12.34
CA TRP F 285 7.97 15.66 -12.80
C TRP F 285 7.63 16.46 -14.06
N LYS F 286 6.84 15.88 -14.96
CA LYS F 286 6.45 16.54 -16.20
C LYS F 286 5.02 16.18 -16.57
N THR F 287 4.43 16.92 -17.49
CA THR F 287 3.06 16.65 -17.93
C THR F 287 2.99 15.23 -18.47
N ARG F 288 1.78 14.71 -18.69
CA ARG F 288 1.65 13.37 -19.23
C ARG F 288 1.90 13.33 -20.73
N TRP F 289 2.06 14.51 -21.33
CA TRP F 289 2.32 14.61 -22.76
C TRP F 289 3.78 14.96 -23.04
N TYR F 290 4.67 14.50 -22.16
CA TYR F 290 6.10 14.76 -22.30
C TYR F 290 6.83 13.44 -22.09
N SER F 291 7.57 13.02 -23.11
CA SER F 291 8.30 11.76 -23.04
C SER F 291 9.80 11.96 -22.76
N MET F 292 10.33 11.22 -21.79
CA MET F 292 11.72 11.33 -21.39
C MET F 292 12.74 11.12 -22.51
N LYS F 293 13.95 11.62 -22.31
CA LYS F 293 15.01 11.48 -23.30
C LYS F 293 15.90 10.29 -22.92
N LYS F 294 16.15 10.13 -21.62
CA LYS F 294 16.95 9.01 -21.13
C LYS F 294 16.26 8.46 -19.88
N THR F 295 16.41 7.16 -19.66
CA THR F 295 15.78 6.50 -18.52
C THR F 295 16.65 5.36 -18.00
N THR F 296 16.68 5.20 -16.68
CA THR F 296 17.47 4.13 -16.07
C THR F 296 16.80 3.61 -14.81
N MET F 297 16.64 2.30 -14.73
CA MET F 297 16.06 1.66 -13.56
C MET F 297 17.15 0.75 -13.05
N LYS F 298 17.70 1.07 -11.89
CA LYS F 298 18.77 0.28 -11.31
C LYS F 298 18.51 -0.02 -9.86
N ILE F 299 19.02 -1.14 -9.38
CA ILE F 299 18.83 -1.50 -7.99
C ILE F 299 20.14 -1.72 -7.25
N ILE F 300 20.10 -1.49 -5.95
CA ILE F 300 21.27 -1.64 -5.10
C ILE F 300 20.77 -2.02 -3.71
N PRO F 301 21.56 -2.81 -2.96
CA PRO F 301 21.12 -3.20 -1.62
C PRO F 301 20.90 -1.93 -0.80
N PHE F 302 19.74 -1.84 -0.15
CA PHE F 302 19.38 -0.66 0.63
C PHE F 302 20.40 -0.17 1.66
N ASN F 303 21.14 -1.10 2.26
CA ASN F 303 22.15 -0.71 3.26
C ASN F 303 23.20 0.20 2.63
N ARG F 304 23.16 0.30 1.31
CA ARG F 304 24.11 1.11 0.55
C ARG F 304 23.55 2.51 0.31
N LEU F 305 22.22 2.60 0.34
CA LEU F 305 21.53 3.87 0.11
C LEU F 305 21.78 4.78 1.31
N THR F 306 22.52 4.27 2.27
CA THR F 306 22.85 4.99 3.50
C THR F 306 21.68 4.91 4.49
N GLY G 1 -20.44 -12.92 1.01
CA GLY G 1 -20.45 -14.02 0.01
C GLY G 1 -20.62 -13.50 -1.41
N HYP G 2 -20.72 -14.40 -2.40
CA HYP G 2 -20.88 -14.01 -3.80
C HYP G 2 -22.34 -13.97 -4.21
O HYP G 2 -23.19 -14.56 -3.56
CB HYP G 2 -20.14 -15.10 -4.53
CG HYP G 2 -20.57 -16.30 -3.75
CD HYP G 2 -20.47 -15.85 -2.30
OD1 HYP G 2 -19.71 -17.40 -4.01
N ARG G 3 -22.61 -13.26 -5.30
CA ARG G 3 -23.97 -13.18 -5.85
C ARG G 3 -23.88 -13.89 -7.20
N PRO G 4 -24.87 -14.77 -7.49
CA PRO G 4 -24.84 -15.48 -8.77
C PRO G 4 -24.26 -14.64 -9.92
N NH2 G 5 -24.91 -13.65 -10.32
N GLY H 1 -1.54 7.33 -17.70
CA GLY H 1 -2.74 8.16 -17.42
C GLY H 1 -3.92 7.33 -16.92
N HYP H 2 -5.06 7.98 -16.65
CA HYP H 2 -6.27 7.33 -16.17
C HYP H 2 -7.20 6.82 -17.28
O HYP H 2 -6.90 6.98 -18.46
CB HYP H 2 -6.92 8.41 -15.33
CG HYP H 2 -6.63 9.65 -16.14
CD HYP H 2 -5.21 9.45 -16.64
OD1 HYP H 2 -6.70 10.80 -15.31
N ARG H 3 -8.32 6.22 -16.90
CA ARG H 3 -9.28 5.71 -17.87
C ARG H 3 -10.71 6.09 -17.47
N PRO H 4 -11.51 6.56 -18.43
CA PRO H 4 -12.89 6.95 -18.16
C PRO H 4 -13.64 5.73 -17.62
N NH2 H 5 -13.41 4.62 -18.15
C1 NAG I . -50.63 45.37 45.89
C2 NAG I . -51.67 44.40 46.39
C3 NAG I . -52.32 45.05 47.60
C4 NAG I . -51.29 45.53 48.66
C5 NAG I . -49.99 46.12 48.05
C6 NAG I . -48.81 45.99 49.00
C7 NAG I . -52.94 42.91 44.99
C8 NAG I . -53.99 42.15 45.79
N2 NAG I . -52.67 44.15 45.37
O3 NAG I . -53.22 44.12 48.21
O4 NAG I . -51.93 46.55 49.46
O5 NAG I . -49.58 45.43 46.84
O6 NAG I . -48.21 44.71 48.89
O7 NAG I . -52.38 42.36 44.03
C1 NAG I . -51.62 46.70 50.82
C2 NAG I . -51.64 45.35 51.56
C3 NAG I . -50.55 45.30 52.63
C4 NAG I . -50.39 46.67 53.31
C5 NAG I . -50.04 47.76 52.28
C6 NAG I . -48.58 48.15 52.32
C7 NAG I . -53.80 44.26 51.64
C8 NAG I . -54.86 44.80 50.69
N2 NAG I . -52.95 45.14 52.16
O3 NAG I . -49.31 44.92 52.04
O4 NAG I . -51.60 47.01 53.98
O5 NAG I . -50.33 47.31 50.93
O6 NAG I . -48.42 49.56 52.41
O7 NAG I . -53.77 43.05 51.90
C1 NAG J . 38.21 -48.88 -58.08
C2 NAG J . 37.49 -48.41 -59.35
C3 NAG J . 38.40 -47.53 -60.19
C4 NAG J . 39.83 -48.12 -60.27
C5 NAG J . 40.40 -48.35 -58.87
C6 NAG J . 41.58 -47.44 -58.57
C7 NAG J . 35.88 -50.12 -59.88
C8 NAG J . 35.82 -51.22 -58.83
N2 NAG J . 37.06 -49.56 -60.10
O3 NAG J . 38.46 -46.23 -59.64
O4 NAG J . 39.81 -49.37 -61.00
O5 NAG J . 39.40 -48.11 -57.86
O6 NAG J . 41.18 -46.09 -58.49
O7 NAG J . 34.84 -49.77 -60.46
C1 NDG J . 40.20 -49.31 -62.34
C2 NDG J . 39.99 -50.68 -63.01
C3 NDG J . 41.31 -51.24 -63.60
C4 NDG J . 42.48 -51.15 -62.59
C5 NDG J . 42.48 -49.83 -61.82
C6 NDG J . 43.85 -49.17 -61.80
C7 NDG J . 38.42 -52.43 -62.47
C8 NDG J . 37.05 -52.16 -61.87
O5 NDG J . 41.57 -48.88 -62.42
O3 NDG J . 41.65 -50.52 -64.78
O4 NDG J . 42.41 -52.24 -61.68
O6 NDG J . 44.56 -49.49 -60.61
O7 NDG J . 38.56 -53.34 -63.28
N2 NDG J . 39.42 -51.64 -62.08
CA CA K . -31.51 44.19 46.52
CA CA L . -27.21 25.02 49.86
CA CA M . -25.95 -1.85 -6.99
CA CA N . -14.38 -20.40 -8.15
CA CA O . 46.74 -43.43 -41.96
CA CA P . 47.11 -23.07 -42.56
CA CA Q . -7.99 -5.78 -17.83
#